data_8VER
#
_entry.id   8VER
#
_cell.length_a   112.923
_cell.length_b   76.539
_cell.length_c   136.345
_cell.angle_alpha   90.00
_cell.angle_beta   100.29
_cell.angle_gamma   90.00
#
_symmetry.space_group_name_H-M   'P 1 21 1'
#
loop_
_entity.id
_entity.type
_entity.pdbx_description
1 polymer 'Endoribonuclease YicC'
2 non-polymer 'SULFATE ION'
#
_entity_poly.entity_id   1
_entity_poly.type   'polypeptide(L)'
_entity_poly.pdbx_seq_one_letter_code
;GSMIRSMTAYARREIKGEWGSATWEMRSVNQRYLETYFRLPEQFRSLEPVVRERIRSRLTRGKVECTLRYEPDVSAQGEL
ILNEKLAKQLVTAANWVKMQSDEGEINPVDILRWPGVMAAQEQDLDAIAAEILAALDGTLDDFIVARETEGQALKALIEQ
RLEGVTAEVVKVRSHMPEILQWQRERLVTKLEDAQVQLENNRLEQELVLLAQRIDVAEELDRLEAHVKETYNILKKKEAV
GRRLDFMMQEFNRESNTLASKSINAEVTNSAIELKVLIEQMREQIQNIE
;
_entity_poly.pdbx_strand_id   A,B,C,D,E,F
#
loop_
_chem_comp.id
_chem_comp.type
_chem_comp.name
_chem_comp.formula
SO4 non-polymer 'SULFATE ION' 'O4 S -2'
#
# COMPACT_ATOMS: atom_id res chain seq x y z
N MET A 3 -14.45 24.19 -27.78
CA MET A 3 -14.43 22.73 -27.72
C MET A 3 -13.71 22.24 -26.48
N ILE A 4 -13.70 23.06 -25.43
CA ILE A 4 -13.07 22.64 -24.18
C ILE A 4 -13.93 21.57 -23.52
N ARG A 5 -13.27 20.64 -22.83
CA ARG A 5 -13.91 19.46 -22.29
C ARG A 5 -13.74 19.42 -20.78
N SER A 6 -14.83 19.15 -20.07
CA SER A 6 -14.76 18.96 -18.63
C SER A 6 -14.20 17.58 -18.30
N MET A 7 -13.55 17.48 -17.15
CA MET A 7 -12.95 16.21 -16.74
C MET A 7 -13.98 15.24 -16.19
N THR A 8 -15.08 15.74 -15.62
CA THR A 8 -16.12 14.89 -15.06
C THR A 8 -17.14 14.56 -16.13
N ALA A 9 -17.36 13.27 -16.37
CA ALA A 9 -18.35 12.83 -17.35
C ALA A 9 -18.69 11.38 -17.09
N TYR A 10 -19.80 10.94 -17.69
CA TYR A 10 -20.29 9.59 -17.50
C TYR A 10 -20.94 9.12 -18.81
N ALA A 11 -20.70 7.85 -19.15
CA ALA A 11 -21.28 7.26 -20.35
C ALA A 11 -21.38 5.76 -20.16
N ARG A 12 -22.57 5.21 -20.42
CA ARG A 12 -22.83 3.78 -20.25
C ARG A 12 -23.51 3.25 -21.50
N ARG A 13 -23.01 2.12 -22.01
CA ARG A 13 -23.53 1.50 -23.22
C ARG A 13 -23.79 0.03 -22.96
N GLU A 14 -24.90 -0.47 -23.51
CA GLU A 14 -25.29 -1.87 -23.38
C GLU A 14 -25.49 -2.47 -24.76
N ILE A 15 -24.91 -3.64 -25.01
CA ILE A 15 -25.03 -4.33 -26.28
C ILE A 15 -25.54 -5.74 -26.03
N LYS A 16 -26.21 -6.30 -27.04
CA LYS A 16 -26.74 -7.66 -26.98
C LYS A 16 -26.29 -8.44 -28.20
N GLY A 17 -26.11 -9.74 -28.01
CA GLY A 17 -25.73 -10.63 -29.10
C GLY A 17 -26.08 -12.06 -28.75
N GLU A 18 -25.85 -12.95 -29.71
CA GLU A 18 -26.12 -14.37 -29.47
C GLU A 18 -25.21 -14.94 -28.40
N TRP A 19 -23.96 -14.46 -28.34
CA TRP A 19 -23.03 -14.94 -27.34
C TRP A 19 -23.40 -14.46 -25.94
N GLY A 20 -24.15 -13.39 -25.83
CA GLY A 20 -24.55 -12.85 -24.54
C GLY A 20 -24.69 -11.35 -24.63
N SER A 21 -24.68 -10.72 -23.46
CA SER A 21 -24.82 -9.27 -23.34
C SER A 21 -23.68 -8.72 -22.50
N ALA A 22 -23.16 -7.56 -22.92
CA ALA A 22 -22.06 -6.91 -22.23
C ALA A 22 -22.34 -5.41 -22.15
N THR A 23 -21.86 -4.78 -21.07
CA THR A 23 -22.10 -3.37 -20.82
C THR A 23 -20.79 -2.68 -20.45
N TRP A 24 -20.46 -1.62 -21.18
CA TRP A 24 -19.34 -0.75 -20.82
C TRP A 24 -19.86 0.41 -20.00
N GLU A 25 -19.13 0.74 -18.94
CA GLU A 25 -19.45 1.88 -18.08
C GLU A 25 -18.19 2.72 -17.89
N MET A 26 -18.26 4.00 -18.24
CA MET A 26 -17.14 4.91 -18.09
C MET A 26 -17.56 6.12 -17.27
N ARG A 27 -16.81 6.40 -16.21
CA ARG A 27 -17.02 7.58 -15.39
C ARG A 27 -15.66 8.18 -15.06
N SER A 28 -15.64 9.49 -14.84
CA SER A 28 -14.39 10.18 -14.55
C SER A 28 -14.66 11.36 -13.63
N VAL A 29 -13.61 11.76 -12.91
CA VAL A 29 -13.62 12.94 -12.04
C VAL A 29 -12.32 13.70 -12.26
N ASN A 30 -12.23 14.86 -11.62
CA ASN A 30 -11.08 15.73 -11.81
C ASN A 30 -9.82 15.12 -11.21
N GLN A 31 -8.68 15.43 -11.83
CA GLN A 31 -7.39 14.94 -11.39
C GLN A 31 -6.32 15.84 -11.99
N ARG A 32 -5.16 15.88 -11.33
CA ARG A 32 -4.05 16.68 -11.84
C ARG A 32 -3.54 16.11 -13.16
N TYR A 33 -3.27 14.82 -13.19
CA TYR A 33 -2.85 14.12 -14.40
C TYR A 33 -3.91 13.07 -14.75
N LEU A 34 -3.54 12.14 -15.63
CA LEU A 34 -4.47 11.11 -16.10
C LEU A 34 -4.24 9.83 -15.31
N GLU A 35 -5.31 9.31 -14.70
CA GLU A 35 -5.26 8.04 -13.98
C GLU A 35 -6.40 7.18 -14.49
N THR A 36 -6.06 5.98 -14.98
CA THR A 36 -7.03 5.05 -15.55
C THR A 36 -7.03 3.76 -14.74
N TYR A 37 -8.22 3.32 -14.34
CA TYR A 37 -8.39 2.07 -13.62
C TYR A 37 -9.44 1.24 -14.34
N PHE A 38 -9.22 -0.06 -14.42
CA PHE A 38 -10.03 -0.95 -15.23
C PHE A 38 -10.55 -2.12 -14.41
N ARG A 39 -11.85 -2.37 -14.50
CA ARG A 39 -12.49 -3.55 -13.92
C ARG A 39 -13.01 -4.37 -15.09
N LEU A 40 -12.32 -5.46 -15.42
CA LEU A 40 -12.65 -6.28 -16.56
C LEU A 40 -12.92 -7.72 -16.14
N PRO A 41 -13.75 -8.45 -16.88
CA PRO A 41 -13.99 -9.86 -16.56
C PRO A 41 -12.73 -10.68 -16.75
N GLU A 42 -12.78 -11.93 -16.24
CA GLU A 42 -11.61 -12.80 -16.34
C GLU A 42 -11.35 -13.23 -17.77
N GLN A 43 -12.40 -13.44 -18.56
CA GLN A 43 -12.21 -13.84 -19.95
C GLN A 43 -11.56 -12.74 -20.78
N PHE A 44 -11.76 -11.47 -20.39
CA PHE A 44 -11.27 -10.32 -21.14
C PHE A 44 -10.24 -9.51 -20.35
N ARG A 45 -9.55 -10.16 -19.41
CA ARG A 45 -8.46 -9.48 -18.70
C ARG A 45 -7.31 -9.16 -19.65
N SER A 46 -7.13 -9.96 -20.69
CA SER A 46 -6.06 -9.72 -21.64
C SER A 46 -6.27 -8.45 -22.46
N LEU A 47 -7.49 -7.92 -22.49
CA LEU A 47 -7.79 -6.71 -23.26
C LEU A 47 -7.33 -5.43 -22.57
N GLU A 48 -6.88 -5.52 -21.33
CA GLU A 48 -6.55 -4.32 -20.55
C GLU A 48 -5.47 -3.46 -21.21
N PRO A 49 -4.34 -4.00 -21.70
CA PRO A 49 -3.37 -3.12 -22.35
C PRO A 49 -3.88 -2.47 -23.63
N VAL A 50 -4.82 -3.11 -24.32
CA VAL A 50 -5.38 -2.52 -25.53
C VAL A 50 -6.39 -1.42 -25.17
N VAL A 51 -7.20 -1.64 -24.13
CA VAL A 51 -8.15 -0.63 -23.70
C VAL A 51 -7.43 0.58 -23.12
N ARG A 52 -6.30 0.36 -22.46
CA ARG A 52 -5.57 1.46 -21.83
C ARG A 52 -5.00 2.40 -22.89
N GLU A 53 -4.38 1.84 -23.93
CA GLU A 53 -3.85 2.69 -25.00
C GLU A 53 -4.96 3.41 -25.75
N ARG A 54 -6.13 2.79 -25.85
CA ARG A 54 -7.24 3.44 -26.54
C ARG A 54 -7.77 4.63 -25.75
N ILE A 55 -7.92 4.47 -24.43
CA ILE A 55 -8.45 5.55 -23.60
C ILE A 55 -7.44 6.68 -23.48
N ARG A 56 -6.17 6.34 -23.23
CA ARG A 56 -5.14 7.36 -23.09
C ARG A 56 -4.92 8.15 -24.38
N SER A 57 -5.32 7.60 -25.53
CA SER A 57 -5.13 8.29 -26.79
C SER A 57 -6.08 9.49 -26.91
N ARG A 58 -7.28 9.39 -26.35
CA ARG A 58 -8.29 10.42 -26.50
C ARG A 58 -8.54 11.21 -25.22
N LEU A 59 -7.97 10.81 -24.09
CA LEU A 59 -8.11 11.52 -22.83
C LEU A 59 -6.76 12.08 -22.42
N THR A 60 -6.71 13.38 -22.16
CA THR A 60 -5.47 14.04 -21.78
C THR A 60 -5.20 13.94 -20.28
N ARG A 61 -6.21 14.20 -19.44
CA ARG A 61 -6.03 14.07 -18.00
C ARG A 61 -7.38 13.85 -17.34
N GLY A 62 -7.33 13.50 -16.06
CA GLY A 62 -8.51 13.14 -15.30
C GLY A 62 -8.41 11.73 -14.73
N LYS A 63 -9.17 11.43 -13.69
CA LYS A 63 -9.21 10.09 -13.12
C LYS A 63 -10.46 9.38 -13.64
N VAL A 64 -10.26 8.39 -14.50
CA VAL A 64 -11.35 7.69 -15.17
C VAL A 64 -11.36 6.23 -14.73
N GLU A 65 -12.56 5.73 -14.46
CA GLU A 65 -12.78 4.32 -14.13
C GLU A 65 -13.56 3.66 -15.26
N CYS A 66 -13.07 2.53 -15.74
CA CYS A 66 -13.64 1.85 -16.91
C CYS A 66 -13.96 0.42 -16.53
N THR A 67 -15.24 0.10 -16.39
CA THR A 67 -15.70 -1.22 -15.98
C THR A 67 -16.48 -1.88 -17.13
N LEU A 68 -16.31 -3.20 -17.26
CA LEU A 68 -16.98 -3.98 -18.27
C LEU A 68 -17.65 -5.19 -17.61
N ARG A 69 -18.96 -5.31 -17.79
CA ARG A 69 -19.72 -6.42 -17.25
C ARG A 69 -20.12 -7.34 -18.41
N TYR A 70 -19.66 -8.58 -18.37
CA TYR A 70 -19.92 -9.56 -19.42
C TYR A 70 -20.75 -10.71 -18.84
N GLU A 71 -21.93 -10.93 -19.40
CA GLU A 71 -22.81 -12.02 -18.99
C GLU A 71 -22.87 -13.06 -20.08
N PRO A 72 -22.28 -14.24 -19.89
CA PRO A 72 -22.32 -15.25 -20.94
C PRO A 72 -23.71 -15.85 -21.07
N ASP A 73 -24.02 -16.28 -22.29
CA ASP A 73 -25.29 -16.93 -22.59
C ASP A 73 -25.06 -18.42 -22.79
N VAL A 74 -25.99 -19.23 -22.29
CA VAL A 74 -25.89 -20.67 -22.51
C VAL A 74 -25.94 -20.95 -24.01
N SER A 75 -25.31 -22.05 -24.41
CA SER A 75 -25.19 -22.37 -25.82
C SER A 75 -26.56 -22.50 -26.45
N ALA A 76 -26.87 -21.60 -27.37
CA ALA A 76 -28.16 -21.56 -28.05
C ALA A 76 -27.95 -21.91 -29.50
N GLN A 77 -28.75 -22.84 -30.02
CA GLN A 77 -28.66 -23.26 -31.40
C GLN A 77 -27.25 -23.75 -31.75
N GLU A 79 -25.26 -26.97 -28.97
CA GLU A 79 -25.47 -27.98 -27.94
C GLU A 79 -24.34 -27.93 -26.91
N LEU A 80 -24.68 -28.28 -25.67
CA LEU A 80 -23.70 -28.23 -24.58
C LEU A 80 -22.62 -29.29 -24.80
N ILE A 81 -21.37 -28.89 -24.67
CA ILE A 81 -20.25 -29.82 -24.78
C ILE A 81 -20.21 -30.68 -23.53
N LEU A 82 -20.06 -32.00 -23.72
CA LEU A 82 -20.10 -32.96 -22.63
C LEU A 82 -18.85 -33.81 -22.64
N ASN A 83 -18.21 -33.95 -21.48
CA ASN A 83 -17.07 -34.86 -21.38
C ASN A 83 -17.55 -36.29 -21.52
N GLU A 84 -17.53 -36.81 -22.76
CA GLU A 84 -18.11 -38.12 -23.02
C GLU A 84 -17.30 -39.25 -22.38
N LYS A 85 -15.97 -39.09 -22.31
CA LYS A 85 -15.15 -40.16 -21.74
C LYS A 85 -15.30 -40.23 -20.22
N LEU A 86 -15.46 -39.09 -19.56
CA LEU A 86 -15.67 -39.09 -18.12
C LEU A 86 -17.05 -39.65 -17.77
N ALA A 87 -18.06 -39.31 -18.58
CA ALA A 87 -19.40 -39.86 -18.35
C ALA A 87 -19.41 -41.36 -18.55
N LYS A 88 -18.71 -41.86 -19.56
CA LYS A 88 -18.62 -43.30 -19.78
C LYS A 88 -17.88 -43.97 -18.63
N GLN A 89 -16.89 -43.30 -18.05
CA GLN A 89 -16.16 -43.88 -16.92
C GLN A 89 -17.04 -43.96 -15.68
N LEU A 90 -17.96 -43.02 -15.50
CA LEU A 90 -18.85 -43.06 -14.35
C LEU A 90 -19.94 -44.11 -14.54
N VAL A 91 -20.44 -44.26 -15.76
CA VAL A 91 -21.46 -45.28 -16.03
C VAL A 91 -20.87 -46.68 -15.86
N THR A 92 -19.64 -46.88 -16.32
CA THR A 92 -18.99 -48.18 -16.17
C THR A 92 -18.72 -48.49 -14.69
N ALA A 93 -18.34 -47.46 -13.92
CA ALA A 93 -18.12 -47.67 -12.49
C ALA A 93 -19.44 -47.92 -11.76
N ALA A 94 -20.51 -47.24 -12.16
CA ALA A 94 -21.80 -47.48 -11.54
C ALA A 94 -22.34 -48.86 -11.90
N ASN A 95 -22.05 -49.33 -13.11
CA ASN A 95 -22.44 -50.69 -13.49
C ASN A 95 -21.78 -51.71 -12.58
N TRP A 96 -20.53 -51.48 -12.20
CA TRP A 96 -19.85 -52.40 -11.29
C TRP A 96 -20.51 -52.41 -9.92
N VAL A 97 -20.94 -51.24 -9.44
CA VAL A 97 -21.66 -51.17 -8.18
C VAL A 97 -22.99 -51.89 -8.29
N LYS A 98 -23.64 -51.80 -9.45
CA LYS A 98 -24.94 -52.41 -9.62
C LYS A 98 -24.88 -53.94 -9.57
N MET A 99 -23.75 -54.53 -9.96
CA MET A 99 -23.62 -55.98 -9.88
C MET A 99 -23.23 -56.43 -8.47
N GLN A 100 -22.63 -55.55 -7.67
CA GLN A 100 -22.38 -55.89 -6.27
C GLN A 100 -23.65 -55.80 -5.45
N SER A 101 -24.45 -54.74 -5.67
CA SER A 101 -25.70 -54.58 -4.95
C SER A 101 -26.84 -55.36 -5.59
N ASP A 102 -26.68 -55.80 -6.84
CA ASP A 102 -27.70 -56.54 -7.58
C ASP A 102 -28.98 -55.74 -7.78
N GLU A 103 -28.89 -54.41 -7.75
CA GLU A 103 -30.05 -53.54 -7.89
C GLU A 103 -29.55 -52.12 -8.15
N GLY A 104 -30.48 -51.26 -8.52
CA GLY A 104 -30.19 -49.86 -8.74
C GLY A 104 -30.38 -49.45 -10.19
N GLU A 105 -30.55 -48.15 -10.39
CA GLU A 105 -30.71 -47.58 -11.73
C GLU A 105 -29.91 -46.28 -11.81
N ILE A 106 -29.21 -46.10 -12.93
CA ILE A 106 -28.34 -44.94 -13.12
C ILE A 106 -29.20 -43.74 -13.52
N ASN A 107 -29.26 -42.74 -12.66
CA ASN A 107 -29.98 -41.51 -12.97
C ASN A 107 -29.13 -40.65 -13.90
N PRO A 108 -29.63 -40.27 -15.07
CA PRO A 108 -28.79 -39.48 -15.99
C PRO A 108 -28.41 -38.11 -15.45
N VAL A 109 -29.35 -37.41 -14.80
CA VAL A 109 -29.05 -36.09 -14.27
C VAL A 109 -27.99 -36.16 -13.18
N ASP A 110 -27.98 -37.24 -12.41
CA ASP A 110 -26.96 -37.42 -11.39
C ASP A 110 -25.56 -37.53 -11.99
N ILE A 111 -25.47 -38.11 -13.20
CA ILE A 111 -24.18 -38.15 -13.90
C ILE A 111 -23.78 -36.76 -14.36
N LEU A 112 -24.77 -35.95 -14.78
CA LEU A 112 -24.47 -34.59 -15.22
C LEU A 112 -24.05 -33.71 -14.05
N ARG A 113 -24.65 -33.93 -12.88
CA ARG A 113 -24.29 -33.16 -11.69
C ARG A 113 -22.87 -33.44 -11.23
N TRP A 114 -22.27 -34.52 -11.70
CA TRP A 114 -20.92 -34.86 -11.27
C TRP A 114 -19.95 -33.78 -11.76
N PRO A 115 -18.99 -33.36 -10.93
CA PRO A 115 -18.07 -32.30 -11.34
C PRO A 115 -17.20 -32.73 -12.52
N GLY A 116 -17.09 -31.86 -13.52
CA GLY A 116 -16.26 -32.11 -14.67
C GLY A 116 -16.95 -32.79 -15.83
N VAL A 117 -18.16 -33.33 -15.63
CA VAL A 117 -18.86 -33.98 -16.73
C VAL A 117 -19.30 -32.96 -17.76
N MET A 118 -19.71 -31.77 -17.32
CA MET A 118 -20.03 -30.66 -18.22
C MET A 118 -18.74 -29.91 -18.52
N ALA A 119 -18.23 -30.08 -19.73
CA ALA A 119 -17.00 -29.40 -20.11
C ALA A 119 -17.25 -27.90 -20.29
N ALA A 120 -16.15 -27.14 -20.32
CA ALA A 120 -16.26 -25.70 -20.53
C ALA A 120 -16.91 -25.40 -21.88
N GLN A 121 -17.87 -24.50 -21.87
CA GLN A 121 -18.67 -24.24 -23.06
C GLN A 121 -17.87 -23.51 -24.12
N GLU A 122 -18.10 -23.89 -25.37
CA GLU A 122 -17.37 -23.29 -26.50
C GLU A 122 -17.77 -21.84 -26.67
N GLN A 123 -16.77 -20.96 -26.69
CA GLN A 123 -16.98 -19.53 -26.92
C GLN A 123 -15.88 -19.02 -27.84
N ASP A 124 -16.27 -18.27 -28.87
CA ASP A 124 -15.30 -17.66 -29.80
C ASP A 124 -14.91 -16.31 -29.21
N LEU A 125 -13.98 -16.36 -28.25
CA LEU A 125 -13.56 -15.15 -27.54
C LEU A 125 -12.97 -14.11 -28.48
N ASP A 126 -12.33 -14.56 -29.57
CA ASP A 126 -11.77 -13.62 -30.53
C ASP A 126 -12.86 -12.84 -31.25
N ALA A 127 -13.92 -13.53 -31.69
CA ALA A 127 -15.00 -12.82 -32.38
C ALA A 127 -15.80 -11.96 -31.42
N ILE A 128 -15.91 -12.37 -30.16
CA ILE A 128 -16.64 -11.57 -29.18
C ILE A 128 -15.83 -10.35 -28.79
N ALA A 129 -14.51 -10.51 -28.61
CA ALA A 129 -13.68 -9.39 -28.16
C ALA A 129 -13.65 -8.27 -29.19
N ALA A 130 -13.67 -8.62 -30.48
CA ALA A 130 -13.73 -7.60 -31.52
C ALA A 130 -15.00 -6.78 -31.41
N GLU A 131 -16.11 -7.40 -31.00
CA GLU A 131 -17.33 -6.64 -30.77
C GLU A 131 -17.24 -5.84 -29.47
N ILE A 132 -16.50 -6.34 -28.49
CA ILE A 132 -16.32 -5.59 -27.24
C ILE A 132 -15.46 -4.36 -27.49
N LEU A 133 -14.42 -4.49 -28.31
CA LEU A 133 -13.58 -3.34 -28.63
C LEU A 133 -14.37 -2.29 -29.41
N ALA A 134 -15.21 -2.72 -30.35
CA ALA A 134 -16.02 -1.77 -31.11
C ALA A 134 -17.01 -1.06 -30.19
N ALA A 135 -17.51 -1.74 -29.16
CA ALA A 135 -18.39 -1.09 -28.20
C ALA A 135 -17.62 -0.12 -27.31
N LEU A 136 -16.35 -0.41 -27.04
CA LEU A 136 -15.54 0.51 -26.23
C LEU A 136 -15.35 1.84 -26.96
N ASP A 137 -15.09 1.80 -28.26
CA ASP A 137 -14.95 3.02 -29.04
C ASP A 137 -16.24 3.84 -29.01
N GLY A 138 -17.38 3.16 -29.12
CA GLY A 138 -18.65 3.87 -29.04
C GLY A 138 -18.86 4.51 -27.68
N THR A 139 -18.50 3.79 -26.61
CA THR A 139 -18.60 4.37 -25.28
C THR A 139 -17.58 5.47 -25.08
N LEU A 140 -16.39 5.32 -25.66
CA LEU A 140 -15.35 6.34 -25.52
C LEU A 140 -15.74 7.62 -26.28
N ASP A 141 -16.31 7.47 -27.48
CA ASP A 141 -16.80 8.64 -28.20
C ASP A 141 -18.03 9.23 -27.53
N ASP A 142 -18.88 8.37 -26.97
CA ASP A 142 -20.02 8.86 -26.21
C ASP A 142 -19.57 9.54 -24.93
N PHE A 143 -18.43 9.14 -24.38
CA PHE A 143 -17.91 9.75 -23.17
C PHE A 143 -17.42 11.17 -23.43
N ILE A 144 -16.80 11.40 -24.59
CA ILE A 144 -16.26 12.72 -24.90
C ILE A 144 -17.38 13.71 -25.21
N VAL A 145 -18.48 13.23 -25.81
CA VAL A 145 -19.63 14.11 -26.04
C VAL A 145 -20.16 14.65 -24.71
N ALA A 146 -20.16 13.81 -23.67
CA ALA A 146 -20.56 14.28 -22.35
C ALA A 146 -19.56 15.29 -21.80
N ARG A 147 -18.27 15.12 -22.12
CA ARG A 147 -17.27 16.10 -21.69
C ARG A 147 -17.47 17.43 -22.40
N GLU A 148 -17.69 17.39 -23.72
CA GLU A 148 -17.82 18.63 -24.48
C GLU A 148 -19.10 19.38 -24.13
N THR A 149 -20.16 18.65 -23.79
CA THR A 149 -21.42 19.30 -23.44
C THR A 149 -21.29 20.09 -22.14
N GLU A 150 -20.70 19.46 -21.12
CA GLU A 150 -20.48 20.18 -19.86
C GLU A 150 -19.41 21.25 -20.01
N GLY A 151 -18.43 21.02 -20.87
CA GLY A 151 -17.38 22.01 -21.07
C GLY A 151 -17.90 23.30 -21.69
N GLN A 152 -18.88 23.19 -22.59
CA GLN A 152 -19.46 24.39 -23.20
C GLN A 152 -20.17 25.25 -22.17
N ALA A 153 -20.77 24.64 -21.15
CA ALA A 153 -21.37 25.42 -20.08
C ALA A 153 -20.30 26.14 -19.27
N LEU A 154 -19.17 25.48 -19.01
CA LEU A 154 -18.09 26.13 -18.29
C LEU A 154 -17.48 27.26 -19.10
N LYS A 155 -17.40 27.10 -20.42
CA LYS A 155 -16.87 28.16 -21.28
C LYS A 155 -17.75 29.39 -21.24
N ALA A 156 -19.07 29.21 -21.20
CA ALA A 156 -19.97 30.36 -21.16
C ALA A 156 -19.88 31.08 -19.83
N LEU A 157 -19.70 30.34 -18.73
CA LEU A 157 -19.56 30.98 -17.43
C LEU A 157 -18.27 31.80 -17.35
N ILE A 158 -17.19 31.27 -17.92
CA ILE A 158 -15.92 32.00 -17.89
C ILE A 158 -15.99 33.24 -18.77
N GLU A 159 -16.54 33.11 -19.98
CA GLU A 159 -16.69 34.26 -20.85
C GLU A 159 -17.63 35.30 -20.26
N GLN A 160 -18.64 34.86 -19.50
CA GLN A 160 -19.52 35.81 -18.82
C GLN A 160 -18.76 36.61 -17.76
N ARG A 161 -17.88 35.95 -17.02
CA ARG A 161 -17.08 36.66 -16.01
C ARG A 161 -16.01 37.52 -16.66
N LEU A 162 -15.46 37.07 -17.80
CA LEU A 162 -14.48 37.89 -18.50
C LEU A 162 -15.08 39.20 -18.97
N GLU A 163 -16.36 39.19 -19.35
CA GLU A 163 -17.04 40.43 -19.69
C GLU A 163 -17.14 41.34 -18.48
N GLY A 164 -17.34 40.76 -17.29
CA GLY A 164 -17.37 41.55 -16.08
C GLY A 164 -16.01 42.11 -15.71
N VAL A 165 -14.94 41.42 -16.09
CA VAL A 165 -13.60 41.92 -15.80
C VAL A 165 -13.31 43.17 -16.63
N THR A 166 -13.58 43.11 -17.93
CA THR A 166 -13.36 44.28 -18.77
C THR A 166 -14.28 45.43 -18.38
N ALA A 167 -15.48 45.13 -17.88
CA ALA A 167 -16.37 46.19 -17.43
C ALA A 167 -15.83 46.87 -16.19
N GLU A 168 -15.17 46.12 -15.30
CA GLU A 168 -14.56 46.72 -14.13
C GLU A 168 -13.29 47.47 -14.48
N VAL A 169 -12.55 47.00 -15.48
CA VAL A 169 -11.30 47.66 -15.86
C VAL A 169 -11.56 49.04 -16.44
N VAL A 170 -12.56 49.15 -17.32
CA VAL A 170 -12.87 50.45 -17.91
C VAL A 170 -13.47 51.39 -16.88
N LYS A 171 -14.13 50.85 -15.85
CA LYS A 171 -14.65 51.69 -14.79
C LYS A 171 -13.52 52.35 -14.00
N VAL A 172 -12.47 51.57 -13.70
CA VAL A 172 -11.32 52.12 -13.00
C VAL A 172 -10.53 53.04 -13.92
N ARG A 173 -10.47 52.70 -15.22
CA ARG A 173 -9.71 53.51 -16.17
C ARG A 173 -10.27 54.92 -16.28
N SER A 174 -11.60 55.06 -16.25
CA SER A 174 -12.21 56.36 -16.41
C SER A 174 -11.95 57.26 -15.21
N HIS A 175 -11.96 56.68 -14.01
CA HIS A 175 -11.83 57.46 -12.78
C HIS A 175 -10.38 57.75 -12.43
N MET A 176 -9.43 57.05 -13.02
CA MET A 176 -8.02 57.22 -12.64
C MET A 176 -7.47 58.61 -12.94
N PRO A 177 -7.67 59.22 -14.12
CA PRO A 177 -7.15 60.58 -14.32
C PRO A 177 -7.73 61.60 -13.35
N GLU A 178 -8.97 61.39 -12.90
CA GLU A 178 -9.55 62.29 -11.91
C GLU A 178 -8.89 62.11 -10.55
N ILE A 179 -8.59 60.86 -10.17
CA ILE A 179 -8.04 60.59 -8.85
C ILE A 179 -6.58 61.01 -8.79
N LEU A 180 -5.85 60.92 -9.91
CA LEU A 180 -4.47 61.39 -9.93
C LEU A 180 -4.40 62.89 -9.70
N GLN A 181 -5.33 63.65 -10.28
CA GLN A 181 -5.42 65.08 -10.01
C GLN A 181 -5.78 65.34 -8.55
N TRP A 182 -6.65 64.50 -7.98
CA TRP A 182 -7.06 64.69 -6.59
C TRP A 182 -5.91 64.52 -5.62
N GLN A 183 -4.91 63.70 -5.97
CA GLN A 183 -3.76 63.51 -5.09
C GLN A 183 -2.80 64.70 -5.11
N ARG A 184 -2.65 65.36 -6.27
CA ARG A 184 -1.84 66.57 -6.31
C ARG A 184 -2.37 67.60 -5.34
N GLU A 185 -3.68 67.83 -5.36
CA GLU A 185 -4.27 68.82 -4.47
C GLU A 185 -4.31 68.33 -3.03
N ARG A 186 -4.36 67.01 -2.82
CA ARG A 186 -4.40 66.48 -1.47
C ARG A 186 -3.05 66.61 -0.78
N LEU A 187 -1.96 66.30 -1.48
CA LEU A 187 -0.65 66.29 -0.86
C LEU A 187 -0.15 67.70 -0.59
N VAL A 188 -0.40 68.63 -1.51
CA VAL A 188 0.05 70.00 -1.29
C VAL A 188 -0.73 70.66 -0.16
N THR A 189 -1.98 70.24 0.05
CA THR A 189 -2.76 70.78 1.16
C THR A 189 -2.19 70.34 2.50
N LYS A 190 -1.77 69.08 2.61
CA LYS A 190 -1.17 68.61 3.86
C LYS A 190 0.13 69.35 4.16
N LEU A 191 0.89 69.70 3.13
CA LEU A 191 2.12 70.45 3.35
C LEU A 191 1.83 71.86 3.86
N GLU A 192 0.76 72.49 3.34
CA GLU A 192 0.39 73.81 3.83
C GLU A 192 -0.10 73.76 5.27
N ASP A 193 -0.69 72.64 5.69
CA ASP A 193 -1.15 72.52 7.07
C ASP A 193 0.02 72.55 8.05
N ALA A 194 1.12 71.88 7.70
CA ALA A 194 2.33 71.91 8.51
C ALA A 194 3.25 73.07 8.14
N GLN A 195 2.84 73.93 7.20
CA GLN A 195 3.63 75.07 6.76
C GLN A 195 5.01 74.66 6.24
N VAL A 196 5.04 73.53 5.52
CA VAL A 196 6.28 73.08 4.91
C VAL A 196 6.59 73.95 3.69
N GLN A 197 7.81 74.45 3.62
CA GLN A 197 8.20 75.31 2.51
C GLN A 197 8.18 74.54 1.20
N LEU A 198 7.61 75.16 0.17
CA LEU A 198 7.54 74.54 -1.14
C LEU A 198 8.88 74.66 -1.86
N GLU A 199 9.19 73.63 -2.65
CA GLU A 199 10.38 73.63 -3.49
C GLU A 199 10.12 74.19 -4.88
N ASN A 200 8.91 74.73 -5.11
CA ASN A 200 8.52 75.35 -6.38
C ASN A 200 8.59 74.30 -7.48
N ASN A 201 9.41 74.50 -8.52
CA ASN A 201 9.36 73.61 -9.68
C ASN A 201 9.84 72.20 -9.34
N ARG A 202 10.84 72.08 -8.47
CA ARG A 202 11.34 70.76 -8.13
C ARG A 202 10.30 69.94 -7.39
N LEU A 203 9.49 70.59 -6.55
CA LEU A 203 8.37 69.89 -5.91
C LEU A 203 7.38 69.38 -6.94
N GLU A 204 7.06 70.22 -7.93
CA GLU A 204 6.09 69.82 -8.95
C GLU A 204 6.62 68.65 -9.78
N GLN A 205 7.94 68.61 -10.02
CA GLN A 205 8.53 67.52 -10.78
C GLN A 205 8.45 66.21 -9.99
N GLU A 206 8.82 66.24 -8.70
CA GLU A 206 8.75 65.02 -7.90
C GLU A 206 7.33 64.56 -7.69
N LEU A 207 6.36 65.50 -7.72
CA LEU A 207 4.97 65.13 -7.49
C LEU A 207 4.42 64.28 -8.62
N VAL A 208 4.76 64.64 -9.87
CA VAL A 208 4.25 63.87 -11.00
C VAL A 208 5.05 62.60 -11.21
N LEU A 209 6.32 62.58 -10.79
CA LEU A 209 7.07 61.32 -10.82
C LEU A 209 6.47 60.31 -9.85
N LEU A 210 6.07 60.78 -8.66
CA LEU A 210 5.37 59.90 -7.72
C LEU A 210 4.03 59.47 -8.29
N ALA A 211 3.34 60.36 -9.00
CA ALA A 211 2.05 60.01 -9.59
C ALA A 211 2.19 58.94 -10.66
N GLN A 212 3.31 58.93 -11.38
CA GLN A 212 3.55 57.85 -12.34
C GLN A 212 3.77 56.52 -11.64
N ARG A 213 4.28 56.53 -10.41
CA ARG A 213 4.40 55.30 -9.65
C ARG A 213 3.05 54.81 -9.16
N ILE A 214 2.15 55.73 -8.80
CA ILE A 214 0.82 55.35 -8.36
C ILE A 214 -0.09 54.99 -9.52
N ASP A 215 0.20 55.50 -10.72
CA ASP A 215 -0.65 55.28 -11.89
C ASP A 215 -0.82 53.80 -12.16
N VAL A 216 -2.06 53.33 -12.08
CA VAL A 216 -2.37 51.91 -12.31
C VAL A 216 -2.71 51.65 -13.77
N ALA A 217 -2.46 52.60 -14.66
CA ALA A 217 -2.78 52.40 -16.07
C ALA A 217 -1.94 51.28 -16.66
N GLU A 218 -0.72 51.09 -16.17
CA GLU A 218 0.11 49.98 -16.64
C GLU A 218 -0.50 48.65 -16.25
N GLU A 219 -1.07 48.55 -15.04
CA GLU A 219 -1.69 47.30 -14.60
C GLU A 219 -2.96 47.02 -15.39
N LEU A 220 -3.71 48.06 -15.76
CA LEU A 220 -4.95 47.84 -16.50
C LEU A 220 -4.66 47.41 -17.94
N ASP A 221 -3.60 47.95 -18.54
CA ASP A 221 -3.22 47.54 -19.89
C ASP A 221 -2.83 46.07 -19.93
N ARG A 222 -2.00 45.63 -18.96
CA ARG A 222 -1.62 44.23 -18.89
C ARG A 222 -2.84 43.34 -18.65
N LEU A 223 -3.78 43.81 -17.82
CA LEU A 223 -4.94 43.00 -17.48
C LEU A 223 -5.87 42.84 -18.69
N GLU A 224 -6.04 43.90 -19.47
CA GLU A 224 -6.83 43.78 -20.69
C GLU A 224 -6.18 42.84 -21.69
N ALA A 225 -4.85 42.78 -21.72
CA ALA A 225 -4.17 41.87 -22.63
C ALA A 225 -4.31 40.42 -22.17
N HIS A 226 -4.38 40.21 -20.85
CA HIS A 226 -4.62 38.85 -20.34
C HIS A 226 -6.03 38.38 -20.65
N VAL A 227 -7.00 39.30 -20.67
CA VAL A 227 -8.36 38.92 -21.02
C VAL A 227 -8.45 38.50 -22.48
N LYS A 228 -7.82 39.28 -23.37
CA LYS A 228 -7.81 38.93 -24.78
C LYS A 228 -7.09 37.60 -25.01
N GLU A 229 -6.04 37.34 -24.24
CA GLU A 229 -5.34 36.06 -24.36
C GLU A 229 -6.17 34.90 -23.81
N THR A 230 -6.95 35.15 -22.75
CA THR A 230 -7.78 34.10 -22.18
C THR A 230 -8.86 33.66 -23.17
N TYR A 231 -9.45 34.59 -23.89
CA TYR A 231 -10.36 34.22 -24.97
C TYR A 231 -9.66 33.35 -26.01
N ASN A 232 -8.41 33.69 -26.34
CA ASN A 232 -7.66 32.92 -27.32
C ASN A 232 -7.36 31.52 -26.79
N ILE A 233 -7.08 31.39 -25.49
CA ILE A 233 -6.84 30.09 -24.90
C ILE A 233 -8.09 29.22 -24.95
N LEU A 234 -9.26 29.84 -24.78
CA LEU A 234 -10.51 29.09 -24.78
C LEU A 234 -10.82 28.47 -26.14
N LYS A 235 -10.16 28.91 -27.19
CA LYS A 235 -10.40 28.38 -28.54
C LYS A 235 -9.44 27.26 -28.92
N LYS A 236 -8.46 26.95 -28.06
CA LYS A 236 -7.51 25.89 -28.37
C LYS A 236 -8.20 24.54 -28.34
N LYS A 237 -7.77 23.65 -29.25
CA LYS A 237 -8.30 22.29 -29.25
C LYS A 237 -7.64 21.42 -28.19
N GLU A 238 -6.38 21.71 -27.85
CA GLU A 238 -5.67 20.96 -26.83
C GLU A 238 -6.27 21.25 -25.45
N ALA A 239 -5.81 20.48 -24.46
CA ALA A 239 -6.21 20.73 -23.09
C ALA A 239 -5.59 22.02 -22.57
N VAL A 240 -6.40 22.84 -21.90
CA VAL A 240 -5.96 24.14 -21.44
C VAL A 240 -6.33 24.33 -19.97
N GLY A 241 -6.60 23.23 -19.27
CA GLY A 241 -7.01 23.33 -17.88
C GLY A 241 -5.94 23.96 -17.00
N ARG A 242 -4.70 23.46 -17.11
CA ARG A 242 -3.63 23.98 -16.27
C ARG A 242 -3.18 25.36 -16.73
N ARG A 243 -3.16 25.60 -18.05
CA ARG A 243 -2.74 26.90 -18.56
C ARG A 243 -3.67 28.00 -18.07
N LEU A 244 -4.98 27.74 -18.07
CA LEU A 244 -5.94 28.72 -17.57
C LEU A 244 -5.72 29.02 -16.10
N ASP A 245 -5.39 27.99 -15.31
CA ASP A 245 -5.11 28.19 -13.89
C ASP A 245 -3.90 29.09 -13.69
N PHE A 246 -2.85 28.88 -14.48
CA PHE A 246 -1.69 29.77 -14.40
C PHE A 246 -2.04 31.18 -14.84
N MET A 247 -2.98 31.32 -15.78
CA MET A 247 -3.38 32.65 -16.24
C MET A 247 -4.14 33.40 -15.16
N MET A 248 -4.98 32.69 -14.39
CA MET A 248 -5.74 33.35 -13.33
C MET A 248 -4.83 33.87 -12.23
N GLN A 249 -3.67 33.23 -12.02
CA GLN A 249 -2.70 33.76 -11.07
C GLN A 249 -2.21 35.13 -11.50
N GLU A 250 -2.08 35.36 -12.80
CA GLU A 250 -1.70 36.68 -13.29
C GLU A 250 -2.86 37.67 -13.19
N PHE A 251 -4.08 37.19 -13.43
CA PHE A 251 -5.26 38.00 -13.15
C PHE A 251 -5.28 38.44 -11.69
N ASN A 252 -5.04 37.50 -10.78
CA ASN A 252 -5.05 37.81 -9.36
C ASN A 252 -3.86 38.69 -8.96
N ARG A 253 -2.76 38.60 -9.70
CA ARG A 253 -1.59 39.41 -9.38
C ARG A 253 -1.85 40.88 -9.68
N GLU A 254 -2.43 41.17 -10.85
CA GLU A 254 -2.72 42.56 -11.19
C GLU A 254 -3.81 43.14 -10.29
N SER A 255 -4.77 42.32 -9.87
CA SER A 255 -5.82 42.81 -8.98
C SER A 255 -5.26 43.15 -7.60
N ASN A 256 -4.38 42.29 -7.06
CA ASN A 256 -3.75 42.60 -5.78
C ASN A 256 -2.87 43.83 -5.87
N THR A 257 -2.13 43.98 -6.98
CA THR A 257 -1.37 45.19 -7.20
C THR A 257 -2.29 46.40 -7.30
N LEU A 258 -3.45 46.22 -7.93
CA LEU A 258 -4.41 47.31 -8.04
C LEU A 258 -4.95 47.71 -6.67
N ALA A 259 -5.30 46.72 -5.84
CA ALA A 259 -5.82 47.02 -4.51
C ALA A 259 -4.77 47.62 -3.60
N SER A 260 -3.50 47.23 -3.77
CA SER A 260 -2.44 47.79 -2.94
C SER A 260 -2.18 49.25 -3.29
N LYS A 261 -2.11 49.56 -4.59
CA LYS A 261 -1.88 50.94 -5.02
C LYS A 261 -3.13 51.79 -4.93
N SER A 262 -4.27 51.22 -4.56
CA SER A 262 -5.53 51.96 -4.54
C SER A 262 -5.50 53.04 -3.47
N ILE A 263 -6.20 54.14 -3.74
CA ILE A 263 -6.25 55.28 -2.83
C ILE A 263 -7.69 55.75 -2.69
N ASN A 264 -8.58 55.17 -3.49
CA ASN A 264 -9.99 55.51 -3.48
C ASN A 264 -10.80 54.28 -3.13
N ALA A 265 -11.85 54.48 -2.34
CA ALA A 265 -12.67 53.36 -1.89
C ALA A 265 -13.39 52.69 -3.05
N GLU A 266 -13.80 53.46 -4.05
CA GLU A 266 -14.50 52.88 -5.19
C GLU A 266 -13.56 52.01 -6.03
N VAL A 267 -12.30 52.43 -6.17
CA VAL A 267 -11.32 51.60 -6.86
C VAL A 267 -11.05 50.33 -6.06
N THR A 268 -10.98 50.45 -4.74
CA THR A 268 -10.81 49.28 -3.89
C THR A 268 -11.98 48.32 -4.05
N ASN A 269 -13.20 48.84 -4.09
CA ASN A 269 -14.36 47.97 -4.29
C ASN A 269 -14.36 47.33 -5.66
N SER A 270 -13.84 48.03 -6.67
CA SER A 270 -13.75 47.44 -8.00
C SER A 270 -12.67 46.36 -8.05
N ALA A 271 -11.57 46.56 -7.33
CA ALA A 271 -10.54 45.53 -7.26
C ALA A 271 -11.06 44.28 -6.55
N ILE A 272 -11.89 44.47 -5.53
CA ILE A 272 -12.51 43.33 -4.85
C ILE A 272 -13.46 42.60 -5.80
N GLU A 273 -14.21 43.35 -6.60
CA GLU A 273 -15.07 42.72 -7.60
C GLU A 273 -14.24 41.94 -8.61
N LEU A 274 -13.06 42.44 -8.96
CA LEU A 274 -12.16 41.70 -9.84
C LEU A 274 -11.73 40.39 -9.19
N LYS A 275 -11.31 40.44 -7.91
CA LYS A 275 -10.87 39.24 -7.23
C LYS A 275 -12.00 38.23 -7.08
N VAL A 276 -13.24 38.71 -6.96
CA VAL A 276 -14.38 37.80 -6.88
C VAL A 276 -14.61 37.11 -8.21
N LEU A 277 -14.54 37.86 -9.31
CA LEU A 277 -14.71 37.26 -10.64
C LEU A 277 -13.62 36.24 -10.92
N ILE A 278 -12.39 36.52 -10.47
CA ILE A 278 -11.28 35.61 -10.71
C ILE A 278 -11.49 34.29 -9.97
N GLU A 279 -12.03 34.37 -8.75
CA GLU A 279 -12.30 33.15 -7.99
C GLU A 279 -13.43 32.35 -8.64
N GLN A 280 -14.44 33.03 -9.16
CA GLN A 280 -15.52 32.33 -9.85
C GLN A 280 -15.03 31.63 -11.10
N MET A 281 -14.12 32.26 -11.84
CA MET A 281 -13.54 31.60 -13.01
C MET A 281 -12.68 30.41 -12.59
N ARG A 282 -11.94 30.54 -11.48
CA ARG A 282 -11.11 29.44 -11.02
C ARG A 282 -11.94 28.21 -10.67
N GLU A 283 -13.14 28.43 -10.11
CA GLU A 283 -14.01 27.30 -9.76
C GLU A 283 -14.45 26.55 -11.00
N GLN A 284 -14.73 27.27 -12.09
CA GLN A 284 -15.07 26.62 -13.35
C GLN A 284 -13.84 25.99 -14.00
N ILE A 285 -12.67 26.61 -13.82
CA ILE A 285 -11.46 26.13 -14.49
C ILE A 285 -10.97 24.83 -13.86
N GLN A 286 -11.20 24.64 -12.56
CA GLN A 286 -10.75 23.41 -11.91
C GLN A 286 -11.43 22.18 -12.49
N ASN A 287 -12.55 22.35 -13.17
CA ASN A 287 -13.24 21.26 -13.83
C ASN A 287 -12.84 21.10 -15.29
N ILE A 288 -12.07 22.04 -15.83
CA ILE A 288 -11.66 21.98 -17.24
C ILE A 288 -10.44 21.09 -17.37
N GLU A 289 -10.44 20.24 -18.40
CA GLU A 289 -9.32 19.35 -18.67
C GLU A 289 -8.07 20.11 -19.04
N MET B 3 20.38 3.35 -15.93
CA MET B 3 19.33 3.66 -16.90
C MET B 3 18.02 3.94 -16.17
N ILE B 4 17.31 4.97 -16.61
CA ILE B 4 16.03 5.32 -16.00
C ILE B 4 14.98 4.33 -16.48
N ARG B 5 14.05 3.98 -15.59
CA ARG B 5 13.04 2.96 -15.85
C ARG B 5 11.70 3.47 -15.35
N SER B 6 10.67 3.32 -16.18
CA SER B 6 9.34 3.80 -15.84
C SER B 6 8.66 2.86 -14.85
N MET B 7 7.92 3.44 -13.91
CA MET B 7 7.19 2.65 -12.92
C MET B 7 5.83 2.17 -13.41
N THR B 8 5.55 2.30 -14.70
CA THR B 8 4.31 1.86 -15.29
C THR B 8 4.62 0.99 -16.51
N ALA B 9 4.22 -0.29 -16.44
CA ALA B 9 4.49 -1.22 -17.52
C ALA B 9 3.52 -2.39 -17.41
N TYR B 10 3.47 -3.19 -18.48
CA TYR B 10 2.59 -4.34 -18.56
C TYR B 10 3.36 -5.48 -19.21
N ALA B 11 3.27 -6.68 -18.62
CA ALA B 11 3.99 -7.84 -19.12
C ALA B 11 3.08 -9.07 -19.06
N ARG B 12 3.18 -9.92 -20.10
CA ARG B 12 2.37 -11.12 -20.21
C ARG B 12 3.21 -12.24 -20.79
N ARG B 13 3.02 -13.45 -20.26
CA ARG B 13 3.74 -14.62 -20.75
C ARG B 13 2.86 -15.85 -20.54
N GLU B 14 2.73 -16.65 -21.59
CA GLU B 14 1.90 -17.85 -21.57
C GLU B 14 2.74 -19.05 -21.99
N ILE B 15 2.65 -20.14 -21.22
CA ILE B 15 3.33 -21.39 -21.53
C ILE B 15 2.27 -22.44 -21.82
N LYS B 16 2.51 -23.24 -22.86
CA LYS B 16 1.59 -24.27 -23.29
C LYS B 16 2.16 -25.64 -22.96
N GLY B 17 1.32 -26.50 -22.37
CA GLY B 17 1.71 -27.85 -22.05
C GLY B 17 0.51 -28.77 -22.12
N GLU B 18 0.80 -30.07 -22.02
CA GLU B 18 -0.27 -31.06 -22.02
C GLU B 18 -1.17 -30.91 -20.80
N TRP B 19 -0.60 -30.51 -19.67
CA TRP B 19 -1.42 -30.30 -18.47
C TRP B 19 -2.35 -29.11 -18.63
N GLY B 20 -1.95 -28.13 -19.42
CA GLY B 20 -2.78 -26.96 -19.66
C GLY B 20 -1.93 -25.77 -20.04
N SER B 21 -2.47 -24.58 -19.78
CA SER B 21 -1.80 -23.33 -20.10
C SER B 21 -1.76 -22.46 -18.85
N ALA B 22 -0.62 -21.79 -18.64
CA ALA B 22 -0.42 -20.89 -17.52
C ALA B 22 -0.11 -19.50 -18.05
N THR B 23 -0.72 -18.48 -17.43
CA THR B 23 -0.58 -17.11 -17.88
C THR B 23 -0.15 -16.22 -16.72
N TRP B 24 0.88 -15.41 -16.96
CA TRP B 24 1.34 -14.42 -16.00
C TRP B 24 0.98 -13.02 -16.51
N GLU B 25 0.57 -12.15 -15.59
CA GLU B 25 0.23 -10.77 -15.93
C GLU B 25 0.81 -9.84 -14.88
N MET B 26 1.53 -8.82 -15.34
CA MET B 26 2.18 -7.85 -14.46
C MET B 26 1.66 -6.45 -14.80
N ARG B 27 1.21 -5.73 -13.78
CA ARG B 27 0.77 -4.35 -13.93
C ARG B 27 1.45 -3.50 -12.87
N SER B 28 1.94 -2.33 -13.27
CA SER B 28 2.69 -1.46 -12.38
C SER B 28 2.12 -0.05 -12.43
N VAL B 29 1.91 0.54 -11.24
CA VAL B 29 1.44 1.91 -11.11
C VAL B 29 2.39 2.63 -10.17
N ASN B 30 2.53 3.94 -10.38
CA ASN B 30 3.46 4.73 -9.56
C ASN B 30 3.05 4.72 -8.10
N GLN B 31 4.05 4.66 -7.22
CA GLN B 31 3.84 4.59 -5.78
C GLN B 31 5.15 4.92 -5.09
N ARG B 32 5.06 5.63 -3.96
CA ARG B 32 6.27 6.06 -3.27
C ARG B 32 7.03 4.88 -2.68
N TYR B 33 6.31 3.88 -2.17
CA TYR B 33 6.93 2.69 -1.60
C TYR B 33 6.86 1.55 -2.61
N LEU B 34 7.42 0.40 -2.21
CA LEU B 34 7.42 -0.81 -3.03
C LEU B 34 6.35 -1.75 -2.49
N GLU B 35 5.30 -1.96 -3.28
CA GLU B 35 4.20 -2.85 -2.91
C GLU B 35 4.04 -3.92 -3.99
N THR B 36 3.86 -5.16 -3.56
CA THR B 36 3.69 -6.29 -4.48
C THR B 36 2.50 -7.11 -4.03
N TYR B 37 1.50 -7.23 -4.89
CA TYR B 37 0.28 -8.00 -4.60
C TYR B 37 0.19 -9.17 -5.57
N PHE B 38 -0.14 -10.35 -5.04
CA PHE B 38 -0.15 -11.58 -5.83
C PHE B 38 -1.50 -12.26 -5.70
N ARG B 39 -2.02 -12.73 -6.85
CA ARG B 39 -3.28 -13.47 -6.91
C ARG B 39 -2.99 -14.78 -7.66
N LEU B 40 -2.77 -15.85 -6.91
CA LEU B 40 -2.38 -17.14 -7.47
C LEU B 40 -3.48 -18.17 -7.23
N PRO B 41 -3.52 -19.24 -8.02
CA PRO B 41 -4.52 -20.29 -7.80
C PRO B 41 -4.32 -20.98 -6.46
N GLU B 42 -5.34 -21.74 -6.04
CA GLU B 42 -5.27 -22.44 -4.77
C GLU B 42 -4.17 -23.50 -4.77
N GLN B 43 -3.91 -24.13 -5.91
CA GLN B 43 -2.90 -25.18 -5.96
C GLN B 43 -1.50 -24.59 -5.85
N PHE B 44 -1.26 -23.43 -6.46
CA PHE B 44 0.05 -22.79 -6.44
C PHE B 44 0.12 -21.61 -5.48
N ARG B 45 -0.74 -21.59 -4.46
CA ARG B 45 -0.68 -20.53 -3.45
C ARG B 45 0.59 -20.62 -2.62
N SER B 46 1.21 -21.80 -2.54
CA SER B 46 2.45 -21.94 -1.81
C SER B 46 3.63 -21.28 -2.52
N LEU B 47 3.47 -20.94 -3.80
CA LEU B 47 4.56 -20.36 -4.58
C LEU B 47 4.72 -18.86 -4.37
N GLU B 48 3.78 -18.21 -3.67
CA GLU B 48 3.82 -16.75 -3.52
C GLU B 48 5.10 -16.26 -2.84
N PRO B 49 5.58 -16.84 -1.73
CA PRO B 49 6.82 -16.32 -1.14
C PRO B 49 8.04 -16.50 -2.04
N VAL B 50 8.02 -17.50 -2.93
CA VAL B 50 9.13 -17.67 -3.87
C VAL B 50 9.04 -16.65 -5.00
N VAL B 51 7.81 -16.36 -5.45
CA VAL B 51 7.63 -15.34 -6.48
C VAL B 51 7.96 -13.96 -5.91
N ARG B 52 7.62 -13.72 -4.64
CA ARG B 52 7.84 -12.41 -4.04
C ARG B 52 9.32 -12.09 -3.91
N GLU B 53 10.15 -13.12 -3.65
CA GLU B 53 11.58 -12.89 -3.52
C GLU B 53 12.20 -12.49 -4.85
N ARG B 54 11.83 -13.18 -5.93
CA ARG B 54 12.40 -12.89 -7.24
C ARG B 54 12.00 -11.52 -7.74
N ILE B 55 10.79 -11.07 -7.42
CA ILE B 55 10.29 -9.80 -7.94
C ILE B 55 10.81 -8.63 -7.12
N ARG B 56 10.75 -8.74 -5.79
CA ARG B 56 11.24 -7.66 -4.94
C ARG B 56 12.75 -7.44 -5.11
N SER B 57 13.49 -8.49 -5.48
CA SER B 57 14.92 -8.33 -5.68
C SER B 57 15.26 -7.71 -7.02
N ARG B 58 14.43 -7.94 -8.04
CA ARG B 58 14.70 -7.45 -9.38
C ARG B 58 14.02 -6.13 -9.71
N LEU B 59 13.08 -5.68 -8.88
CA LEU B 59 12.29 -4.50 -9.16
C LEU B 59 12.62 -3.38 -8.17
N THR B 60 12.63 -2.15 -8.68
CA THR B 60 12.76 -0.96 -7.85
C THR B 60 11.37 -0.60 -7.30
N ARG B 61 11.24 0.60 -6.74
CA ARG B 61 10.01 0.99 -6.07
C ARG B 61 8.84 1.06 -7.06
N GLY B 62 7.65 0.83 -6.54
CA GLY B 62 6.46 0.82 -7.36
C GLY B 62 5.37 -0.01 -6.72
N LYS B 63 4.26 -0.12 -7.43
CA LYS B 63 3.10 -0.91 -7.01
C LYS B 63 2.80 -1.92 -8.11
N VAL B 64 3.06 -3.19 -7.85
CA VAL B 64 2.95 -4.26 -8.84
C VAL B 64 1.82 -5.20 -8.45
N GLU B 65 1.09 -5.68 -9.45
CA GLU B 65 0.04 -6.66 -9.26
C GLU B 65 0.31 -7.85 -10.18
N CYS B 66 0.24 -9.05 -9.62
CA CYS B 66 0.57 -10.28 -10.33
C CYS B 66 -0.59 -11.25 -10.25
N THR B 67 -0.98 -11.81 -11.40
CA THR B 67 -2.06 -12.80 -11.48
C THR B 67 -1.58 -13.99 -12.29
N LEU B 68 -1.85 -15.19 -11.78
CA LEU B 68 -1.49 -16.44 -12.45
C LEU B 68 -2.75 -17.23 -12.72
N ARG B 69 -2.99 -17.54 -14.00
CA ARG B 69 -4.16 -18.29 -14.43
C ARG B 69 -3.73 -19.66 -14.91
N TYR B 70 -4.29 -20.71 -14.30
CA TYR B 70 -3.92 -22.09 -14.61
C TYR B 70 -5.17 -22.83 -15.09
N GLU B 71 -5.08 -23.44 -16.26
CA GLU B 71 -6.21 -24.14 -16.87
C GLU B 71 -5.95 -25.64 -16.87
N PRO B 72 -6.77 -26.44 -16.19
CA PRO B 72 -6.58 -27.89 -16.24
C PRO B 72 -7.22 -28.48 -17.47
N ASP B 73 -6.58 -29.51 -18.03
CA ASP B 73 -7.11 -30.17 -19.21
C ASP B 73 -8.32 -31.03 -18.88
N VAL B 74 -8.38 -31.58 -17.67
CA VAL B 74 -9.49 -32.40 -17.18
C VAL B 74 -9.55 -33.74 -17.91
N SER B 75 -9.67 -33.69 -19.24
CA SER B 75 -9.86 -34.93 -20.00
C SER B 75 -8.55 -35.68 -20.21
N ALA B 76 -7.42 -34.98 -20.32
CA ALA B 76 -6.16 -35.64 -20.66
C ALA B 76 -5.50 -36.32 -19.47
N GLN B 77 -5.79 -35.86 -18.25
CA GLN B 77 -5.14 -36.40 -17.06
C GLN B 77 -6.16 -36.56 -15.94
N GLY B 78 -5.76 -37.34 -14.93
CA GLY B 78 -6.58 -37.50 -13.75
C GLY B 78 -7.70 -38.52 -13.89
N GLU B 79 -7.37 -39.73 -14.34
CA GLU B 79 -8.37 -40.77 -14.48
C GLU B 79 -8.85 -41.22 -13.11
N LEU B 80 -10.16 -41.35 -12.96
CA LEU B 80 -10.75 -41.67 -11.65
C LEU B 80 -10.45 -43.10 -11.26
N ILE B 81 -10.05 -43.30 -10.00
CA ILE B 81 -9.80 -44.62 -9.44
C ILE B 81 -10.96 -44.96 -8.51
N LEU B 82 -11.46 -46.20 -8.63
CA LEU B 82 -12.60 -46.66 -7.87
C LEU B 82 -12.12 -47.55 -6.72
N ASN B 83 -12.46 -47.18 -5.50
CA ASN B 83 -12.13 -47.98 -4.32
C ASN B 83 -13.16 -49.11 -4.23
N GLU B 84 -12.80 -50.29 -4.74
CA GLU B 84 -13.74 -51.41 -4.77
C GLU B 84 -14.02 -51.91 -3.36
N LYS B 85 -13.01 -51.89 -2.48
CA LYS B 85 -13.20 -52.39 -1.13
C LYS B 85 -14.17 -51.51 -0.34
N LEU B 86 -14.03 -50.19 -0.45
CA LEU B 86 -14.91 -49.29 0.28
C LEU B 86 -16.34 -49.35 -0.26
N ALA B 87 -16.48 -49.52 -1.58
CA ALA B 87 -17.82 -49.61 -2.17
C ALA B 87 -18.54 -50.86 -1.68
N LYS B 88 -17.84 -51.99 -1.63
CA LYS B 88 -18.46 -53.21 -1.11
C LYS B 88 -18.79 -53.08 0.37
N GLN B 89 -18.00 -52.31 1.11
CA GLN B 89 -18.30 -52.09 2.52
C GLN B 89 -19.59 -51.30 2.69
N LEU B 90 -19.82 -50.30 1.84
CA LEU B 90 -21.03 -49.50 1.94
C LEU B 90 -22.26 -50.30 1.51
N VAL B 91 -22.10 -51.15 0.49
CA VAL B 91 -23.23 -51.94 0.00
C VAL B 91 -23.68 -52.95 1.06
N THR B 92 -22.72 -53.58 1.75
CA THR B 92 -23.09 -54.51 2.81
C THR B 92 -23.72 -53.77 4.00
N ALA B 93 -23.24 -52.56 4.28
CA ALA B 93 -23.84 -51.76 5.34
C ALA B 93 -25.26 -51.34 4.96
N ALA B 94 -25.48 -50.99 3.70
CA ALA B 94 -26.82 -50.65 3.26
C ALA B 94 -27.74 -51.86 3.23
N ASN B 95 -27.18 -53.05 2.96
CA ASN B 95 -27.99 -54.27 3.01
C ASN B 95 -28.52 -54.52 4.41
N TRP B 96 -27.73 -54.19 5.43
CA TRP B 96 -28.20 -54.35 6.81
C TRP B 96 -29.38 -53.43 7.09
N VAL B 97 -29.31 -52.18 6.60
CA VAL B 97 -30.43 -51.26 6.79
C VAL B 97 -31.64 -51.73 6.01
N LYS B 98 -31.43 -52.32 4.83
CA LYS B 98 -32.54 -52.85 4.06
C LYS B 98 -33.25 -53.99 4.78
N MET B 99 -32.52 -54.79 5.54
CA MET B 99 -33.17 -55.86 6.30
C MET B 99 -34.01 -55.29 7.44
N GLN B 100 -33.54 -54.21 8.07
CA GLN B 100 -34.30 -53.60 9.15
C GLN B 100 -35.57 -52.96 8.63
N SER B 101 -35.47 -52.14 7.58
CA SER B 101 -36.64 -51.49 7.02
C SER B 101 -37.49 -52.44 6.19
N ASP B 102 -36.93 -53.58 5.77
CA ASP B 102 -37.61 -54.57 4.93
C ASP B 102 -37.99 -54.02 3.56
N GLU B 103 -37.36 -52.92 3.15
CA GLU B 103 -37.64 -52.29 1.86
C GLU B 103 -36.50 -51.35 1.53
N GLY B 104 -36.48 -50.90 0.29
CA GLY B 104 -35.47 -49.97 -0.19
C GLY B 104 -34.67 -50.53 -1.35
N GLU B 105 -33.91 -49.64 -1.98
CA GLU B 105 -33.09 -49.99 -3.11
C GLU B 105 -31.84 -49.11 -3.11
N ILE B 106 -30.69 -49.74 -3.34
CA ILE B 106 -29.41 -49.03 -3.32
C ILE B 106 -29.20 -48.33 -4.65
N ASN B 107 -29.02 -47.01 -4.59
CA ASN B 107 -28.69 -46.23 -5.79
C ASN B 107 -27.19 -46.32 -6.06
N PRO B 108 -26.77 -46.76 -7.24
CA PRO B 108 -25.33 -46.89 -7.49
C PRO B 108 -24.60 -45.55 -7.50
N VAL B 109 -25.19 -44.51 -8.08
CA VAL B 109 -24.51 -43.22 -8.15
C VAL B 109 -24.39 -42.59 -6.77
N ASP B 110 -25.29 -42.95 -5.84
CA ASP B 110 -25.15 -42.48 -4.46
C ASP B 110 -23.95 -43.11 -3.78
N ILE B 111 -23.62 -44.35 -4.13
CA ILE B 111 -22.43 -44.99 -3.59
C ILE B 111 -21.17 -44.31 -4.12
N LEU B 112 -21.18 -43.93 -5.40
CA LEU B 112 -20.02 -43.26 -5.98
C LEU B 112 -19.82 -41.88 -5.37
N ARG B 113 -20.91 -41.16 -5.09
CA ARG B 113 -20.79 -39.83 -4.52
C ARG B 113 -20.31 -39.85 -3.08
N TRP B 114 -20.27 -41.01 -2.44
CA TRP B 114 -19.73 -41.11 -1.09
C TRP B 114 -18.25 -40.72 -1.12
N PRO B 115 -17.78 -39.95 -0.14
CA PRO B 115 -16.39 -39.52 -0.15
C PRO B 115 -15.42 -40.70 -0.07
N GLY B 116 -14.40 -40.66 -0.92
CA GLY B 116 -13.38 -41.69 -0.94
C GLY B 116 -13.66 -42.85 -1.88
N VAL B 117 -14.90 -42.99 -2.37
CA VAL B 117 -15.21 -44.11 -3.25
C VAL B 117 -14.62 -43.87 -4.64
N MET B 118 -14.82 -42.68 -5.18
CA MET B 118 -14.30 -42.30 -6.50
C MET B 118 -13.37 -41.11 -6.31
N ALA B 119 -12.07 -41.38 -6.19
CA ALA B 119 -11.07 -40.36 -5.94
C ALA B 119 -10.09 -40.31 -7.11
N ALA B 120 -9.91 -39.12 -7.67
CA ALA B 120 -8.91 -38.92 -8.72
C ALA B 120 -7.52 -38.86 -8.11
N GLN B 121 -6.56 -39.51 -8.77
CA GLN B 121 -5.19 -39.50 -8.28
C GLN B 121 -4.61 -38.11 -8.42
N GLU B 122 -4.04 -37.58 -7.33
CA GLU B 122 -3.47 -36.24 -7.34
C GLU B 122 -2.21 -36.22 -8.19
N GLN B 123 -2.21 -35.39 -9.23
CA GLN B 123 -1.05 -35.26 -10.09
C GLN B 123 -0.02 -34.36 -9.44
N ASP B 124 1.22 -34.85 -9.36
CA ASP B 124 2.28 -34.10 -8.72
C ASP B 124 2.55 -32.80 -9.47
N LEU B 125 2.32 -31.68 -8.78
CA LEU B 125 2.51 -30.36 -9.34
C LEU B 125 3.95 -29.88 -9.26
N ASP B 126 4.91 -30.78 -9.07
CA ASP B 126 6.31 -30.37 -8.98
C ASP B 126 6.86 -29.99 -10.35
N ALA B 127 6.60 -30.80 -11.36
CA ALA B 127 7.09 -30.49 -12.70
C ALA B 127 6.39 -29.28 -13.30
N ILE B 128 5.14 -29.04 -12.91
CA ILE B 128 4.40 -27.91 -13.45
C ILE B 128 4.78 -26.62 -12.75
N ALA B 129 5.05 -26.68 -11.44
CA ALA B 129 5.46 -25.50 -10.70
C ALA B 129 6.83 -25.00 -11.15
N ALA B 130 7.74 -25.91 -11.51
CA ALA B 130 9.04 -25.49 -12.03
C ALA B 130 8.90 -24.82 -13.39
N GLU B 131 7.94 -25.27 -14.21
CA GLU B 131 7.67 -24.59 -15.47
C GLU B 131 7.08 -23.20 -15.25
N ILE B 132 6.25 -23.06 -14.21
CA ILE B 132 5.66 -21.76 -13.92
C ILE B 132 6.71 -20.79 -13.38
N LEU B 133 7.63 -21.29 -12.55
CA LEU B 133 8.72 -20.46 -12.06
C LEU B 133 9.63 -20.02 -13.20
N ALA B 134 9.86 -20.89 -14.18
CA ALA B 134 10.65 -20.52 -15.34
C ALA B 134 9.92 -19.49 -16.20
N ALA B 135 8.59 -19.57 -16.27
CA ALA B 135 7.83 -18.58 -17.01
C ALA B 135 7.78 -17.26 -16.26
N LEU B 136 7.97 -17.28 -14.95
CA LEU B 136 7.94 -16.05 -14.16
C LEU B 136 9.14 -15.16 -14.49
N ASP B 137 10.35 -15.72 -14.46
CA ASP B 137 11.54 -14.93 -14.76
C ASP B 137 11.55 -14.45 -16.21
N GLY B 138 10.88 -15.17 -17.11
CA GLY B 138 10.68 -14.66 -18.45
C GLY B 138 9.72 -13.50 -18.50
N THR B 139 8.71 -13.49 -17.63
CA THR B 139 7.81 -12.34 -17.54
C THR B 139 8.53 -11.15 -16.92
N LEU B 140 9.39 -11.40 -15.93
CA LEU B 140 10.15 -10.31 -15.32
C LEU B 140 11.12 -9.69 -16.32
N ASP B 141 11.71 -10.52 -17.19
CA ASP B 141 12.57 -9.99 -18.25
C ASP B 141 11.80 -9.07 -19.18
N ASP B 142 10.63 -9.53 -19.65
CA ASP B 142 9.79 -8.68 -20.48
C ASP B 142 9.33 -7.44 -19.71
N PHE B 143 9.14 -7.57 -18.40
CA PHE B 143 8.69 -6.43 -17.60
C PHE B 143 9.81 -5.40 -17.43
N ILE B 144 11.03 -5.85 -17.18
CA ILE B 144 12.16 -4.94 -17.05
C ILE B 144 12.41 -4.23 -18.38
N VAL B 145 12.35 -4.97 -19.48
CA VAL B 145 12.54 -4.38 -20.80
C VAL B 145 11.47 -3.33 -21.09
N ALA B 146 10.22 -3.64 -20.73
CA ALA B 146 9.15 -2.69 -20.93
C ALA B 146 9.36 -1.42 -20.11
N ARG B 147 9.86 -1.57 -18.88
CA ARG B 147 10.16 -0.40 -18.05
C ARG B 147 11.27 0.44 -18.66
N GLU B 148 12.28 -0.20 -19.23
CA GLU B 148 13.41 0.54 -19.78
C GLU B 148 13.03 1.23 -21.09
N THR B 149 12.20 0.58 -21.91
CA THR B 149 11.77 1.22 -23.16
C THR B 149 10.83 2.38 -22.88
N GLU B 150 9.94 2.23 -21.90
CA GLU B 150 9.08 3.35 -21.51
C GLU B 150 9.87 4.46 -20.85
N GLY B 151 10.97 4.13 -20.16
CA GLY B 151 11.82 5.15 -19.59
C GLY B 151 12.46 6.02 -20.65
N GLN B 152 12.90 5.41 -21.76
CA GLN B 152 13.46 6.17 -22.86
C GLN B 152 12.42 7.11 -23.48
N ALA B 153 11.15 6.69 -23.49
CA ALA B 153 10.10 7.56 -24.00
C ALA B 153 9.86 8.74 -23.06
N LEU B 154 9.94 8.51 -21.74
CA LEU B 154 9.79 9.60 -20.79
C LEU B 154 10.95 10.58 -20.88
N LYS B 155 12.16 10.07 -21.13
CA LYS B 155 13.32 10.94 -21.26
C LYS B 155 13.22 11.82 -22.49
N ALA B 156 12.68 11.29 -23.58
CA ALA B 156 12.51 12.09 -24.80
C ALA B 156 11.47 13.18 -24.59
N LEU B 157 10.39 12.88 -23.87
CA LEU B 157 9.38 13.89 -23.58
C LEU B 157 9.94 14.99 -22.69
N ILE B 158 10.78 14.63 -21.70
CA ILE B 158 11.38 15.63 -20.83
C ILE B 158 12.35 16.50 -21.62
N GLU B 159 13.17 15.89 -22.48
CA GLU B 159 14.09 16.68 -23.28
C GLU B 159 13.36 17.53 -24.32
N GLN B 160 12.22 17.06 -24.83
CA GLN B 160 11.45 17.85 -25.77
C GLN B 160 10.91 19.11 -25.12
N ARG B 161 10.45 19.00 -23.87
CA ARG B 161 9.96 20.20 -23.17
C ARG B 161 11.10 21.10 -22.75
N LEU B 162 12.27 20.53 -22.44
CA LEU B 162 13.43 21.35 -22.11
C LEU B 162 13.83 22.24 -23.28
N GLU B 163 13.69 21.73 -24.51
CA GLU B 163 13.96 22.55 -25.69
C GLU B 163 12.96 23.71 -25.78
N GLY B 164 11.69 23.45 -25.44
CA GLY B 164 10.71 24.52 -25.39
C GLY B 164 10.97 25.51 -24.29
N VAL B 165 11.60 25.07 -23.20
CA VAL B 165 11.94 25.99 -22.11
C VAL B 165 13.00 26.98 -22.58
N THR B 166 14.08 26.48 -23.17
CA THR B 166 15.13 27.35 -23.69
C THR B 166 14.60 28.25 -24.81
N ALA B 167 13.66 27.75 -25.61
CA ALA B 167 13.09 28.57 -26.68
C ALA B 167 12.30 29.74 -26.09
N GLU B 168 11.64 29.52 -24.96
CA GLU B 168 10.92 30.61 -24.30
C GLU B 168 11.86 31.57 -23.58
N VAL B 169 12.97 31.07 -23.04
CA VAL B 169 13.91 31.93 -22.34
C VAL B 169 14.55 32.93 -23.31
N VAL B 170 15.03 32.43 -24.45
CA VAL B 170 15.57 33.31 -25.48
C VAL B 170 14.46 34.13 -26.15
N LYS B 171 13.22 33.63 -26.10
CA LYS B 171 12.09 34.43 -26.57
C LYS B 171 11.92 35.68 -25.71
N VAL B 172 12.13 35.54 -24.40
CA VAL B 172 12.04 36.69 -23.51
C VAL B 172 13.27 37.58 -23.67
N ARG B 173 14.45 36.97 -23.77
CA ARG B 173 15.69 37.74 -23.82
C ARG B 173 15.71 38.72 -24.99
N SER B 174 15.22 38.28 -26.16
CA SER B 174 15.18 39.18 -27.32
C SER B 174 14.18 40.31 -27.12
N HIS B 175 13.09 40.05 -26.38
CA HIS B 175 12.06 41.06 -26.19
C HIS B 175 12.39 42.04 -25.08
N MET B 176 13.32 41.69 -24.18
CA MET B 176 13.59 42.54 -23.02
C MET B 176 14.16 43.90 -23.38
N PRO B 177 15.21 44.03 -24.21
CA PRO B 177 15.74 45.37 -24.49
C PRO B 177 14.75 46.27 -25.20
N GLU B 178 13.84 45.70 -25.99
CA GLU B 178 12.80 46.51 -26.62
C GLU B 178 11.86 47.11 -25.58
N ILE B 179 11.56 46.34 -24.53
CA ILE B 179 10.65 46.83 -23.49
C ILE B 179 11.29 47.94 -22.68
N LEU B 180 12.59 47.80 -22.37
CA LEU B 180 13.27 48.80 -21.56
C LEU B 180 13.38 50.13 -22.29
N GLN B 181 13.52 50.12 -23.62
CA GLN B 181 13.57 51.36 -24.37
C GLN B 181 12.20 52.04 -24.42
N TRP B 182 11.14 51.25 -24.62
CA TRP B 182 9.79 51.83 -24.64
C TRP B 182 9.43 52.44 -23.30
N GLN B 183 9.89 51.82 -22.20
CA GLN B 183 9.58 52.33 -20.87
C GLN B 183 10.32 53.64 -20.60
N ARG B 184 11.53 53.80 -21.15
CA ARG B 184 12.22 55.07 -21.07
C ARG B 184 11.48 56.13 -21.90
N GLU B 185 11.08 55.77 -23.12
CA GLU B 185 10.43 56.74 -24.00
C GLU B 185 9.09 57.19 -23.45
N ARG B 186 8.38 56.30 -22.75
CA ARG B 186 7.10 56.69 -22.15
C ARG B 186 7.30 57.68 -21.01
N LEU B 187 8.31 57.44 -20.17
CA LEU B 187 8.51 58.29 -19.00
C LEU B 187 8.85 59.72 -19.41
N VAL B 188 9.74 59.89 -20.39
CA VAL B 188 10.14 61.23 -20.80
C VAL B 188 9.00 61.94 -21.51
N THR B 189 8.14 61.19 -22.21
CA THR B 189 7.02 61.83 -22.90
C THR B 189 5.98 62.31 -21.92
N LYS B 190 5.63 61.47 -20.93
CA LYS B 190 4.66 61.88 -19.92
C LYS B 190 5.18 63.07 -19.12
N LEU B 191 6.49 63.11 -18.87
CA LEU B 191 7.04 64.19 -18.05
C LEU B 191 7.09 65.50 -18.84
N GLU B 192 7.46 65.45 -20.11
CA GLU B 192 7.58 66.67 -20.90
C GLU B 192 6.21 67.26 -21.23
N ASP B 193 5.16 66.43 -21.24
CA ASP B 193 3.84 66.90 -21.64
C ASP B 193 3.29 67.92 -20.65
N ALA B 194 3.52 67.70 -19.35
CA ALA B 194 2.93 68.55 -18.31
C ALA B 194 3.95 69.27 -17.46
N GLN B 195 5.21 68.88 -17.47
CA GLN B 195 6.21 69.44 -16.56
C GLN B 195 7.54 69.63 -17.28
N VAL B 196 8.48 70.24 -16.57
CA VAL B 196 9.79 70.57 -17.11
C VAL B 196 10.77 69.44 -16.80
N GLN B 197 11.87 69.41 -17.55
CA GLN B 197 12.98 68.52 -17.23
C GLN B 197 13.59 68.88 -15.88
N LEU B 198 14.01 67.86 -15.13
CA LEU B 198 14.48 68.01 -13.77
C LEU B 198 15.96 67.65 -13.68
N GLU B 199 16.82 68.66 -13.74
CA GLU B 199 18.26 68.60 -13.46
C GLU B 199 19.01 67.56 -14.29
N ASN B 200 18.35 66.96 -15.29
CA ASN B 200 18.97 65.97 -16.18
C ASN B 200 19.43 64.72 -15.44
N ASN B 201 20.26 64.88 -14.41
CA ASN B 201 20.80 63.72 -13.71
C ASN B 201 19.71 62.98 -12.93
N ARG B 202 18.71 63.70 -12.43
CA ARG B 202 17.60 63.05 -11.75
C ARG B 202 16.85 62.12 -12.71
N LEU B 203 16.76 62.51 -13.98
CA LEU B 203 16.15 61.64 -14.98
C LEU B 203 16.93 60.34 -15.11
N GLU B 204 18.27 60.45 -15.21
CA GLU B 204 19.09 59.25 -15.29
C GLU B 204 18.97 58.40 -14.05
N GLN B 205 18.77 59.02 -12.89
CA GLN B 205 18.57 58.26 -11.66
C GLN B 205 17.29 57.44 -11.72
N GLU B 206 16.20 58.06 -12.16
CA GLU B 206 14.91 57.36 -12.23
C GLU B 206 14.95 56.27 -13.28
N LEU B 207 15.66 56.50 -14.39
CA LEU B 207 15.76 55.46 -15.42
C LEU B 207 16.53 54.26 -14.91
N VAL B 208 17.55 54.48 -14.08
CA VAL B 208 18.31 53.37 -13.52
C VAL B 208 17.44 52.57 -12.55
N LEU B 209 16.68 53.25 -11.69
CA LEU B 209 15.80 52.56 -10.76
C LEU B 209 14.77 51.73 -11.52
N LEU B 210 14.25 52.27 -12.61
CA LEU B 210 13.24 51.56 -13.38
C LEU B 210 13.81 50.32 -14.06
N ALA B 211 15.05 50.41 -14.57
CA ALA B 211 15.66 49.26 -15.22
C ALA B 211 15.93 48.15 -14.22
N GLN B 212 16.26 48.50 -12.98
CA GLN B 212 16.50 47.48 -11.96
C GLN B 212 15.24 46.72 -11.63
N ARG B 213 14.09 47.41 -11.60
CA ARG B 213 12.86 46.75 -11.19
C ARG B 213 12.37 45.77 -12.25
N ILE B 214 12.52 46.11 -13.53
CA ILE B 214 12.05 45.25 -14.61
C ILE B 214 13.10 44.23 -15.03
N ASP B 215 14.30 44.29 -14.48
CA ASP B 215 15.37 43.39 -14.89
C ASP B 215 15.06 41.98 -14.43
N VAL B 216 15.20 41.02 -15.35
CA VAL B 216 14.94 39.62 -15.04
C VAL B 216 16.12 38.77 -15.48
N ALA B 217 17.24 39.43 -15.80
CA ALA B 217 18.40 38.73 -16.33
C ALA B 217 18.95 37.72 -15.33
N GLU B 218 18.85 38.01 -14.03
CA GLU B 218 19.31 37.05 -13.02
C GLU B 218 18.46 35.79 -13.03
N GLU B 219 17.13 35.94 -13.07
CA GLU B 219 16.27 34.76 -13.15
C GLU B 219 16.34 34.11 -14.53
N LEU B 220 16.58 34.91 -15.58
CA LEU B 220 16.69 34.36 -16.92
C LEU B 220 17.97 33.57 -17.08
N ASP B 221 19.08 34.07 -16.53
CA ASP B 221 20.32 33.29 -16.55
C ASP B 221 20.22 32.05 -15.68
N ARG B 222 19.45 32.13 -14.59
CA ARG B 222 19.32 30.99 -13.69
C ARG B 222 18.45 29.90 -14.29
N LEU B 223 17.50 30.27 -15.15
CA LEU B 223 16.73 29.27 -15.89
C LEU B 223 17.60 28.51 -16.87
N GLU B 224 18.48 29.21 -17.58
CA GLU B 224 19.39 28.55 -18.51
C GLU B 224 20.40 27.67 -17.78
N ALA B 225 20.77 28.05 -16.55
CA ALA B 225 21.66 27.19 -15.77
C ALA B 225 20.92 25.94 -15.29
N HIS B 226 19.59 26.03 -15.14
CA HIS B 226 18.81 24.87 -14.70
C HIS B 226 18.61 23.84 -15.81
N VAL B 227 18.52 24.29 -17.07
CA VAL B 227 18.34 23.33 -18.15
C VAL B 227 19.63 22.57 -18.42
N LYS B 228 20.79 23.22 -18.22
CA LYS B 228 22.06 22.52 -18.40
C LYS B 228 22.25 21.46 -17.32
N GLU B 229 21.90 21.78 -16.08
CA GLU B 229 21.99 20.79 -15.02
C GLU B 229 20.95 19.69 -15.18
N THR B 230 19.79 20.02 -15.77
CA THR B 230 18.76 19.00 -15.97
C THR B 230 19.18 17.98 -17.02
N TYR B 231 19.81 18.44 -18.11
CA TYR B 231 20.36 17.50 -19.09
C TYR B 231 21.43 16.62 -18.48
N ASN B 232 22.30 17.20 -17.66
CA ASN B 232 23.33 16.41 -16.98
C ASN B 232 22.70 15.40 -16.02
N ILE B 233 21.63 15.80 -15.34
CA ILE B 233 20.96 14.88 -14.42
C ILE B 233 20.36 13.70 -15.18
N LEU B 234 19.78 13.96 -16.35
CA LEU B 234 19.28 12.88 -17.19
C LEU B 234 20.42 11.98 -17.66
N LYS B 235 21.58 12.56 -17.91
CA LYS B 235 22.75 11.76 -18.27
C LYS B 235 23.17 10.86 -17.10
N LYS B 236 23.18 11.40 -15.89
CA LYS B 236 23.49 10.58 -14.71
C LYS B 236 22.37 9.57 -14.48
N LYS B 237 22.76 8.34 -14.16
CA LYS B 237 21.83 7.25 -13.93
C LYS B 237 21.82 6.81 -12.46
N GLU B 238 22.05 7.75 -11.55
CA GLU B 238 22.08 7.47 -10.12
C GLU B 238 21.25 8.52 -9.39
N ALA B 239 20.22 8.06 -8.67
CA ALA B 239 19.32 8.94 -7.92
C ALA B 239 18.71 10.00 -8.83
N VAL B 240 18.20 9.55 -9.98
CA VAL B 240 17.69 10.49 -10.97
C VAL B 240 16.32 11.02 -10.55
N GLY B 241 15.51 10.18 -9.90
CA GLY B 241 14.16 10.60 -9.56
C GLY B 241 14.13 11.67 -8.47
N ARG B 242 14.89 11.45 -7.39
CA ARG B 242 14.88 12.42 -6.30
C ARG B 242 15.55 13.73 -6.70
N ARG B 243 16.61 13.65 -7.50
CA ARG B 243 17.33 14.86 -7.91
C ARG B 243 16.55 15.65 -8.94
N LEU B 244 15.72 14.99 -9.75
CA LEU B 244 14.99 15.69 -10.80
C LEU B 244 13.78 16.43 -10.25
N ASP B 245 13.20 15.96 -9.15
CA ASP B 245 12.10 16.68 -8.52
C ASP B 245 12.57 18.05 -8.03
N PHE B 246 13.78 18.13 -7.50
CA PHE B 246 14.28 19.40 -6.98
C PHE B 246 14.41 20.43 -8.09
N MET B 247 14.82 20.00 -9.29
CA MET B 247 14.95 20.94 -10.40
C MET B 247 13.60 21.53 -10.81
N MET B 248 12.52 20.74 -10.70
CA MET B 248 11.21 21.26 -11.08
C MET B 248 10.75 22.37 -10.14
N GLN B 249 11.06 22.25 -8.85
CA GLN B 249 10.74 23.31 -7.91
C GLN B 249 11.58 24.55 -8.20
N GLU B 250 12.84 24.37 -8.59
CA GLU B 250 13.67 25.50 -8.97
C GLU B 250 13.22 26.11 -10.29
N PHE B 251 12.85 25.26 -11.25
CA PHE B 251 12.25 25.77 -12.49
C PHE B 251 11.01 26.60 -12.19
N ASN B 252 10.11 26.07 -11.35
CA ASN B 252 8.88 26.77 -11.03
C ASN B 252 9.14 28.00 -10.18
N ARG B 253 10.22 27.98 -9.38
CA ARG B 253 10.56 29.15 -8.56
C ARG B 253 10.98 30.32 -9.44
N GLU B 254 11.82 30.06 -10.45
CA GLU B 254 12.28 31.15 -11.31
C GLU B 254 11.18 31.64 -12.23
N SER B 255 10.27 30.74 -12.65
CA SER B 255 9.17 31.16 -13.50
C SER B 255 8.21 32.08 -12.75
N ASN B 256 7.96 31.80 -11.47
CA ASN B 256 7.06 32.64 -10.70
C ASN B 256 7.65 34.03 -10.45
N THR B 257 8.93 34.09 -10.08
CA THR B 257 9.57 35.39 -9.91
C THR B 257 9.69 36.14 -11.22
N LEU B 258 9.82 35.41 -12.34
CA LEU B 258 9.85 36.06 -13.64
C LEU B 258 8.50 36.68 -13.97
N ALA B 259 7.41 35.94 -13.70
CA ALA B 259 6.08 36.46 -13.98
C ALA B 259 5.75 37.66 -13.10
N SER B 260 6.32 37.71 -11.89
CA SER B 260 6.04 38.84 -11.00
C SER B 260 6.67 40.12 -11.51
N LYS B 261 7.90 40.04 -12.02
CA LYS B 261 8.59 41.21 -12.55
C LYS B 261 8.28 41.48 -14.02
N SER B 262 7.37 40.71 -14.61
CA SER B 262 7.04 40.89 -16.03
C SER B 262 6.18 42.13 -16.19
N ILE B 263 6.71 43.15 -16.88
CA ILE B 263 5.95 44.35 -17.18
C ILE B 263 5.23 44.26 -18.51
N ASN B 264 5.59 43.29 -19.35
CA ASN B 264 5.00 43.14 -20.68
C ASN B 264 4.10 41.92 -20.72
N ALA B 265 3.01 42.02 -21.47
CA ALA B 265 2.05 40.92 -21.54
C ALA B 265 2.62 39.72 -22.29
N GLU B 266 3.44 39.97 -23.31
CA GLU B 266 4.05 38.87 -24.05
C GLU B 266 5.08 38.14 -23.20
N VAL B 267 5.75 38.84 -22.28
CA VAL B 267 6.65 38.17 -21.35
C VAL B 267 5.84 37.36 -20.34
N THR B 268 4.71 37.91 -19.87
CA THR B 268 3.87 37.18 -18.92
C THR B 268 3.31 35.92 -19.56
N ASN B 269 2.92 35.99 -20.84
CA ASN B 269 2.45 34.80 -21.53
C ASN B 269 3.57 33.77 -21.69
N SER B 270 4.80 34.25 -21.90
CA SER B 270 5.93 33.33 -21.97
C SER B 270 6.21 32.67 -20.64
N ALA B 271 6.01 33.41 -19.54
CA ALA B 271 6.17 32.82 -18.21
C ALA B 271 5.12 31.74 -17.96
N ILE B 272 3.90 31.95 -18.45
CA ILE B 272 2.84 30.95 -18.31
C ILE B 272 3.19 29.70 -19.12
N GLU B 273 3.70 29.89 -20.34
CA GLU B 273 4.14 28.75 -21.13
C GLU B 273 5.26 27.98 -20.44
N LEU B 274 6.12 28.67 -19.69
CA LEU B 274 7.13 27.98 -18.91
C LEU B 274 6.49 27.13 -17.83
N LYS B 275 5.51 27.68 -17.11
CA LYS B 275 4.84 26.93 -16.07
C LYS B 275 4.01 25.77 -16.62
N VAL B 276 3.61 25.85 -17.88
CA VAL B 276 2.93 24.72 -18.52
C VAL B 276 3.94 23.63 -18.87
N LEU B 277 5.11 24.03 -19.38
CA LEU B 277 6.13 23.04 -19.72
C LEU B 277 6.66 22.35 -18.47
N ILE B 278 6.76 23.09 -17.36
CA ILE B 278 7.22 22.50 -16.10
C ILE B 278 6.20 21.49 -15.59
N GLU B 279 4.91 21.79 -15.71
CA GLU B 279 3.89 20.84 -15.28
C GLU B 279 3.88 19.60 -16.17
N GLN B 280 4.14 19.77 -17.48
CA GLN B 280 4.21 18.63 -18.37
C GLN B 280 5.43 17.76 -18.05
N MET B 281 6.55 18.38 -17.67
CA MET B 281 7.71 17.60 -17.24
C MET B 281 7.42 16.89 -15.92
N ARG B 282 6.70 17.55 -15.01
CA ARG B 282 6.37 16.92 -13.74
C ARG B 282 5.49 15.68 -13.93
N GLU B 283 4.70 15.63 -15.01
CA GLU B 283 3.88 14.46 -15.25
C GLU B 283 4.73 13.24 -15.55
N GLN B 284 5.84 13.42 -16.26
CA GLN B 284 6.69 12.29 -16.61
C GLN B 284 7.58 11.86 -15.47
N ILE B 285 7.99 12.80 -14.61
CA ILE B 285 8.96 12.49 -13.57
C ILE B 285 8.34 11.64 -12.47
N GLN B 286 7.03 11.77 -12.24
CA GLN B 286 6.38 10.90 -11.27
C GLN B 286 6.30 9.46 -11.79
N ASN B 287 6.44 9.25 -13.09
CA ASN B 287 6.46 7.90 -13.64
C ASN B 287 7.84 7.26 -13.56
N ILE B 288 8.90 8.06 -13.61
CA ILE B 288 10.25 7.51 -13.57
C ILE B 288 10.56 7.10 -12.14
N GLU B 289 11.67 6.38 -11.96
CA GLU B 289 12.09 5.90 -10.65
C GLU B 289 12.22 7.03 -9.64
N MET C 3 -29.70 36.42 2.24
CA MET C 3 -29.90 34.98 2.45
C MET C 3 -28.58 34.22 2.37
N ILE C 4 -27.60 34.63 3.18
CA ILE C 4 -26.30 33.99 3.14
C ILE C 4 -26.42 32.57 3.70
N ARG C 5 -25.49 31.71 3.29
CA ARG C 5 -25.54 30.29 3.63
C ARG C 5 -24.19 29.84 4.16
N SER C 6 -24.21 28.97 5.17
CA SER C 6 -22.99 28.36 5.65
C SER C 6 -22.63 27.15 4.80
N MET C 7 -21.34 26.83 4.77
CA MET C 7 -20.90 25.70 3.95
C MET C 7 -21.14 24.37 4.64
N THR C 8 -21.05 24.34 5.97
CA THR C 8 -21.24 23.11 6.72
C THR C 8 -22.72 22.90 7.04
N ALA C 9 -23.25 21.75 6.64
CA ALA C 9 -24.64 21.41 6.90
C ALA C 9 -24.84 19.92 6.66
N TYR C 10 -25.92 19.39 7.23
CA TYR C 10 -26.25 17.98 7.12
C TYR C 10 -27.76 17.83 6.96
N ALA C 11 -28.15 16.83 6.17
CA ALA C 11 -29.56 16.54 5.94
C ALA C 11 -29.70 15.12 5.42
N ARG C 12 -30.73 14.42 5.88
CA ARG C 12 -31.03 13.07 5.42
C ARG C 12 -32.52 12.94 5.18
N ARG C 13 -32.89 12.01 4.30
CA ARG C 13 -34.28 11.70 4.01
C ARG C 13 -34.39 10.23 3.62
N GLU C 14 -35.44 9.58 4.13
CA GLU C 14 -35.72 8.18 3.81
C GLU C 14 -37.12 8.06 3.24
N ILE C 15 -37.24 7.35 2.11
CA ILE C 15 -38.53 7.06 1.49
C ILE C 15 -38.81 5.58 1.64
N LYS C 16 -40.05 5.24 1.98
CA LYS C 16 -40.48 3.86 2.18
C LYS C 16 -41.50 3.49 1.12
N GLY C 17 -41.41 2.26 0.63
CA GLY C 17 -42.36 1.74 -0.33
C GLY C 17 -42.40 0.23 -0.26
N GLU C 18 -43.37 -0.34 -0.99
CA GLU C 18 -43.49 -1.80 -1.03
C GLU C 18 -42.30 -2.44 -1.72
N TRP C 19 -41.71 -1.75 -2.70
CA TRP C 19 -40.50 -2.25 -3.35
C TRP C 19 -39.34 -2.31 -2.37
N GLY C 20 -39.29 -1.37 -1.42
CA GLY C 20 -38.18 -1.29 -0.49
C GLY C 20 -38.06 0.11 0.04
N SER C 21 -36.89 0.38 0.65
CA SER C 21 -36.62 1.68 1.25
C SER C 21 -35.27 2.19 0.76
N ALA C 22 -35.22 3.49 0.50
CA ALA C 22 -34.00 4.16 0.09
C ALA C 22 -33.76 5.36 0.99
N THR C 23 -32.50 5.77 1.10
CA THR C 23 -32.11 6.83 2.01
C THR C 23 -31.04 7.70 1.39
N TRP C 24 -31.30 9.00 1.32
CA TRP C 24 -30.28 9.98 0.93
C TRP C 24 -29.66 10.60 2.18
N GLU C 25 -28.36 10.86 2.11
CA GLU C 25 -27.64 11.46 3.23
C GLU C 25 -26.60 12.43 2.67
N MET C 26 -26.69 13.70 3.07
CA MET C 26 -25.79 14.74 2.62
C MET C 26 -25.10 15.39 3.81
N ARG C 27 -23.78 15.52 3.71
CA ARG C 27 -22.98 16.24 4.70
C ARG C 27 -21.95 17.07 3.96
N SER C 28 -21.63 18.24 4.52
CA SER C 28 -20.73 19.17 3.86
C SER C 28 -19.83 19.86 4.88
N VAL C 29 -18.69 20.35 4.39
CA VAL C 29 -17.74 21.11 5.17
C VAL C 29 -17.21 22.25 4.31
N ASN C 30 -16.38 23.10 4.91
CA ASN C 30 -15.89 24.28 4.21
C ASN C 30 -14.85 23.90 3.15
N GLN C 31 -14.85 24.65 2.06
CA GLN C 31 -13.88 24.48 0.99
C GLN C 31 -13.76 25.78 0.23
N ARG C 32 -12.63 25.94 -0.47
CA ARG C 32 -12.44 27.13 -1.30
C ARG C 32 -13.33 27.08 -2.53
N TYR C 33 -13.47 25.91 -3.15
CA TYR C 33 -14.36 25.75 -4.29
C TYR C 33 -15.39 24.65 -4.01
N LEU C 34 -16.02 24.13 -5.04
CA LEU C 34 -17.05 23.10 -4.88
C LEU C 34 -16.46 21.75 -5.26
N GLU C 35 -16.52 20.80 -4.32
CA GLU C 35 -16.09 19.43 -4.56
C GLU C 35 -17.19 18.50 -4.07
N THR C 36 -17.74 17.70 -4.98
CA THR C 36 -18.84 16.79 -4.67
C THR C 36 -18.39 15.35 -4.81
N TYR C 37 -18.76 14.52 -3.84
CA TYR C 37 -18.41 13.10 -3.83
C TYR C 37 -19.68 12.29 -3.61
N PHE C 38 -19.86 11.25 -4.42
CA PHE C 38 -21.10 10.48 -4.44
C PHE C 38 -20.82 9.02 -4.15
N ARG C 39 -21.64 8.43 -3.27
CA ARG C 39 -21.60 7.01 -2.96
C ARG C 39 -22.97 6.43 -3.33
N LEU C 40 -23.01 5.61 -4.37
CA LEU C 40 -24.26 5.13 -4.94
C LEU C 40 -24.22 3.62 -5.10
N PRO C 41 -25.38 2.97 -5.05
CA PRO C 41 -25.43 1.52 -5.31
C PRO C 41 -25.12 1.21 -6.76
N GLU C 42 -24.79 -0.06 -7.01
CA GLU C 42 -24.46 -0.49 -8.37
C GLU C 42 -25.65 -0.38 -9.30
N GLN C 43 -26.87 -0.60 -8.78
CA GLN C 43 -28.05 -0.50 -9.64
C GLN C 43 -28.29 0.92 -10.08
N PHE C 44 -28.00 1.90 -9.21
CA PHE C 44 -28.24 3.31 -9.50
C PHE C 44 -26.95 4.07 -9.80
N ARG C 45 -25.93 3.37 -10.29
CA ARG C 45 -24.71 4.05 -10.73
C ARG C 45 -25.01 5.02 -11.87
N SER C 46 -25.94 4.64 -12.76
CA SER C 46 -26.26 5.47 -13.91
C SER C 46 -26.85 6.83 -13.52
N LEU C 47 -27.30 6.97 -12.27
CA LEU C 47 -27.86 8.23 -11.80
C LEU C 47 -26.79 9.24 -11.40
N GLU C 48 -25.51 8.86 -11.42
CA GLU C 48 -24.46 9.77 -10.96
C GLU C 48 -24.37 11.06 -11.76
N PRO C 49 -24.38 11.04 -13.10
CA PRO C 49 -24.35 12.33 -13.82
C PRO C 49 -25.58 13.18 -13.59
N VAL C 50 -26.73 12.57 -13.31
CA VAL C 50 -27.94 13.34 -13.06
C VAL C 50 -27.90 13.96 -11.67
N VAL C 51 -27.57 13.16 -10.66
CA VAL C 51 -27.55 13.65 -9.28
C VAL C 51 -26.49 14.73 -9.10
N ARG C 52 -25.41 14.67 -9.89
CA ARG C 52 -24.36 15.69 -9.77
C ARG C 52 -24.84 17.05 -10.24
N GLU C 53 -25.57 17.09 -11.37
CA GLU C 53 -26.04 18.37 -11.90
C GLU C 53 -27.01 19.04 -10.94
N ARG C 54 -27.73 18.26 -10.14
CA ARG C 54 -28.71 18.82 -9.22
C ARG C 54 -28.03 19.39 -7.98
N ILE C 55 -27.05 18.67 -7.44
CA ILE C 55 -26.23 19.22 -6.35
C ILE C 55 -25.50 20.47 -6.83
N ARG C 56 -24.97 20.42 -8.06
CA ARG C 56 -24.20 21.54 -8.59
C ARG C 56 -25.05 22.78 -8.77
N SER C 57 -26.35 22.61 -9.08
CA SER C 57 -27.19 23.75 -9.41
C SER C 57 -27.50 24.60 -8.19
N ARG C 58 -27.72 23.96 -7.04
CA ARG C 58 -28.11 24.65 -5.82
C ARG C 58 -26.94 25.01 -4.91
N LEU C 59 -25.74 24.51 -5.20
CA LEU C 59 -24.56 24.76 -4.38
C LEU C 59 -23.46 25.38 -5.22
N THR C 60 -22.78 26.37 -4.65
CA THR C 60 -21.69 27.06 -5.31
C THR C 60 -20.32 26.68 -4.78
N ARG C 61 -20.17 26.55 -3.46
CA ARG C 61 -18.90 26.17 -2.86
C ARG C 61 -19.15 25.18 -1.73
N GLY C 62 -18.10 24.45 -1.36
CA GLY C 62 -18.17 23.49 -0.29
C GLY C 62 -17.76 22.09 -0.74
N LYS C 63 -17.56 21.23 0.25
CA LYS C 63 -17.20 19.83 0.02
C LYS C 63 -18.33 18.97 0.57
N VAL C 64 -19.19 18.48 -0.31
CA VAL C 64 -20.33 17.66 0.10
C VAL C 64 -20.01 16.21 -0.24
N GLU C 65 -20.52 15.30 0.59
CA GLU C 65 -20.46 13.87 0.34
C GLU C 65 -21.88 13.34 0.36
N CYS C 66 -22.37 12.90 -0.81
CA CYS C 66 -23.74 12.46 -0.99
C CYS C 66 -23.76 10.94 -1.10
N THR C 67 -24.42 10.28 -0.16
CA THR C 67 -24.51 8.83 -0.11
C THR C 67 -25.95 8.39 -0.24
N LEU C 68 -26.16 7.30 -0.98
CA LEU C 68 -27.49 6.72 -1.21
C LEU C 68 -27.46 5.25 -0.84
N ARG C 69 -28.38 4.84 0.03
CA ARG C 69 -28.50 3.45 0.45
C ARG C 69 -29.81 2.89 -0.07
N TYR C 70 -29.72 1.87 -0.91
CA TYR C 70 -30.89 1.22 -1.51
C TYR C 70 -31.07 -0.16 -0.87
N GLU C 71 -32.20 -0.34 -0.17
CA GLU C 71 -32.47 -1.56 0.58
C GLU C 71 -33.76 -2.18 0.06
N PRO C 72 -33.70 -3.02 -0.96
CA PRO C 72 -34.92 -3.66 -1.47
C PRO C 72 -35.43 -4.73 -0.51
N ASP C 73 -36.75 -4.82 -0.40
CA ASP C 73 -37.36 -5.83 0.44
C ASP C 73 -37.10 -7.22 -0.13
N VAL C 74 -36.79 -8.16 0.76
CA VAL C 74 -36.47 -9.53 0.37
C VAL C 74 -37.79 -10.24 0.09
N SER C 75 -38.06 -10.52 -1.18
CA SER C 75 -39.31 -11.17 -1.58
C SER C 75 -39.02 -12.22 -2.65
N ALA C 76 -39.58 -13.41 -2.45
CA ALA C 76 -39.58 -14.45 -3.47
C ALA C 76 -40.81 -14.38 -4.36
N GLN C 77 -41.59 -13.29 -4.27
CA GLN C 77 -42.83 -13.20 -5.03
C GLN C 77 -42.58 -13.02 -6.52
N GLY C 78 -41.44 -12.43 -6.88
CA GLY C 78 -41.08 -12.20 -8.27
C GLY C 78 -41.05 -13.49 -9.08
N GLU C 79 -41.75 -13.48 -10.21
CA GLU C 79 -41.84 -14.66 -11.06
C GLU C 79 -40.47 -15.05 -11.61
N LEU C 80 -40.24 -16.35 -11.72
CA LEU C 80 -39.00 -16.89 -12.25
C LEU C 80 -39.24 -17.35 -13.68
N ILE C 81 -38.47 -16.79 -14.62
CA ILE C 81 -38.59 -17.18 -16.02
C ILE C 81 -38.02 -18.58 -16.21
N LEU C 82 -38.71 -19.38 -17.00
CA LEU C 82 -38.25 -20.74 -17.33
C LEU C 82 -37.44 -20.68 -18.62
N ASN C 83 -36.12 -20.83 -18.49
CA ASN C 83 -35.25 -20.88 -19.66
C ASN C 83 -35.56 -22.12 -20.48
N GLU C 84 -36.49 -22.01 -21.42
CA GLU C 84 -36.86 -23.16 -22.25
C GLU C 84 -35.67 -23.65 -23.06
N LYS C 85 -34.82 -22.74 -23.52
CA LYS C 85 -33.66 -23.13 -24.31
C LYS C 85 -32.72 -24.02 -23.49
N LEU C 86 -32.33 -23.55 -22.31
CA LEU C 86 -31.37 -24.30 -21.50
C LEU C 86 -31.96 -25.63 -21.03
N ALA C 87 -33.26 -25.66 -20.74
CA ALA C 87 -33.88 -26.91 -20.30
C ALA C 87 -33.83 -27.97 -21.39
N LYS C 88 -34.10 -27.58 -22.63
CA LYS C 88 -33.99 -28.52 -23.75
C LYS C 88 -32.54 -28.94 -23.98
N GLN C 89 -31.57 -28.06 -23.69
CA GLN C 89 -30.17 -28.43 -23.82
C GLN C 89 -29.81 -29.53 -22.81
N LEU C 90 -30.40 -29.49 -21.63
CA LEU C 90 -30.09 -30.47 -20.60
C LEU C 90 -30.81 -31.80 -20.82
N VAL C 91 -32.02 -31.74 -21.38
CA VAL C 91 -32.77 -32.98 -21.64
C VAL C 91 -32.09 -33.80 -22.73
N THR C 92 -31.61 -33.14 -23.78
CA THR C 92 -30.90 -33.86 -24.84
C THR C 92 -29.57 -34.40 -24.34
N ALA C 93 -28.90 -33.67 -23.45
CA ALA C 93 -27.67 -34.18 -22.87
C ALA C 93 -27.94 -35.38 -21.96
N ALA C 94 -29.04 -35.34 -21.21
CA ALA C 94 -29.39 -36.47 -20.35
C ALA C 94 -29.81 -37.67 -21.18
N ASN C 95 -30.41 -37.43 -22.35
CA ASN C 95 -30.76 -38.55 -23.23
C ASN C 95 -29.52 -39.31 -23.67
N TRP C 96 -28.41 -38.61 -23.90
CA TRP C 96 -27.17 -39.27 -24.26
C TRP C 96 -26.69 -40.18 -23.14
N VAL C 97 -26.78 -39.70 -21.89
CA VAL C 97 -26.39 -40.52 -20.75
C VAL C 97 -27.31 -41.74 -20.63
N LYS C 98 -28.60 -41.55 -20.92
CA LYS C 98 -29.53 -42.67 -20.89
C LYS C 98 -29.18 -43.70 -21.96
N MET C 99 -28.62 -43.26 -23.09
CA MET C 99 -28.26 -44.20 -24.14
C MET C 99 -27.03 -45.01 -23.74
N GLN C 100 -26.09 -44.39 -23.03
CA GLN C 100 -24.91 -45.12 -22.56
C GLN C 100 -25.29 -46.10 -21.45
N SER C 101 -26.04 -45.62 -20.45
CA SER C 101 -26.45 -46.48 -19.34
C SER C 101 -27.55 -47.46 -19.74
N ASP C 102 -28.24 -47.19 -20.85
CA ASP C 102 -29.36 -48.01 -21.33
C ASP C 102 -30.51 -48.06 -20.33
N GLU C 103 -30.57 -47.09 -19.42
CA GLU C 103 -31.62 -47.05 -18.41
C GLU C 103 -31.64 -45.64 -17.80
N GLY C 104 -32.65 -45.38 -17.00
CA GLY C 104 -32.77 -44.12 -16.29
C GLY C 104 -34.01 -43.35 -16.68
N GLU C 105 -34.30 -42.33 -15.87
CA GLU C 105 -35.44 -41.47 -16.08
C GLU C 105 -35.07 -40.05 -15.66
N ILE C 106 -35.47 -39.07 -16.46
CA ILE C 106 -35.15 -37.68 -16.20
C ILE C 106 -36.17 -37.11 -15.21
N ASN C 107 -35.67 -36.60 -14.08
CA ASN C 107 -36.52 -35.97 -13.08
C ASN C 107 -36.75 -34.52 -13.47
N PRO C 108 -38.00 -34.07 -13.65
CA PRO C 108 -38.23 -32.68 -14.07
C PRO C 108 -37.82 -31.66 -13.03
N VAL C 109 -38.04 -31.96 -11.74
CA VAL C 109 -37.68 -31.01 -10.70
C VAL C 109 -36.16 -30.82 -10.65
N ASP C 110 -35.41 -31.89 -10.91
CA ASP C 110 -33.95 -31.78 -10.92
C ASP C 110 -33.48 -30.87 -12.05
N ILE C 111 -34.15 -30.91 -13.19
CA ILE C 111 -33.81 -30.01 -14.29
C ILE C 111 -34.04 -28.56 -13.87
N LEU C 112 -35.13 -28.32 -13.14
CA LEU C 112 -35.40 -26.96 -12.67
C LEU C 112 -34.36 -26.51 -11.64
N ARG C 113 -33.89 -27.43 -10.80
CA ARG C 113 -32.89 -27.07 -9.81
C ARG C 113 -31.53 -26.75 -10.44
N TRP C 114 -31.30 -27.20 -11.67
CA TRP C 114 -30.04 -26.90 -12.34
C TRP C 114 -29.90 -25.39 -12.50
N PRO C 115 -28.73 -24.82 -12.22
CA PRO C 115 -28.59 -23.36 -12.24
C PRO C 115 -28.84 -22.78 -13.63
N GLY C 116 -29.62 -21.69 -13.66
CA GLY C 116 -29.94 -21.01 -14.89
C GLY C 116 -31.25 -21.42 -15.53
N VAL C 117 -31.78 -22.58 -15.19
CA VAL C 117 -33.05 -23.02 -15.78
C VAL C 117 -34.20 -22.14 -15.32
N MET C 118 -34.21 -21.78 -14.03
CA MET C 118 -35.17 -20.84 -13.48
C MET C 118 -34.43 -19.57 -13.10
N ALA C 119 -34.73 -18.48 -13.81
CA ALA C 119 -34.05 -17.20 -13.62
C ALA C 119 -35.04 -16.17 -13.11
N ALA C 120 -34.66 -15.42 -12.09
CA ALA C 120 -35.51 -14.38 -11.53
C ALA C 120 -35.67 -13.24 -12.53
N GLN C 121 -36.89 -12.72 -12.61
CA GLN C 121 -37.18 -11.61 -13.52
C GLN C 121 -36.41 -10.36 -13.11
N GLU C 122 -35.78 -9.70 -14.08
CA GLU C 122 -35.05 -8.48 -13.81
C GLU C 122 -36.01 -7.37 -13.37
N GLN C 123 -35.66 -6.67 -12.30
CA GLN C 123 -36.51 -5.61 -11.77
C GLN C 123 -36.26 -4.32 -12.53
N ASP C 124 -37.29 -3.81 -13.21
CA ASP C 124 -37.20 -2.53 -13.90
C ASP C 124 -37.26 -1.43 -12.87
N LEU C 125 -36.11 -0.82 -12.58
CA LEU C 125 -35.98 0.18 -11.53
C LEU C 125 -36.18 1.60 -12.05
N ASP C 126 -36.74 1.77 -13.24
CA ASP C 126 -37.03 3.10 -13.75
C ASP C 126 -38.06 3.82 -12.89
N ALA C 127 -39.10 3.10 -12.47
CA ALA C 127 -40.10 3.72 -11.61
C ALA C 127 -39.55 4.01 -10.22
N ILE C 128 -38.61 3.19 -9.75
CA ILE C 128 -38.01 3.41 -8.44
C ILE C 128 -37.00 4.55 -8.52
N ALA C 129 -36.28 4.67 -9.63
CA ALA C 129 -35.27 5.73 -9.74
C ALA C 129 -35.92 7.11 -9.72
N ALA C 130 -37.03 7.28 -10.44
CA ALA C 130 -37.75 8.54 -10.41
C ALA C 130 -38.24 8.87 -9.00
N GLU C 131 -38.58 7.84 -8.23
CA GLU C 131 -39.00 8.07 -6.84
C GLU C 131 -37.80 8.44 -5.97
N ILE C 132 -36.63 7.88 -6.27
CA ILE C 132 -35.43 8.22 -5.51
C ILE C 132 -34.93 9.61 -5.86
N LEU C 133 -34.98 9.97 -7.14
CA LEU C 133 -34.59 11.32 -7.54
C LEU C 133 -35.48 12.38 -6.90
N ALA C 134 -36.77 12.09 -6.75
CA ALA C 134 -37.65 13.02 -6.06
C ALA C 134 -37.28 13.17 -4.59
N ALA C 135 -36.75 12.11 -3.97
CA ALA C 135 -36.29 12.21 -2.59
C ALA C 135 -35.02 13.04 -2.48
N LEU C 136 -34.21 13.08 -3.54
CA LEU C 136 -33.01 13.91 -3.53
C LEU C 136 -33.37 15.39 -3.48
N ASP C 137 -34.41 15.80 -4.23
CA ASP C 137 -34.84 17.18 -4.19
C ASP C 137 -35.27 17.59 -2.80
N GLY C 138 -35.99 16.72 -2.09
CA GLY C 138 -36.38 17.03 -0.73
C GLY C 138 -35.18 17.13 0.20
N THR C 139 -34.17 16.28 -0.02
CA THR C 139 -32.97 16.33 0.80
C THR C 139 -32.19 17.62 0.55
N LEU C 140 -32.11 18.04 -0.72
CA LEU C 140 -31.41 19.29 -1.04
C LEU C 140 -32.12 20.48 -0.41
N ASP C 141 -33.46 20.49 -0.44
CA ASP C 141 -34.20 21.58 0.18
C ASP C 141 -33.96 21.62 1.69
N ASP C 142 -33.97 20.45 2.33
CA ASP C 142 -33.61 20.40 3.75
C ASP C 142 -32.16 20.76 3.97
N PHE C 143 -31.29 20.47 3.00
CA PHE C 143 -29.89 20.81 3.14
C PHE C 143 -29.68 22.33 3.02
N ILE C 144 -30.46 22.99 2.17
CA ILE C 144 -30.30 24.43 1.97
C ILE C 144 -30.80 25.19 3.19
N VAL C 145 -31.94 24.78 3.75
CA VAL C 145 -32.46 25.48 4.92
C VAL C 145 -31.54 25.26 6.13
N ALA C 146 -30.82 24.15 6.17
CA ALA C 146 -29.83 23.95 7.22
C ALA C 146 -28.64 24.89 7.03
N ARG C 147 -28.28 25.14 5.76
CA ARG C 147 -27.23 26.12 5.48
C ARG C 147 -27.69 27.52 5.85
N GLU C 148 -28.92 27.88 5.47
CA GLU C 148 -29.41 29.23 5.73
C GLU C 148 -29.63 29.47 7.21
N THR C 149 -30.01 28.44 7.96
CA THR C 149 -30.21 28.60 9.40
C THR C 149 -28.89 28.90 10.10
N GLU C 150 -27.86 28.12 9.80
CA GLU C 150 -26.54 28.39 10.39
C GLU C 150 -25.94 29.66 9.83
N GLY C 151 -26.24 30.00 8.57
CA GLY C 151 -25.71 31.22 7.99
C GLY C 151 -26.25 32.47 8.65
N GLN C 152 -27.48 32.42 9.15
CA GLN C 152 -28.05 33.59 9.83
C GLN C 152 -27.33 33.86 11.14
N ALA C 153 -26.91 32.80 11.85
CA ALA C 153 -26.14 33.01 13.07
C ALA C 153 -24.79 33.63 12.77
N LEU C 154 -24.16 33.23 11.67
CA LEU C 154 -22.89 33.83 11.28
C LEU C 154 -23.07 35.30 10.91
N LYS C 155 -24.19 35.62 10.24
CA LYS C 155 -24.46 37.00 9.87
C LYS C 155 -24.61 37.88 11.11
N ALA C 156 -25.32 37.39 12.13
CA ALA C 156 -25.50 38.18 13.34
C ALA C 156 -24.18 38.36 14.08
N LEU C 157 -23.30 37.35 14.04
CA LEU C 157 -22.02 37.46 14.74
C LEU C 157 -21.10 38.44 14.02
N ILE C 158 -21.17 38.48 12.68
CA ILE C 158 -20.37 39.45 11.93
C ILE C 158 -20.87 40.87 12.17
N GLU C 159 -22.20 41.05 12.14
CA GLU C 159 -22.76 42.38 12.38
C GLU C 159 -22.44 42.89 13.77
N GLN C 160 -22.40 41.98 14.76
CA GLN C 160 -21.99 42.37 16.10
C GLN C 160 -20.54 42.87 16.10
N ARG C 161 -19.67 42.22 15.32
CA ARG C 161 -18.29 42.66 15.23
C ARG C 161 -18.17 43.99 14.49
N LEU C 162 -18.99 44.18 13.46
CA LEU C 162 -18.97 45.44 12.73
C LEU C 162 -19.39 46.60 13.63
N GLU C 163 -20.32 46.35 14.56
CA GLU C 163 -20.72 47.40 15.49
C GLU C 163 -19.56 47.79 16.39
N GLY C 164 -18.77 46.80 16.84
CA GLY C 164 -17.58 47.12 17.62
C GLY C 164 -16.52 47.84 16.81
N VAL C 165 -16.45 47.59 15.51
CA VAL C 165 -15.49 48.28 14.67
C VAL C 165 -15.82 49.77 14.59
N THR C 166 -17.08 50.10 14.28
CA THR C 166 -17.49 51.49 14.24
C THR C 166 -17.37 52.15 15.62
N ALA C 167 -17.58 51.39 16.69
CA ALA C 167 -17.42 51.95 18.02
C ALA C 167 -15.96 52.29 18.30
N GLU C 168 -15.04 51.44 17.86
CA GLU C 168 -13.62 51.76 18.02
C GLU C 168 -13.20 52.91 17.11
N VAL C 169 -13.81 53.03 15.94
CA VAL C 169 -13.49 54.15 15.05
C VAL C 169 -13.86 55.47 15.73
N VAL C 170 -15.05 55.53 16.34
CA VAL C 170 -15.47 56.73 17.06
C VAL C 170 -14.50 57.03 18.18
N LYS C 171 -13.97 55.99 18.84
CA LYS C 171 -13.00 56.20 19.91
C LYS C 171 -11.74 56.88 19.38
N VAL C 172 -11.32 56.53 18.17
CA VAL C 172 -10.18 57.19 17.55
C VAL C 172 -10.56 58.56 17.00
N ARG C 173 -11.81 58.72 16.54
CA ARG C 173 -12.24 60.00 15.99
C ARG C 173 -12.15 61.13 17.02
N SER C 174 -12.27 60.81 18.31
CA SER C 174 -12.14 61.83 19.33
C SER C 174 -10.71 62.34 19.44
N HIS C 175 -9.73 61.45 19.23
CA HIS C 175 -8.32 61.85 19.24
C HIS C 175 -7.87 62.49 17.93
N MET C 176 -8.78 62.67 16.97
CA MET C 176 -8.41 63.23 15.68
C MET C 176 -7.71 64.58 15.76
N PRO C 177 -8.15 65.54 16.59
CA PRO C 177 -7.34 66.78 16.72
C PRO C 177 -5.94 66.53 17.24
N GLU C 178 -5.77 65.54 18.11
CA GLU C 178 -4.43 65.19 18.56
C GLU C 178 -3.66 64.42 17.48
N ILE C 179 -4.37 63.65 16.66
CA ILE C 179 -3.71 62.90 15.59
C ILE C 179 -3.17 63.85 14.53
N LEU C 180 -3.94 64.88 14.16
CA LEU C 180 -3.48 65.82 13.15
C LEU C 180 -2.26 66.59 13.61
N GLN C 181 -2.13 66.84 14.92
CA GLN C 181 -0.92 67.46 15.45
C GLN C 181 0.28 66.56 15.25
N TRP C 182 0.12 65.25 15.49
CA TRP C 182 1.23 64.32 15.36
C TRP C 182 1.62 64.14 13.90
N GLN C 183 0.65 64.15 12.99
CA GLN C 183 0.97 64.08 11.57
C GLN C 183 1.82 65.27 11.13
N ARG C 184 1.44 66.47 11.57
CA ARG C 184 2.23 67.66 11.23
C ARG C 184 3.60 67.62 11.89
N GLU C 185 3.71 67.00 13.07
CA GLU C 185 5.00 66.90 13.73
C GLU C 185 5.95 66.00 12.96
N ARG C 186 5.43 64.95 12.31
CA ARG C 186 6.30 64.07 11.53
C ARG C 186 6.93 64.80 10.36
N LEU C 187 6.19 65.75 9.76
CA LEU C 187 6.72 66.45 8.58
C LEU C 187 7.83 67.43 8.97
N VAL C 188 7.61 68.22 10.03
CA VAL C 188 8.62 69.18 10.44
C VAL C 188 9.84 68.49 11.00
N THR C 189 9.68 67.27 11.54
CA THR C 189 10.83 66.54 12.06
C THR C 189 11.71 66.03 10.94
N LYS C 190 11.13 65.63 9.81
CA LYS C 190 11.92 65.22 8.67
C LYS C 190 12.72 66.38 8.07
N LEU C 191 12.28 67.62 8.28
CA LEU C 191 13.03 68.79 7.83
C LEU C 191 14.16 69.07 8.83
N GLU C 192 15.18 68.21 8.78
CA GLU C 192 16.37 68.35 9.61
C GLU C 192 17.56 68.73 8.72
N ASP C 193 18.37 69.67 9.22
CA ASP C 193 19.51 70.21 8.47
C ASP C 193 19.04 70.78 7.13
N ALA C 194 18.00 71.61 7.19
CA ALA C 194 17.42 72.15 5.98
C ALA C 194 18.32 73.21 5.37
N GLN C 195 18.41 73.22 4.04
CA GLN C 195 19.24 74.16 3.31
C GLN C 195 18.79 75.60 3.57
N ASN C 201 22.31 67.23 2.73
CA ASN C 201 22.70 67.96 1.53
C ASN C 201 22.34 67.20 0.27
N ARG C 202 21.79 66.00 0.44
CA ARG C 202 21.36 65.19 -0.69
C ARG C 202 20.09 65.77 -1.31
N LEU C 203 20.09 65.89 -2.63
CA LEU C 203 18.93 66.44 -3.35
C LEU C 203 17.89 65.33 -3.49
N GLU C 204 17.06 65.19 -2.46
CA GLU C 204 15.99 64.21 -2.45
C GLU C 204 14.94 64.66 -1.44
N GLN C 205 13.67 64.57 -1.84
CA GLN C 205 12.55 65.04 -1.01
C GLN C 205 11.62 63.87 -0.71
N GLU C 206 11.72 63.34 0.50
CA GLU C 206 10.82 62.32 1.00
C GLU C 206 9.55 62.92 1.60
N LEU C 207 9.43 64.24 1.64
CA LEU C 207 8.28 64.88 2.24
C LEU C 207 7.01 64.63 1.42
N VAL C 208 7.13 64.69 0.10
CA VAL C 208 5.97 64.40 -0.76
C VAL C 208 5.55 62.94 -0.59
N LEU C 209 6.51 62.03 -0.41
CA LEU C 209 6.18 60.63 -0.16
C LEU C 209 5.51 60.47 1.21
N LEU C 210 6.03 61.16 2.23
CA LEU C 210 5.51 60.99 3.58
C LEU C 210 4.07 61.51 3.69
N ALA C 211 3.71 62.51 2.87
CA ALA C 211 2.33 62.99 2.89
C ALA C 211 1.35 61.95 2.38
N GLN C 212 1.80 61.07 1.48
CA GLN C 212 0.95 60.01 0.97
C GLN C 212 0.80 58.87 1.97
N ARG C 213 1.82 58.62 2.80
CA ARG C 213 1.82 57.44 3.65
C ARG C 213 1.05 57.64 4.95
N ILE C 214 0.98 58.87 5.46
CA ILE C 214 0.36 59.13 6.75
C ILE C 214 -0.91 59.93 6.56
N ASP C 215 -1.82 59.42 5.73
CA ASP C 215 -3.13 60.04 5.55
C ASP C 215 -4.16 59.27 6.37
N VAL C 216 -4.04 59.41 7.70
CA VAL C 216 -4.88 58.65 8.61
C VAL C 216 -6.34 59.08 8.49
N ALA C 217 -6.59 60.36 8.27
CA ALA C 217 -7.97 60.84 8.17
C ALA C 217 -8.71 60.16 7.02
N GLU C 218 -8.03 59.95 5.89
CA GLU C 218 -8.66 59.25 4.77
C GLU C 218 -8.86 57.77 5.09
N GLU C 219 -7.98 57.18 5.90
CA GLU C 219 -8.12 55.77 6.25
C GLU C 219 -9.40 55.53 7.04
N LEU C 220 -9.64 56.36 8.07
CA LEU C 220 -10.84 56.20 8.89
C LEU C 220 -12.10 56.44 8.07
N ASP C 221 -12.05 57.41 7.15
CA ASP C 221 -13.18 57.63 6.25
C ASP C 221 -13.41 56.42 5.35
N ARG C 222 -12.33 55.94 4.72
CA ARG C 222 -12.44 54.78 3.84
C ARG C 222 -12.79 53.53 4.63
N LEU C 223 -12.34 53.44 5.89
CA LEU C 223 -12.70 52.29 6.72
C LEU C 223 -14.19 52.29 7.05
N GLU C 224 -14.74 53.47 7.38
CA GLU C 224 -16.17 53.55 7.62
C GLU C 224 -16.96 53.25 6.35
N ALA C 225 -16.40 53.55 5.19
CA ALA C 225 -17.07 53.19 3.94
C ALA C 225 -17.06 51.70 3.71
N HIS C 226 -16.01 51.01 4.18
CA HIS C 226 -15.96 49.55 4.05
C HIS C 226 -16.98 48.88 4.96
N VAL C 227 -17.25 49.47 6.12
CA VAL C 227 -18.23 48.89 7.04
C VAL C 227 -19.64 48.97 6.44
N LYS C 228 -20.01 50.14 5.91
CA LYS C 228 -21.31 50.28 5.27
C LYS C 228 -21.42 49.40 4.05
N GLU C 229 -20.31 49.15 3.35
CA GLU C 229 -20.33 48.25 2.22
C GLU C 229 -20.42 46.79 2.68
N THR C 230 -19.79 46.45 3.81
CA THR C 230 -19.88 45.09 4.33
C THR C 230 -21.31 44.74 4.69
N TYR C 231 -22.04 45.68 5.29
CA TYR C 231 -23.46 45.45 5.54
C TYR C 231 -24.21 45.22 4.23
N ASN C 232 -23.88 46.00 3.20
CA ASN C 232 -24.54 45.83 1.91
C ASN C 232 -24.21 44.48 1.29
N ILE C 233 -23.00 43.97 1.54
CA ILE C 233 -22.60 42.68 0.98
C ILE C 233 -23.39 41.54 1.61
N LEU C 234 -23.67 41.64 2.91
CA LEU C 234 -24.43 40.59 3.61
C LEU C 234 -25.86 40.48 3.11
N LYS C 235 -26.41 41.54 2.50
CA LYS C 235 -27.77 41.51 1.99
C LYS C 235 -27.88 40.92 0.60
N LYS C 236 -26.75 40.63 -0.05
CA LYS C 236 -26.76 40.06 -1.39
C LYS C 236 -27.31 38.63 -1.37
N LYS C 237 -27.83 38.22 -2.54
CA LYS C 237 -28.38 36.88 -2.72
C LYS C 237 -27.32 35.86 -3.08
N GLU C 238 -26.35 36.24 -3.92
CA GLU C 238 -25.30 35.31 -4.31
C GLU C 238 -24.34 35.06 -3.15
N ALA C 239 -23.49 34.05 -3.33
CA ALA C 239 -22.49 33.72 -2.32
C ALA C 239 -21.49 34.85 -2.18
N VAL C 240 -21.21 35.23 -0.93
CA VAL C 240 -20.31 36.34 -0.62
C VAL C 240 -19.18 35.89 0.28
N GLY C 241 -18.89 34.59 0.33
CA GLY C 241 -17.85 34.10 1.21
C GLY C 241 -16.47 34.63 0.83
N ARG C 242 -16.11 34.50 -0.44
CA ARG C 242 -14.80 34.98 -0.87
C ARG C 242 -14.74 36.50 -0.88
N ARG C 243 -15.86 37.15 -1.24
CA ARG C 243 -15.87 38.62 -1.27
C ARG C 243 -15.64 39.20 0.11
N LEU C 244 -16.28 38.64 1.13
CA LEU C 244 -16.08 39.13 2.49
C LEU C 244 -14.64 38.91 2.95
N ASP C 245 -14.02 37.81 2.55
CA ASP C 245 -12.63 37.57 2.89
C ASP C 245 -11.72 38.61 2.23
N PHE C 246 -11.98 38.93 0.96
CA PHE C 246 -11.24 40.01 0.32
C PHE C 246 -11.48 41.34 1.02
N MET C 247 -12.67 41.53 1.58
CA MET C 247 -12.97 42.77 2.29
C MET C 247 -12.16 42.90 3.57
N MET C 248 -11.98 41.79 4.29
CA MET C 248 -11.20 41.83 5.53
C MET C 248 -9.74 42.19 5.26
N GLN C 249 -9.24 41.86 4.06
CA GLN C 249 -7.89 42.28 3.70
C GLN C 249 -7.80 43.80 3.64
N GLU C 250 -8.86 44.46 3.17
CA GLU C 250 -8.87 45.92 3.13
C GLU C 250 -9.10 46.52 4.51
N PHE C 251 -9.88 45.85 5.35
CA PHE C 251 -10.05 46.29 6.73
C PHE C 251 -8.69 46.35 7.45
N ASN C 252 -7.85 45.33 7.24
CA ASN C 252 -6.54 45.31 7.87
C ASN C 252 -5.63 46.39 7.30
N ARG C 253 -5.76 46.67 6.00
CA ARG C 253 -4.87 47.65 5.37
C ARG C 253 -5.06 49.04 5.96
N GLU C 254 -6.31 49.42 6.24
CA GLU C 254 -6.58 50.74 6.80
C GLU C 254 -6.16 50.83 8.25
N SER C 255 -6.11 49.71 8.96
CA SER C 255 -5.75 49.69 10.37
C SER C 255 -4.28 49.40 10.62
N ASN C 256 -3.50 49.14 9.57
CA ASN C 256 -2.08 48.86 9.77
C ASN C 256 -1.33 50.10 10.22
N THR C 257 -1.68 51.28 9.67
CA THR C 257 -0.96 52.50 10.03
C THR C 257 -1.21 52.88 11.47
N LEU C 258 -2.44 52.67 11.96
CA LEU C 258 -2.75 53.02 13.34
C LEU C 258 -1.95 52.18 14.33
N ALA C 259 -1.79 50.89 14.03
CA ALA C 259 -1.03 50.02 14.91
C ALA C 259 0.48 50.24 14.77
N SER C 260 0.94 50.65 13.59
CA SER C 260 2.37 50.80 13.37
C SER C 260 2.92 52.03 14.10
N LYS C 261 2.17 53.12 14.09
CA LYS C 261 2.60 54.38 14.67
C LYS C 261 1.88 54.60 16.00
N SER C 262 2.64 54.90 17.04
CA SER C 262 2.10 55.11 18.38
C SER C 262 1.86 56.60 18.60
N ILE C 263 0.79 57.10 17.99
CA ILE C 263 0.37 58.47 18.23
C ILE C 263 -0.02 58.65 19.69
N ASN C 264 -0.80 57.72 20.22
CA ASN C 264 -1.18 57.72 21.62
C ASN C 264 -1.34 56.29 22.08
N ALA C 265 -1.08 56.06 23.36
CA ALA C 265 -1.21 54.72 23.91
C ALA C 265 -2.65 54.23 23.83
N GLU C 266 -3.61 55.14 24.03
CA GLU C 266 -5.02 54.76 23.93
C GLU C 266 -5.39 54.45 22.48
N VAL C 267 -4.88 55.24 21.54
CA VAL C 267 -5.15 54.97 20.13
C VAL C 267 -4.56 53.64 19.71
N THR C 268 -3.37 53.31 20.20
CA THR C 268 -2.74 52.05 19.84
C THR C 268 -3.54 50.87 20.37
N ASN C 269 -4.09 50.99 21.58
CA ASN C 269 -4.94 49.93 22.11
C ASN C 269 -6.20 49.76 21.27
N SER C 270 -6.83 50.88 20.89
CA SER C 270 -8.03 50.81 20.07
C SER C 270 -7.73 50.19 18.71
N ALA C 271 -6.54 50.48 18.17
CA ALA C 271 -6.17 49.90 16.88
C ALA C 271 -5.96 48.40 16.99
N ILE C 272 -5.43 47.94 18.12
CA ILE C 272 -5.19 46.51 18.30
C ILE C 272 -6.52 45.78 18.46
N GLU C 273 -7.46 46.37 19.22
CA GLU C 273 -8.80 45.81 19.29
C GLU C 273 -9.46 45.81 17.92
N LEU C 274 -9.21 46.85 17.13
CA LEU C 274 -9.74 46.91 15.77
C LEU C 274 -9.25 45.74 14.92
N LYS C 275 -7.98 45.36 15.09
CA LYS C 275 -7.45 44.25 14.32
C LYS C 275 -7.86 42.90 14.92
N VAL C 276 -8.15 42.86 16.21
CA VAL C 276 -8.68 41.63 16.79
C VAL C 276 -10.07 41.34 16.25
N LEU C 277 -10.89 42.37 16.08
CA LEU C 277 -12.23 42.18 15.53
C LEU C 277 -12.17 41.70 14.09
N ILE C 278 -11.19 42.20 13.33
CA ILE C 278 -11.04 41.78 11.93
C ILE C 278 -10.67 40.30 11.86
N GLU C 279 -9.77 39.85 12.74
CA GLU C 279 -9.42 38.44 12.77
C GLU C 279 -10.59 37.58 13.20
N GLN C 280 -11.44 38.09 14.09
CA GLN C 280 -12.61 37.34 14.52
C GLN C 280 -13.65 37.24 13.40
N MET C 281 -13.81 38.31 12.62
CA MET C 281 -14.68 38.23 11.45
C MET C 281 -14.09 37.29 10.40
N ARG C 282 -12.77 37.31 10.22
CA ARG C 282 -12.13 36.39 9.29
C ARG C 282 -12.45 34.95 9.64
N GLU C 283 -12.53 34.63 10.93
CA GLU C 283 -12.78 33.25 11.33
C GLU C 283 -14.20 32.81 10.97
N GLN C 284 -15.18 33.71 11.08
CA GLN C 284 -16.55 33.34 10.76
C GLN C 284 -16.81 33.33 9.26
N ILE C 285 -16.12 34.19 8.51
CA ILE C 285 -16.27 34.20 7.06
C ILE C 285 -15.74 32.92 6.44
N GLN C 286 -14.82 32.23 7.12
CA GLN C 286 -14.41 30.90 6.67
C GLN C 286 -15.59 29.96 6.57
N ASN C 287 -16.62 30.14 7.40
CA ASN C 287 -17.76 29.25 7.40
C ASN C 287 -18.87 29.70 6.46
N ILE C 288 -18.79 30.91 5.93
CA ILE C 288 -19.82 31.45 5.03
C ILE C 288 -19.48 31.05 3.60
N GLU C 289 -20.50 30.60 2.86
CA GLU C 289 -20.31 30.23 1.47
C GLU C 289 -19.97 31.46 0.62
N MET D 3 16.72 -15.84 30.45
CA MET D 3 16.02 -16.99 29.89
C MET D 3 15.42 -16.65 28.53
N ILE D 4 16.29 -16.60 27.50
CA ILE D 4 15.81 -16.25 26.17
C ILE D 4 15.01 -17.40 25.58
N ARG D 5 14.14 -17.06 24.62
CA ARG D 5 13.26 -18.02 23.98
C ARG D 5 13.46 -18.00 22.47
N SER D 6 13.11 -19.11 21.84
CA SER D 6 13.17 -19.24 20.40
C SER D 6 11.77 -19.10 19.79
N MET D 7 11.74 -18.71 18.52
CA MET D 7 10.47 -18.45 17.85
C MET D 7 9.84 -19.72 17.30
N THR D 8 10.65 -20.69 16.88
CA THR D 8 10.13 -21.91 16.27
C THR D 8 9.99 -23.01 17.32
N ALA D 9 8.77 -23.51 17.49
CA ALA D 9 8.50 -24.57 18.45
C ALA D 9 7.15 -25.21 18.11
N TYR D 10 6.90 -26.37 18.70
CA TYR D 10 5.70 -27.14 18.42
C TYR D 10 5.19 -27.76 19.71
N ALA D 11 3.86 -27.84 19.84
CA ALA D 11 3.24 -28.43 21.02
C ALA D 11 1.80 -28.77 20.70
N ARG D 12 1.40 -30.02 20.94
CA ARG D 12 0.04 -30.46 20.71
C ARG D 12 -0.49 -31.15 21.97
N ARG D 13 -1.76 -30.87 22.29
CA ARG D 13 -2.44 -31.49 23.41
C ARG D 13 -3.81 -31.95 22.96
N GLU D 14 -4.22 -33.14 23.39
CA GLU D 14 -5.53 -33.70 23.08
C GLU D 14 -6.26 -34.02 24.37
N ILE D 15 -7.51 -33.58 24.47
CA ILE D 15 -8.34 -33.79 25.64
C ILE D 15 -9.48 -34.72 25.25
N LYS D 16 -9.64 -35.80 26.01
CA LYS D 16 -10.66 -36.80 25.74
C LYS D 16 -11.73 -36.76 26.82
N GLY D 17 -12.99 -36.64 26.41
CA GLY D 17 -14.09 -36.67 27.34
C GLY D 17 -15.28 -37.40 26.74
N GLU D 18 -16.28 -37.62 27.59
CA GLU D 18 -17.51 -38.28 27.12
C GLU D 18 -18.18 -37.46 26.03
N TRP D 19 -18.20 -36.14 26.18
CA TRP D 19 -18.78 -35.28 25.17
C TRP D 19 -18.08 -35.44 23.82
N GLY D 20 -16.76 -35.57 23.83
CA GLY D 20 -16.01 -35.73 22.61
C GLY D 20 -14.54 -35.53 22.85
N SER D 21 -13.79 -35.52 21.76
CA SER D 21 -12.34 -35.34 21.79
C SER D 21 -11.98 -34.07 21.03
N ALA D 22 -11.15 -33.24 21.64
CA ALA D 22 -10.68 -32.01 21.04
C ALA D 22 -9.17 -31.96 21.12
N THR D 23 -8.53 -31.54 20.03
CA THR D 23 -7.08 -31.52 19.92
C THR D 23 -6.60 -30.11 19.62
N TRP D 24 -5.72 -29.60 20.47
CA TRP D 24 -5.10 -28.28 20.28
C TRP D 24 -3.68 -28.48 19.77
N GLU D 25 -3.36 -27.88 18.63
CA GLU D 25 -2.04 -27.94 18.05
C GLU D 25 -1.50 -26.53 17.87
N MET D 26 -0.26 -26.30 18.29
CA MET D 26 0.40 -25.00 18.16
C MET D 26 1.75 -25.19 17.50
N ARG D 27 1.98 -24.50 16.40
CA ARG D 27 3.24 -24.52 15.69
C ARG D 27 3.66 -23.09 15.38
N SER D 28 4.98 -22.89 15.26
CA SER D 28 5.50 -21.54 15.06
C SER D 28 6.79 -21.59 14.23
N VAL D 29 7.04 -20.49 13.52
CA VAL D 29 8.22 -20.31 12.69
C VAL D 29 8.75 -18.90 12.91
N ASN D 30 10.04 -18.72 12.67
CA ASN D 30 10.67 -17.42 12.80
C ASN D 30 9.98 -16.38 11.92
N GLN D 31 9.79 -15.18 12.48
CA GLN D 31 9.17 -14.09 11.76
C GLN D 31 9.68 -12.77 12.31
N ARG D 32 9.64 -11.73 11.48
CA ARG D 32 10.12 -10.41 11.91
C ARG D 32 9.20 -9.81 12.97
N TYR D 33 7.89 -9.99 12.82
CA TYR D 33 6.92 -9.51 13.80
C TYR D 33 5.98 -10.65 14.16
N LEU D 34 5.18 -10.44 15.20
CA LEU D 34 4.24 -11.46 15.64
C LEU D 34 3.07 -11.58 14.67
N GLU D 35 2.81 -12.81 14.22
CA GLU D 35 1.69 -13.10 13.34
C GLU D 35 0.94 -14.30 13.89
N THR D 36 -0.37 -14.17 14.02
CA THR D 36 -1.21 -15.20 14.63
C THR D 36 -2.26 -15.68 13.63
N TYR D 37 -2.39 -17.00 13.51
CA TYR D 37 -3.38 -17.62 12.64
C TYR D 37 -4.09 -18.70 13.43
N PHE D 38 -5.42 -18.69 13.40
CA PHE D 38 -6.23 -19.59 14.22
C PHE D 38 -7.23 -20.33 13.34
N ARG D 39 -7.28 -21.65 13.48
CA ARG D 39 -8.28 -22.49 12.83
C ARG D 39 -9.13 -23.13 13.93
N LEU D 40 -10.43 -22.89 13.90
CA LEU D 40 -11.32 -23.31 14.96
C LEU D 40 -12.58 -23.93 14.38
N PRO D 41 -13.23 -24.83 15.12
CA PRO D 41 -14.51 -25.37 14.66
C PRO D 41 -15.60 -24.31 14.67
N GLU D 42 -16.70 -24.62 13.97
CA GLU D 42 -17.81 -23.67 13.90
C GLU D 42 -18.44 -23.46 15.27
N GLN D 43 -18.51 -24.51 16.08
CA GLN D 43 -19.08 -24.38 17.42
C GLN D 43 -18.23 -23.45 18.29
N PHE D 44 -16.90 -23.54 18.15
CA PHE D 44 -15.98 -22.73 18.93
C PHE D 44 -15.40 -21.59 18.12
N ARG D 45 -16.08 -21.18 17.04
CA ARG D 45 -15.67 -20.01 16.29
C ARG D 45 -15.79 -18.74 17.14
N SER D 46 -16.75 -18.71 18.06
CA SER D 46 -16.92 -17.56 18.95
C SER D 46 -15.77 -17.44 19.94
N LEU D 47 -15.00 -18.50 20.14
CA LEU D 47 -13.87 -18.49 21.06
C LEU D 47 -12.62 -17.83 20.46
N GLU D 48 -12.67 -17.43 19.18
CA GLU D 48 -11.48 -16.90 18.53
C GLU D 48 -10.94 -15.61 19.16
N PRO D 49 -11.77 -14.63 19.55
CA PRO D 49 -11.18 -13.45 20.21
C PRO D 49 -10.51 -13.78 21.54
N VAL D 50 -11.06 -14.72 22.30
CA VAL D 50 -10.48 -15.04 23.60
C VAL D 50 -9.13 -15.72 23.44
N VAL D 51 -9.04 -16.66 22.50
CA VAL D 51 -7.78 -17.39 22.33
C VAL D 51 -6.69 -16.49 21.76
N ARG D 52 -7.08 -15.50 20.94
CA ARG D 52 -6.07 -14.64 20.31
C ARG D 52 -5.42 -13.72 21.35
N GLU D 53 -6.20 -13.23 22.31
CA GLU D 53 -5.64 -12.37 23.34
C GLU D 53 -4.65 -13.11 24.21
N ARG D 54 -4.94 -14.36 24.54
CA ARG D 54 -4.03 -15.14 25.38
C ARG D 54 -2.73 -15.41 24.65
N ILE D 55 -2.80 -15.76 23.37
CA ILE D 55 -1.59 -16.06 22.59
C ILE D 55 -0.75 -14.80 22.44
N ARG D 56 -1.39 -13.68 22.10
CA ARG D 56 -0.65 -12.46 21.82
C ARG D 56 -0.03 -11.87 23.08
N SER D 57 -0.72 -11.99 24.22
CA SER D 57 -0.15 -11.47 25.46
C SER D 57 1.08 -12.28 25.89
N ARG D 58 1.07 -13.58 25.63
CA ARG D 58 2.17 -14.43 26.07
C ARG D 58 3.36 -14.35 25.12
N LEU D 59 3.12 -14.11 23.84
CA LEU D 59 4.15 -14.14 22.81
C LEU D 59 4.40 -12.73 22.28
N THR D 60 5.67 -12.35 22.21
CA THR D 60 6.04 -11.04 21.72
C THR D 60 6.30 -11.03 20.21
N ARG D 61 6.88 -12.10 19.68
CA ARG D 61 7.30 -12.11 18.29
C ARG D 61 7.24 -13.53 17.75
N GLY D 62 7.11 -13.63 16.44
CA GLY D 62 7.07 -14.90 15.75
C GLY D 62 5.72 -15.16 15.11
N LYS D 63 5.74 -16.00 14.08
CA LYS D 63 4.53 -16.40 13.37
C LYS D 63 4.04 -17.73 13.93
N VAL D 64 2.83 -17.74 14.48
CA VAL D 64 2.27 -18.91 15.15
C VAL D 64 0.94 -19.26 14.51
N GLU D 65 0.74 -20.55 14.25
CA GLU D 65 -0.53 -21.07 13.73
C GLU D 65 -1.10 -22.06 14.73
N CYS D 66 -2.35 -21.84 15.15
CA CYS D 66 -3.01 -22.66 16.14
C CYS D 66 -4.25 -23.30 15.53
N THR D 67 -4.36 -24.62 15.64
CA THR D 67 -5.48 -25.37 15.08
C THR D 67 -6.16 -26.16 16.18
N LEU D 68 -7.49 -26.05 16.24
CA LEU D 68 -8.31 -26.83 17.17
C LEU D 68 -9.31 -27.65 16.38
N ARG D 69 -9.33 -28.97 16.61
CA ARG D 69 -10.21 -29.88 15.90
C ARG D 69 -11.08 -30.62 16.92
N TYR D 70 -12.40 -30.55 16.72
CA TYR D 70 -13.37 -31.12 17.64
C TYR D 70 -14.08 -32.28 16.96
N GLU D 71 -13.97 -33.47 17.56
CA GLU D 71 -14.63 -34.68 17.07
C GLU D 71 -15.65 -35.13 18.12
N PRO D 72 -16.90 -34.71 18.00
CA PRO D 72 -17.89 -35.08 19.01
C PRO D 72 -18.30 -36.54 18.88
N ASP D 73 -18.79 -37.08 20.00
CA ASP D 73 -19.25 -38.46 20.05
C ASP D 73 -20.76 -38.49 19.81
N VAL D 74 -21.19 -39.22 18.78
CA VAL D 74 -22.61 -39.25 18.43
C VAL D 74 -23.43 -40.13 19.36
N SER D 75 -22.80 -41.10 20.03
CA SER D 75 -23.51 -41.89 21.03
C SER D 75 -23.76 -41.08 22.30
N ALA D 76 -22.76 -40.31 22.73
CA ALA D 76 -22.98 -39.43 23.87
C ALA D 76 -23.91 -38.27 23.53
N GLN D 77 -24.08 -37.98 22.24
CA GLN D 77 -25.07 -37.00 21.81
C GLN D 77 -26.44 -37.43 22.27
N GLY D 78 -27.25 -36.46 22.72
CA GLY D 78 -28.56 -36.80 23.24
C GLY D 78 -29.43 -37.45 22.18
N GLU D 79 -30.29 -38.37 22.63
CA GLU D 79 -31.16 -39.08 21.70
C GLU D 79 -32.09 -38.11 20.98
N LEU D 80 -32.28 -38.36 19.68
CA LEU D 80 -33.02 -37.42 18.85
C LEU D 80 -34.50 -37.46 19.17
N ILE D 81 -35.13 -36.28 19.17
CA ILE D 81 -36.56 -36.16 19.39
C ILE D 81 -37.23 -35.89 18.05
N LEU D 82 -38.46 -36.40 17.91
CA LEU D 82 -39.22 -36.28 16.67
C LEU D 82 -40.38 -35.33 16.87
N ASN D 83 -40.37 -34.24 16.11
CA ASN D 83 -41.46 -33.26 16.16
C ASN D 83 -42.63 -33.81 15.37
N GLU D 84 -43.62 -34.36 16.08
CA GLU D 84 -44.73 -35.01 15.39
C GLU D 84 -45.63 -34.00 14.68
N LYS D 85 -45.82 -32.82 15.28
CA LYS D 85 -46.69 -31.82 14.67
C LYS D 85 -46.07 -31.22 13.41
N LEU D 86 -44.74 -31.02 13.42
CA LEU D 86 -44.09 -30.48 12.23
C LEU D 86 -44.06 -31.50 11.09
N ALA D 87 -43.88 -32.78 11.42
CA ALA D 87 -43.91 -33.81 10.40
C ALA D 87 -45.29 -33.90 9.75
N LYS D 88 -46.35 -33.88 10.56
CA LYS D 88 -47.69 -33.87 10.01
C LYS D 88 -47.97 -32.61 9.21
N GLN D 89 -47.36 -31.49 9.62
CA GLN D 89 -47.52 -30.24 8.87
C GLN D 89 -46.87 -30.32 7.50
N LEU D 90 -45.77 -31.06 7.37
CA LEU D 90 -45.11 -31.21 6.09
C LEU D 90 -45.80 -32.23 5.20
N VAL D 91 -46.38 -33.28 5.78
CA VAL D 91 -47.07 -34.30 4.99
C VAL D 91 -48.32 -33.72 4.35
N THR D 92 -49.12 -32.97 5.13
CA THR D 92 -50.31 -32.37 4.58
C THR D 92 -49.98 -31.28 3.56
N ALA D 93 -48.80 -30.66 3.69
CA ALA D 93 -48.36 -29.72 2.67
C ALA D 93 -47.95 -30.45 1.39
N ALA D 94 -47.26 -31.58 1.53
CA ALA D 94 -46.88 -32.36 0.37
C ALA D 94 -48.08 -32.99 -0.30
N ASN D 95 -49.11 -33.34 0.47
CA ASN D 95 -50.34 -33.87 -0.11
C ASN D 95 -51.00 -32.84 -1.02
N TRP D 96 -50.94 -31.56 -0.64
CA TRP D 96 -51.49 -30.51 -1.50
C TRP D 96 -50.71 -30.41 -2.80
N VAL D 97 -49.38 -30.56 -2.74
CA VAL D 97 -48.58 -30.52 -3.95
C VAL D 97 -48.88 -31.73 -4.82
N LYS D 98 -49.10 -32.90 -4.21
CA LYS D 98 -49.40 -34.10 -4.98
C LYS D 98 -50.74 -33.96 -5.71
N MET D 99 -51.68 -33.20 -5.16
CA MET D 99 -52.95 -33.00 -5.84
C MET D 99 -52.80 -32.05 -7.02
N GLN D 100 -51.86 -31.10 -6.95
CA GLN D 100 -51.62 -30.22 -8.09
C GLN D 100 -50.90 -30.96 -9.20
N SER D 101 -49.84 -31.70 -8.86
CA SER D 101 -49.07 -32.46 -9.84
C SER D 101 -49.77 -33.73 -10.28
N ASP D 102 -50.74 -34.23 -9.49
CA ASP D 102 -51.44 -35.47 -9.76
C ASP D 102 -50.50 -36.68 -9.79
N GLU D 103 -49.37 -36.58 -9.11
CA GLU D 103 -48.37 -37.65 -9.08
C GLU D 103 -47.41 -37.38 -7.93
N GLY D 104 -46.52 -38.34 -7.69
CA GLY D 104 -45.49 -38.20 -6.68
C GLY D 104 -45.75 -39.09 -5.47
N GLU D 105 -44.68 -39.29 -4.70
CA GLU D 105 -44.75 -40.10 -3.49
C GLU D 105 -43.86 -39.47 -2.42
N ILE D 106 -44.39 -39.34 -1.22
CA ILE D 106 -43.65 -38.74 -0.11
C ILE D 106 -42.57 -39.70 0.35
N ASN D 107 -41.35 -39.19 0.53
CA ASN D 107 -40.26 -39.99 1.04
C ASN D 107 -40.11 -39.75 2.53
N PRO D 108 -40.15 -40.80 3.36
CA PRO D 108 -40.10 -40.56 4.82
C PRO D 108 -38.77 -40.00 5.28
N VAL D 109 -37.66 -40.44 4.67
CA VAL D 109 -36.35 -39.95 5.09
C VAL D 109 -36.22 -38.46 4.82
N ASP D 110 -36.80 -37.99 3.71
CA ASP D 110 -36.73 -36.57 3.37
C ASP D 110 -37.45 -35.73 4.42
N ILE D 111 -38.55 -36.24 4.98
CA ILE D 111 -39.25 -35.52 6.03
C ILE D 111 -38.38 -35.41 7.26
N LEU D 112 -37.61 -36.47 7.57
CA LEU D 112 -36.72 -36.42 8.72
C LEU D 112 -35.55 -35.47 8.48
N ARG D 113 -35.06 -35.41 7.24
CA ARG D 113 -33.94 -34.52 6.93
C ARG D 113 -34.36 -33.05 6.97
N TRP D 114 -35.65 -32.77 6.85
CA TRP D 114 -36.12 -31.39 6.92
C TRP D 114 -35.76 -30.80 8.29
N PRO D 115 -35.25 -29.57 8.33
CA PRO D 115 -34.81 -29.01 9.62
C PRO D 115 -35.96 -28.87 10.60
N GLY D 116 -35.65 -29.09 11.88
CA GLY D 116 -36.64 -28.99 12.94
C GLY D 116 -37.45 -30.24 13.19
N VAL D 117 -37.39 -31.22 12.29
CA VAL D 117 -38.14 -32.45 12.49
C VAL D 117 -37.41 -33.38 13.45
N MET D 118 -36.11 -33.58 13.22
CA MET D 118 -35.25 -34.34 14.11
C MET D 118 -34.18 -33.40 14.65
N ALA D 119 -34.18 -33.21 15.97
CA ALA D 119 -33.28 -32.24 16.59
C ALA D 119 -32.73 -32.79 17.89
N ALA D 120 -31.55 -32.29 18.27
CA ALA D 120 -30.91 -32.61 19.54
C ALA D 120 -30.64 -31.32 20.29
N GLN D 121 -30.90 -31.32 21.59
CA GLN D 121 -30.82 -30.13 22.44
C GLN D 121 -29.89 -30.37 23.64
N GLU D 122 -28.72 -30.95 23.39
CA GLU D 122 -27.78 -31.18 24.48
C GLU D 122 -27.30 -29.86 25.07
N GLN D 123 -26.78 -28.97 24.22
CA GLN D 123 -26.38 -27.62 24.61
C GLN D 123 -25.35 -27.63 25.75
N ASP D 124 -24.44 -28.59 25.70
CA ASP D 124 -23.36 -28.70 26.67
C ASP D 124 -22.09 -27.99 26.20
N LEU D 125 -22.21 -27.09 25.22
CA LEU D 125 -21.02 -26.48 24.63
C LEU D 125 -20.32 -25.53 25.59
N ASP D 126 -21.10 -24.83 26.43
CA ASP D 126 -20.50 -23.85 27.33
C ASP D 126 -19.63 -24.52 28.39
N ALA D 127 -20.04 -25.70 28.86
CA ALA D 127 -19.26 -26.39 29.87
C ALA D 127 -17.97 -26.95 29.30
N ILE D 128 -18.02 -27.49 28.08
CA ILE D 128 -16.81 -28.05 27.48
C ILE D 128 -15.88 -26.95 26.99
N ALA D 129 -16.42 -25.77 26.69
CA ALA D 129 -15.59 -24.67 26.21
C ALA D 129 -14.67 -24.16 27.33
N ALA D 130 -15.19 -24.10 28.55
CA ALA D 130 -14.34 -23.71 29.67
C ALA D 130 -13.23 -24.72 29.91
N GLU D 131 -13.53 -26.01 29.71
CA GLU D 131 -12.49 -27.02 29.84
C GLU D 131 -11.51 -26.96 28.67
N ILE D 132 -11.98 -26.56 27.49
CA ILE D 132 -11.09 -26.36 26.35
C ILE D 132 -10.19 -25.15 26.58
N LEU D 133 -10.74 -24.09 27.19
CA LEU D 133 -9.94 -22.92 27.53
C LEU D 133 -8.86 -23.27 28.54
N ALA D 134 -9.20 -24.08 29.55
CA ALA D 134 -8.18 -24.54 30.49
C ALA D 134 -7.17 -25.45 29.82
N ALA D 135 -7.60 -26.22 28.82
CA ALA D 135 -6.67 -27.04 28.06
C ALA D 135 -5.81 -26.19 27.14
N LEU D 136 -6.35 -25.06 26.65
CA LEU D 136 -5.57 -24.17 25.81
C LEU D 136 -4.40 -23.57 26.59
N ASP D 137 -4.63 -23.21 27.85
CA ASP D 137 -3.54 -22.71 28.68
C ASP D 137 -2.48 -23.78 28.92
N GLY D 138 -2.90 -25.05 28.99
CA GLY D 138 -1.94 -26.12 29.20
C GLY D 138 -1.05 -26.36 27.99
N THR D 139 -1.64 -26.37 26.79
CA THR D 139 -0.85 -26.53 25.58
C THR D 139 -0.08 -25.27 25.23
N LEU D 140 -0.56 -24.09 25.65
CA LEU D 140 0.22 -22.87 25.48
C LEU D 140 1.42 -22.85 26.40
N ASP D 141 1.29 -23.44 27.59
CA ASP D 141 2.43 -23.55 28.50
C ASP D 141 3.44 -24.57 28.00
N ASP D 142 2.95 -25.68 27.42
CA ASP D 142 3.84 -26.61 26.74
C ASP D 142 4.53 -25.95 25.56
N PHE D 143 3.84 -25.02 24.90
CA PHE D 143 4.45 -24.30 23.79
C PHE D 143 5.51 -23.32 24.27
N ILE D 144 5.24 -22.63 25.38
CA ILE D 144 6.21 -21.67 25.92
C ILE D 144 7.40 -22.39 26.52
N VAL D 145 7.16 -23.54 27.15
CA VAL D 145 8.27 -24.28 27.74
C VAL D 145 9.12 -24.92 26.66
N ALA D 146 8.54 -25.18 25.48
CA ALA D 146 9.35 -25.63 24.35
C ALA D 146 10.09 -24.47 23.72
N ARG D 147 9.47 -23.29 23.70
CA ARG D 147 10.16 -22.10 23.22
C ARG D 147 11.29 -21.69 24.17
N GLU D 148 11.19 -22.05 25.45
CA GLU D 148 12.24 -21.72 26.39
C GLU D 148 13.24 -22.85 26.56
N THR D 149 12.86 -24.08 26.23
CA THR D 149 13.81 -25.20 26.25
C THR D 149 14.91 -24.93 25.24
N GLU D 150 14.56 -24.93 23.95
CA GLU D 150 15.48 -24.41 22.95
C GLU D 150 15.60 -22.91 23.12
N GLY D 151 16.80 -22.39 22.90
CA GLY D 151 17.08 -21.01 23.28
C GLY D 151 18.09 -21.00 24.41
N GLN D 152 17.94 -21.93 25.36
CA GLN D 152 19.03 -22.23 26.27
C GLN D 152 20.18 -22.89 25.52
N ALA D 153 19.85 -23.73 24.55
CA ALA D 153 20.88 -24.29 23.67
C ALA D 153 21.44 -23.23 22.74
N LEU D 154 20.57 -22.34 22.23
CA LEU D 154 21.05 -21.24 21.40
C LEU D 154 21.91 -20.28 22.22
N LYS D 155 21.56 -20.06 23.48
CA LYS D 155 22.35 -19.20 24.34
C LYS D 155 23.74 -19.78 24.57
N ALA D 156 23.84 -21.09 24.73
CA ALA D 156 25.14 -21.73 24.94
C ALA D 156 26.00 -21.63 23.68
N LEU D 157 25.39 -21.74 22.51
CA LEU D 157 26.14 -21.65 21.26
C LEU D 157 26.71 -20.25 21.06
N ILE D 158 25.92 -19.23 21.38
CA ILE D 158 26.41 -17.85 21.25
C ILE D 158 27.49 -17.56 22.28
N GLU D 159 27.28 -17.99 23.52
CA GLU D 159 28.30 -17.80 24.55
C GLU D 159 29.58 -18.54 24.22
N GLN D 160 29.47 -19.71 23.58
CA GLN D 160 30.66 -20.44 23.16
C GLN D 160 31.45 -19.65 22.12
N ARG D 161 30.74 -18.99 21.20
CA ARG D 161 31.43 -18.16 20.21
C ARG D 161 31.92 -16.86 20.83
N LEU D 162 31.20 -16.32 21.82
CA LEU D 162 31.67 -15.13 22.52
C LEU D 162 32.98 -15.40 23.25
N GLU D 163 33.21 -16.64 23.69
CA GLU D 163 34.51 -16.99 24.24
C GLU D 163 35.57 -17.06 23.15
N GLY D 164 35.16 -17.39 21.92
CA GLY D 164 36.12 -17.50 20.84
C GLY D 164 36.57 -16.14 20.32
N VAL D 165 35.71 -15.14 20.39
CA VAL D 165 36.08 -13.81 19.90
C VAL D 165 37.00 -13.11 20.90
N THR D 166 36.76 -13.29 22.20
CA THR D 166 37.64 -12.70 23.19
C THR D 166 39.00 -13.37 23.23
N ALA D 167 39.04 -14.70 23.01
CA ALA D 167 40.33 -15.37 22.89
C ALA D 167 41.02 -15.02 21.58
N GLU D 168 40.29 -14.53 20.58
CA GLU D 168 40.91 -14.19 19.32
C GLU D 168 41.53 -12.79 19.35
N VAL D 169 40.98 -11.89 20.17
CA VAL D 169 41.54 -10.53 20.24
C VAL D 169 42.81 -10.51 21.08
N VAL D 170 42.93 -11.41 22.05
CA VAL D 170 44.18 -11.46 22.82
C VAL D 170 45.29 -12.06 21.97
N LYS D 171 44.94 -12.87 20.97
CA LYS D 171 45.93 -13.34 20.02
C LYS D 171 46.41 -12.21 19.11
N VAL D 172 45.53 -11.25 18.83
CA VAL D 172 45.94 -10.06 18.08
C VAL D 172 46.69 -9.09 18.99
N ARG D 173 46.25 -8.98 20.24
CA ARG D 173 46.87 -8.03 21.17
C ARG D 173 48.34 -8.33 21.40
N SER D 174 48.73 -9.61 21.39
CA SER D 174 50.13 -9.97 21.61
C SER D 174 50.96 -9.73 20.36
N HIS D 175 50.39 -9.97 19.17
CA HIS D 175 51.15 -9.81 17.95
C HIS D 175 51.36 -8.36 17.58
N MET D 176 50.45 -7.48 17.99
CA MET D 176 50.42 -6.12 17.47
C MET D 176 51.67 -5.30 17.82
N PRO D 177 52.14 -5.26 19.07
CA PRO D 177 53.35 -4.46 19.35
C PRO D 177 54.57 -4.93 18.57
N GLU D 178 54.73 -6.24 18.37
CA GLU D 178 55.82 -6.74 17.55
C GLU D 178 55.71 -6.26 16.11
N ILE D 179 54.47 -6.15 15.60
CA ILE D 179 54.26 -5.73 14.22
C ILE D 179 54.54 -4.23 14.07
N LEU D 180 54.14 -3.43 15.05
CA LEU D 180 54.34 -1.99 14.96
C LEU D 180 55.81 -1.62 14.87
N GLN D 181 56.68 -2.35 15.58
CA GLN D 181 58.11 -2.09 15.47
C GLN D 181 58.66 -2.59 14.13
N TRP D 182 58.08 -3.68 13.60
CA TRP D 182 58.55 -4.21 12.32
C TRP D 182 58.25 -3.27 11.17
N GLN D 183 57.15 -2.52 11.26
CA GLN D 183 56.78 -1.62 10.17
C GLN D 183 57.77 -0.48 10.03
N ARG D 184 58.32 0.00 11.15
CA ARG D 184 59.30 1.08 11.08
C ARG D 184 60.59 0.60 10.43
N GLU D 185 60.97 -0.66 10.66
CA GLU D 185 62.25 -1.15 10.15
C GLU D 185 62.23 -1.28 8.63
N ARG D 186 61.15 -1.86 8.08
CA ARG D 186 61.06 -2.00 6.63
C ARG D 186 60.97 -0.65 5.94
N LEU D 187 60.38 0.35 6.59
CA LEU D 187 60.31 1.68 5.99
C LEU D 187 61.68 2.34 5.94
N VAL D 188 62.49 2.15 6.98
CA VAL D 188 63.82 2.77 7.02
C VAL D 188 64.70 2.19 5.92
N THR D 189 64.62 0.88 5.70
CA THR D 189 65.44 0.26 4.65
C THR D 189 65.04 0.75 3.27
N LYS D 190 63.75 1.00 3.05
CA LYS D 190 63.30 1.53 1.77
C LYS D 190 63.75 2.98 1.57
N LEU D 191 63.88 3.73 2.67
CA LEU D 191 64.30 5.13 2.61
C LEU D 191 65.82 5.28 2.60
N GLU D 192 66.54 4.28 2.10
CA GLU D 192 68.00 4.36 2.06
C GLU D 192 68.46 5.49 1.15
N ASP D 193 67.79 5.68 0.02
CA ASP D 193 68.17 6.75 -0.90
C ASP D 193 67.72 8.11 -0.37
N ALA D 194 66.68 8.15 0.46
CA ALA D 194 66.18 9.40 1.00
C ALA D 194 67.03 9.88 2.16
N ASN D 200 66.27 12.11 8.83
CA ASN D 200 66.52 13.31 9.62
C ASN D 200 65.63 13.36 10.85
N ASN D 201 65.78 14.40 11.65
CA ASN D 201 64.91 14.57 12.80
C ASN D 201 63.47 14.83 12.35
N ARG D 202 62.54 14.51 13.22
CA ARG D 202 61.09 14.61 13.03
C ARG D 202 60.58 13.60 12.00
N LEU D 203 61.44 12.76 11.44
CA LEU D 203 60.94 11.61 10.68
C LEU D 203 60.22 10.64 11.60
N GLU D 204 60.68 10.50 12.84
CA GLU D 204 59.94 9.70 13.82
C GLU D 204 58.62 10.36 14.19
N GLN D 205 58.53 11.69 14.03
CA GLN D 205 57.27 12.38 14.30
C GLN D 205 56.19 11.94 13.31
N GLU D 206 56.55 11.80 12.03
CA GLU D 206 55.60 11.30 11.05
C GLU D 206 55.37 9.80 11.19
N LEU D 207 56.35 9.07 11.73
CA LEU D 207 56.20 7.63 11.88
C LEU D 207 55.15 7.30 12.94
N VAL D 208 55.20 7.98 14.08
CA VAL D 208 54.29 7.66 15.18
C VAL D 208 52.86 8.04 14.84
N LEU D 209 52.67 9.05 13.98
CA LEU D 209 51.32 9.39 13.54
C LEU D 209 50.78 8.33 12.58
N LEU D 210 51.66 7.80 11.72
CA LEU D 210 51.27 6.68 10.88
C LEU D 210 50.98 5.44 11.71
N ALA D 211 51.74 5.24 12.79
CA ALA D 211 51.53 4.06 13.63
C ALA D 211 50.19 4.12 14.36
N GLN D 212 49.68 5.32 14.64
CA GLN D 212 48.36 5.45 15.24
C GLN D 212 47.27 4.99 14.28
N ARG D 213 47.46 5.18 12.98
CA ARG D 213 46.50 4.67 12.01
C ARG D 213 46.59 3.16 11.87
N ILE D 214 47.78 2.59 12.08
CA ILE D 214 47.93 1.14 11.99
C ILE D 214 47.44 0.44 13.25
N ASP D 215 47.61 1.09 14.41
CA ASP D 215 47.25 0.46 15.67
C ASP D 215 45.75 0.22 15.74
N VAL D 216 45.37 -0.94 16.27
CA VAL D 216 43.98 -1.36 16.37
C VAL D 216 43.54 -1.52 17.83
N ALA D 217 44.32 -0.95 18.76
CA ALA D 217 44.02 -1.13 20.18
C ALA D 217 42.69 -0.50 20.55
N GLU D 218 42.40 0.70 20.01
CA GLU D 218 41.12 1.34 20.27
C GLU D 218 39.96 0.51 19.73
N GLU D 219 40.15 -0.17 18.61
CA GLU D 219 39.08 -0.98 18.04
C GLU D 219 38.89 -2.28 18.80
N LEU D 220 40.00 -2.89 19.26
CA LEU D 220 39.88 -4.09 20.07
C LEU D 220 39.22 -3.79 21.41
N ASP D 221 39.44 -2.58 21.95
CA ASP D 221 38.77 -2.20 23.19
C ASP D 221 37.26 -2.10 22.99
N ARG D 222 36.83 -1.52 21.87
CA ARG D 222 35.40 -1.43 21.60
C ARG D 222 34.79 -2.81 21.41
N LEU D 223 35.51 -3.71 20.73
CA LEU D 223 34.98 -5.06 20.49
C LEU D 223 34.84 -5.82 21.80
N GLU D 224 35.79 -5.66 22.72
CA GLU D 224 35.66 -6.28 24.04
C GLU D 224 34.49 -5.69 24.81
N ALA D 225 34.23 -4.40 24.64
CA ALA D 225 33.08 -3.80 25.31
C ALA D 225 31.76 -4.31 24.72
N HIS D 226 31.75 -4.60 23.42
CA HIS D 226 30.55 -5.15 22.79
C HIS D 226 30.28 -6.58 23.28
N VAL D 227 31.34 -7.35 23.53
CA VAL D 227 31.18 -8.70 24.04
C VAL D 227 30.58 -8.68 25.45
N LYS D 228 31.11 -7.79 26.30
CA LYS D 228 30.58 -7.67 27.66
C LYS D 228 29.12 -7.24 27.64
N GLU D 229 28.76 -6.36 26.70
CA GLU D 229 27.36 -5.96 26.57
C GLU D 229 26.51 -7.13 26.08
N THR D 230 27.03 -7.94 25.17
CA THR D 230 26.26 -9.05 24.63
C THR D 230 25.91 -10.06 25.71
N TYR D 231 26.83 -10.28 26.66
CA TYR D 231 26.52 -11.14 27.79
C TYR D 231 25.40 -10.55 28.63
N ASN D 232 25.39 -9.22 28.80
CA ASN D 232 24.32 -8.57 29.54
C ASN D 232 22.99 -8.65 28.80
N ILE D 233 23.02 -8.62 27.47
CA ILE D 233 21.79 -8.66 26.69
C ILE D 233 21.13 -10.02 26.78
N LEU D 234 21.93 -11.10 26.87
CA LEU D 234 21.35 -12.44 26.94
C LEU D 234 20.62 -12.67 28.25
N LYS D 235 21.03 -11.99 29.32
CA LYS D 235 20.46 -12.27 30.64
C LYS D 235 19.13 -11.58 30.86
N LYS D 236 18.89 -10.43 30.20
CA LYS D 236 17.63 -9.73 30.39
C LYS D 236 16.48 -10.52 29.76
N LYS D 237 15.36 -10.55 30.47
CA LYS D 237 14.20 -11.33 30.06
C LYS D 237 13.23 -10.43 29.30
N GLU D 238 13.51 -10.28 28.00
CA GLU D 238 12.64 -9.55 27.08
C GLU D 238 13.08 -9.90 25.66
N ALA D 239 12.41 -9.29 24.69
CA ALA D 239 12.71 -9.54 23.28
C ALA D 239 14.07 -8.93 22.94
N VAL D 240 15.00 -9.79 22.52
CA VAL D 240 16.37 -9.36 22.27
C VAL D 240 16.82 -9.92 20.93
N GLY D 241 15.88 -10.52 20.19
CA GLY D 241 16.24 -11.10 18.91
C GLY D 241 16.77 -10.07 17.93
N ARG D 242 16.09 -8.93 17.82
CA ARG D 242 16.53 -7.90 16.89
C ARG D 242 17.70 -7.10 17.45
N ARG D 243 17.74 -6.89 18.77
CA ARG D 243 18.85 -6.17 19.36
C ARG D 243 20.16 -6.92 19.19
N LEU D 244 20.13 -8.25 19.32
CA LEU D 244 21.33 -9.04 19.09
C LEU D 244 21.79 -8.94 17.64
N ASP D 245 20.84 -8.87 16.70
CA ASP D 245 21.19 -8.75 15.29
C ASP D 245 21.86 -7.41 15.01
N PHE D 246 21.36 -6.33 15.60
CA PHE D 246 22.00 -5.03 15.45
C PHE D 246 23.38 -5.03 16.08
N MET D 247 23.57 -5.78 17.16
CA MET D 247 24.88 -5.86 17.82
C MET D 247 25.90 -6.55 16.93
N MET D 248 25.47 -7.59 16.19
CA MET D 248 26.40 -8.30 15.31
C MET D 248 26.88 -7.41 14.17
N GLN D 249 26.06 -6.44 13.74
CA GLN D 249 26.50 -5.50 12.73
C GLN D 249 27.68 -4.67 13.21
N GLU D 250 27.72 -4.38 14.52
CA GLU D 250 28.87 -3.68 15.08
C GLU D 250 30.04 -4.61 15.31
N PHE D 251 29.77 -5.87 15.64
CA PHE D 251 30.83 -6.87 15.71
C PHE D 251 31.56 -6.96 14.36
N ASN D 252 30.80 -7.09 13.27
CA ASN D 252 31.40 -7.21 11.95
C ASN D 252 32.00 -5.88 11.48
N ARG D 253 31.46 -4.76 11.96
CA ARG D 253 32.03 -3.46 11.60
C ARG D 253 33.43 -3.31 12.15
N GLU D 254 33.68 -3.78 13.38
CA GLU D 254 35.02 -3.72 13.93
C GLU D 254 35.93 -4.77 13.32
N SER D 255 35.38 -5.92 12.93
CA SER D 255 36.18 -6.95 12.27
C SER D 255 36.63 -6.49 10.89
N ASN D 256 35.75 -5.85 10.15
CA ASN D 256 36.11 -5.38 8.80
C ASN D 256 37.18 -4.30 8.87
N THR D 257 37.00 -3.31 9.75
CA THR D 257 38.02 -2.27 9.89
C THR D 257 39.31 -2.81 10.49
N LEU D 258 39.24 -3.94 11.20
CA LEU D 258 40.46 -4.59 11.66
C LEU D 258 41.18 -5.30 10.51
N ALA D 259 40.41 -5.97 9.64
CA ALA D 259 41.01 -6.62 8.49
C ALA D 259 41.50 -5.60 7.47
N SER D 260 40.92 -4.40 7.46
CA SER D 260 41.36 -3.38 6.51
C SER D 260 42.70 -2.80 6.93
N LYS D 261 42.84 -2.43 8.20
CA LYS D 261 44.09 -1.87 8.71
C LYS D 261 45.14 -2.93 8.99
N SER D 262 44.85 -4.20 8.71
CA SER D 262 45.81 -5.26 8.99
C SER D 262 46.98 -5.20 8.03
N ILE D 263 48.19 -5.29 8.56
CA ILE D 263 49.42 -5.28 7.76
C ILE D 263 50.16 -6.60 7.84
N ASN D 264 49.71 -7.54 8.68
CA ASN D 264 50.34 -8.83 8.81
C ASN D 264 49.32 -9.94 8.53
N ALA D 265 49.82 -11.07 8.03
CA ALA D 265 48.92 -12.16 7.67
C ALA D 265 48.37 -12.88 8.89
N GLU D 266 49.12 -12.88 9.99
CA GLU D 266 48.64 -13.53 11.22
C GLU D 266 47.42 -12.81 11.77
N VAL D 267 47.42 -11.48 11.73
CA VAL D 267 46.26 -10.72 12.21
C VAL D 267 45.10 -10.86 11.24
N THR D 268 45.39 -10.92 9.94
CA THR D 268 44.33 -11.10 8.95
C THR D 268 43.61 -12.43 9.13
N ASN D 269 44.35 -13.49 9.46
CA ASN D 269 43.71 -14.77 9.76
C ASN D 269 42.85 -14.68 11.01
N SER D 270 43.24 -13.87 11.99
CA SER D 270 42.42 -13.71 13.18
C SER D 270 41.16 -12.90 12.87
N ALA D 271 41.27 -11.92 11.98
CA ALA D 271 40.10 -11.15 11.60
C ALA D 271 39.10 -12.02 10.85
N ILE D 272 39.59 -12.93 10.02
CA ILE D 272 38.71 -13.87 9.33
C ILE D 272 38.01 -14.79 10.33
N GLU D 273 38.75 -15.26 11.33
CA GLU D 273 38.15 -16.11 12.36
C GLU D 273 37.07 -15.36 13.13
N LEU D 274 37.28 -14.06 13.37
CA LEU D 274 36.26 -13.25 14.01
C LEU D 274 34.99 -13.20 13.17
N LYS D 275 35.13 -12.94 11.86
CA LYS D 275 33.97 -12.84 10.99
C LYS D 275 33.27 -14.18 10.84
N VAL D 276 33.99 -15.30 10.96
CA VAL D 276 33.35 -16.61 10.94
C VAL D 276 32.51 -16.80 12.19
N LEU D 277 33.05 -16.42 13.35
CA LEU D 277 32.31 -16.54 14.60
C LEU D 277 31.08 -15.64 14.60
N ILE D 278 31.19 -14.46 14.00
CA ILE D 278 30.06 -13.54 13.95
C ILE D 278 28.96 -14.10 13.05
N GLU D 279 29.34 -14.72 11.93
CA GLU D 279 28.34 -15.36 11.07
C GLU D 279 27.68 -16.54 11.77
N GLN D 280 28.44 -17.30 12.55
CA GLN D 280 27.85 -18.42 13.28
C GLN D 280 26.88 -17.92 14.35
N MET D 281 27.20 -16.78 14.98
CA MET D 281 26.28 -16.20 15.97
C MET D 281 25.03 -15.64 15.29
N ARG D 282 25.20 -14.98 14.15
CA ARG D 282 24.04 -14.44 13.43
C ARG D 282 23.10 -15.55 12.99
N GLU D 283 23.63 -16.74 12.71
CA GLU D 283 22.77 -17.85 12.33
C GLU D 283 21.90 -18.30 13.49
N GLN D 284 22.43 -18.28 14.71
CA GLN D 284 21.65 -18.67 15.88
C GLN D 284 20.74 -17.56 16.36
N ILE D 285 21.12 -16.31 16.14
CA ILE D 285 20.29 -15.18 16.56
C ILE D 285 19.01 -15.12 15.75
N GLN D 286 19.05 -15.60 14.50
CA GLN D 286 17.83 -15.67 13.70
C GLN D 286 16.75 -16.51 14.38
N ASN D 287 17.15 -17.54 15.13
CA ASN D 287 16.18 -18.38 15.82
C ASN D 287 15.75 -17.81 17.16
N ILE D 288 16.33 -16.69 17.60
CA ILE D 288 15.99 -16.09 18.88
C ILE D 288 14.87 -15.09 18.70
N GLU D 289 13.92 -15.09 19.63
CA GLU D 289 12.79 -14.17 19.59
C GLU D 289 13.25 -12.73 19.84
N MET E 3 -9.60 11.07 12.40
CA MET E 3 -8.52 10.73 13.33
C MET E 3 -7.90 9.40 12.96
N ILE E 4 -6.80 9.05 13.63
CA ILE E 4 -6.15 7.78 13.37
C ILE E 4 -7.00 6.64 13.90
N ARG E 5 -6.96 5.50 13.23
CA ARG E 5 -7.77 4.35 13.60
C ARG E 5 -6.94 3.09 13.42
N SER E 6 -6.99 2.20 14.42
CA SER E 6 -6.26 0.94 14.34
C SER E 6 -6.93 0.02 13.34
N MET E 7 -6.13 -0.52 12.40
CA MET E 7 -6.69 -1.32 11.33
C MET E 7 -7.20 -2.67 11.82
N THR E 8 -6.76 -3.13 12.98
CA THR E 8 -7.24 -4.39 13.56
C THR E 8 -8.06 -4.08 14.81
N ALA E 9 -9.27 -4.63 14.87
CA ALA E 9 -10.16 -4.40 15.99
C ALA E 9 -11.23 -5.47 15.98
N TYR E 10 -11.98 -5.55 17.09
CA TYR E 10 -13.05 -6.54 17.23
C TYR E 10 -14.26 -5.89 17.90
N ALA E 11 -15.45 -6.31 17.47
CA ALA E 11 -16.70 -5.83 18.05
C ALA E 11 -17.85 -6.74 17.65
N ARG E 12 -18.60 -7.25 18.63
CA ARG E 12 -19.75 -8.08 18.38
C ARG E 12 -20.92 -7.61 19.25
N ARG E 13 -22.14 -7.84 18.75
CA ARG E 13 -23.34 -7.43 19.44
C ARG E 13 -24.44 -8.45 19.20
N GLU E 14 -25.21 -8.74 20.24
CA GLU E 14 -26.30 -9.71 20.16
C GLU E 14 -27.63 -8.99 20.35
N ILE E 15 -28.58 -9.30 19.47
CA ILE E 15 -29.93 -8.73 19.53
C ILE E 15 -30.92 -9.90 19.58
N LYS E 16 -31.66 -9.99 20.68
CA LYS E 16 -32.61 -11.06 20.90
C LYS E 16 -34.03 -10.54 20.71
N GLY E 17 -34.87 -11.33 20.05
CA GLY E 17 -36.25 -10.95 19.81
C GLY E 17 -37.15 -12.16 19.78
N GLU E 18 -38.45 -11.89 19.68
CA GLU E 18 -39.43 -12.97 19.60
C GLU E 18 -39.26 -13.78 18.33
N TRP E 19 -38.84 -13.15 17.24
CA TRP E 19 -38.57 -13.88 16.00
C TRP E 19 -37.44 -14.86 16.17
N GLY E 20 -36.42 -14.49 16.94
CA GLY E 20 -35.27 -15.34 17.14
C GLY E 20 -34.12 -14.55 17.71
N SER E 21 -32.98 -15.22 17.80
CA SER E 21 -31.76 -14.64 18.34
C SER E 21 -30.70 -14.60 17.26
N ALA E 22 -30.13 -13.43 17.03
CA ALA E 22 -29.11 -13.24 16.01
C ALA E 22 -28.01 -12.35 16.58
N THR E 23 -26.76 -12.79 16.45
CA THR E 23 -25.61 -12.09 17.00
C THR E 23 -24.65 -11.72 15.87
N TRP E 24 -24.47 -10.42 15.67
CA TRP E 24 -23.49 -9.93 14.71
C TRP E 24 -22.09 -10.00 15.32
N GLU E 25 -21.14 -10.57 14.58
CA GLU E 25 -19.76 -10.64 15.02
C GLU E 25 -18.85 -10.27 13.86
N MET E 26 -18.01 -9.26 14.06
CA MET E 26 -17.09 -8.79 13.03
C MET E 26 -15.72 -8.52 13.62
N ARG E 27 -14.69 -8.97 12.93
CA ARG E 27 -13.31 -8.78 13.34
C ARG E 27 -12.48 -8.35 12.14
N SER E 28 -11.34 -7.72 12.42
CA SER E 28 -10.47 -7.20 11.36
C SER E 28 -9.01 -7.46 11.72
N VAL E 29 -8.20 -7.66 10.68
CA VAL E 29 -6.75 -7.81 10.81
C VAL E 29 -6.09 -6.84 9.84
N ASN E 30 -4.85 -6.47 10.15
CA ASN E 30 -4.14 -5.48 9.35
C ASN E 30 -3.85 -6.05 7.95
N GLN E 31 -4.37 -5.37 6.93
CA GLN E 31 -4.15 -5.76 5.54
C GLN E 31 -3.97 -4.49 4.72
N ARG E 32 -3.14 -4.60 3.68
CA ARG E 32 -2.83 -3.44 2.85
C ARG E 32 -4.00 -2.99 1.98
N TYR E 33 -5.04 -3.82 1.84
CA TYR E 33 -6.21 -3.44 1.08
C TYR E 33 -7.47 -3.85 1.83
N LEU E 34 -8.60 -3.26 1.42
CA LEU E 34 -9.88 -3.56 2.05
C LEU E 34 -10.46 -4.83 1.46
N GLU E 35 -10.75 -5.82 2.32
CA GLU E 35 -11.27 -7.11 1.88
C GLU E 35 -12.29 -7.57 2.90
N THR E 36 -13.56 -7.63 2.49
CA THR E 36 -14.66 -7.99 3.39
C THR E 36 -15.19 -9.37 3.00
N TYR E 37 -15.16 -10.29 3.96
CA TYR E 37 -15.72 -11.63 3.79
C TYR E 37 -16.88 -11.80 4.76
N PHE E 38 -18.05 -12.15 4.24
CA PHE E 38 -19.27 -12.28 5.03
C PHE E 38 -19.75 -13.72 5.02
N ARG E 39 -20.23 -14.18 6.16
CA ARG E 39 -20.82 -15.50 6.31
C ARG E 39 -22.26 -15.29 6.80
N LEU E 40 -23.21 -15.40 5.88
CA LEU E 40 -24.59 -15.07 6.17
C LEU E 40 -25.50 -16.29 5.95
N PRO E 41 -26.62 -16.36 6.66
CA PRO E 41 -27.56 -17.47 6.44
C PRO E 41 -28.25 -17.35 5.09
N GLU E 42 -28.93 -18.43 4.70
CA GLU E 42 -29.65 -18.44 3.43
C GLU E 42 -30.79 -17.44 3.44
N GLN E 43 -31.44 -17.26 4.59
CA GLN E 43 -32.53 -16.28 4.69
C GLN E 43 -32.02 -14.87 4.48
N PHE E 44 -30.83 -14.57 5.01
CA PHE E 44 -30.22 -13.25 4.89
C PHE E 44 -29.15 -13.22 3.81
N ARG E 45 -29.12 -14.22 2.93
CA ARG E 45 -28.16 -14.21 1.83
C ARG E 45 -28.47 -13.08 0.86
N SER E 46 -29.74 -12.69 0.74
CA SER E 46 -30.11 -11.57 -0.11
C SER E 46 -29.63 -10.24 0.46
N LEU E 47 -29.30 -10.19 1.75
CA LEU E 47 -28.80 -8.97 2.37
C LEU E 47 -27.31 -8.76 2.14
N GLU E 48 -26.64 -9.69 1.45
CA GLU E 48 -25.20 -9.55 1.20
C GLU E 48 -24.82 -8.23 0.53
N PRO E 49 -25.47 -7.78 -0.54
CA PRO E 49 -25.02 -6.54 -1.18
C PRO E 49 -25.15 -5.31 -0.30
N VAL E 50 -26.24 -5.18 0.45
CA VAL E 50 -26.44 -3.98 1.26
C VAL E 50 -25.52 -3.99 2.47
N VAL E 51 -25.18 -5.18 2.98
CA VAL E 51 -24.25 -5.26 4.11
C VAL E 51 -22.85 -4.86 3.67
N ARG E 52 -22.44 -5.28 2.47
CA ARG E 52 -21.10 -4.95 2.00
C ARG E 52 -20.93 -3.45 1.80
N GLU E 53 -21.95 -2.78 1.23
CA GLU E 53 -21.84 -1.36 0.97
C GLU E 53 -21.71 -0.56 2.27
N ARG E 54 -22.48 -0.93 3.29
CA ARG E 54 -22.46 -0.18 4.53
C ARG E 54 -21.14 -0.37 5.27
N ILE E 55 -20.61 -1.59 5.26
CA ILE E 55 -19.34 -1.86 5.95
C ILE E 55 -18.20 -1.11 5.27
N ARG E 56 -18.15 -1.16 3.94
CA ARG E 56 -17.03 -0.58 3.21
C ARG E 56 -17.09 0.95 3.19
N SER E 57 -18.27 1.54 3.39
CA SER E 57 -18.36 3.00 3.38
C SER E 57 -17.69 3.60 4.62
N ARG E 58 -17.79 2.94 5.76
CA ARG E 58 -17.19 3.46 6.98
C ARG E 58 -15.78 2.93 7.21
N LEU E 59 -15.45 1.76 6.67
CA LEU E 59 -14.13 1.16 6.82
C LEU E 59 -13.31 1.43 5.57
N THR E 60 -12.20 2.15 5.71
CA THR E 60 -11.40 2.51 4.54
C THR E 60 -10.46 1.40 4.11
N ARG E 61 -9.87 0.68 5.07
CA ARG E 61 -8.88 -0.33 4.74
C ARG E 61 -8.94 -1.44 5.79
N GLY E 62 -8.38 -2.60 5.43
CA GLY E 62 -8.30 -3.72 6.34
C GLY E 62 -9.08 -4.94 5.88
N LYS E 63 -8.67 -6.13 6.33
CA LYS E 63 -9.37 -7.35 6.01
C LYS E 63 -10.36 -7.65 7.13
N VAL E 64 -11.65 -7.62 6.81
CA VAL E 64 -12.73 -7.72 7.79
C VAL E 64 -13.48 -9.03 7.57
N GLU E 65 -13.70 -9.77 8.66
CA GLU E 65 -14.47 -11.00 8.63
C GLU E 65 -15.71 -10.80 9.50
N CYS E 66 -16.87 -10.63 8.86
CA CYS E 66 -18.13 -10.38 9.54
C CYS E 66 -19.06 -11.56 9.34
N THR E 67 -19.59 -12.11 10.44
CA THR E 67 -20.47 -13.26 10.38
C THR E 67 -21.70 -13.02 11.24
N LEU E 68 -22.82 -13.59 10.82
CA LEU E 68 -24.09 -13.48 11.52
C LEU E 68 -24.65 -14.87 11.78
N ARG E 69 -24.93 -15.17 13.05
CA ARG E 69 -25.52 -16.45 13.44
C ARG E 69 -26.99 -16.22 13.76
N TYR E 70 -27.87 -16.89 13.02
CA TYR E 70 -29.31 -16.74 13.19
C TYR E 70 -29.95 -18.10 13.41
N GLU E 71 -30.79 -18.20 14.44
CA GLU E 71 -31.49 -19.44 14.75
C GLU E 71 -32.97 -19.15 14.83
N PRO E 72 -33.80 -19.89 14.10
CA PRO E 72 -35.24 -19.62 14.12
C PRO E 72 -35.91 -20.11 15.39
N ASP E 73 -36.93 -19.37 15.81
CA ASP E 73 -37.69 -19.70 17.01
C ASP E 73 -39.03 -20.31 16.60
N VAL E 74 -39.32 -21.50 17.12
CA VAL E 74 -40.59 -22.16 16.80
C VAL E 74 -41.75 -21.34 17.35
N SER E 75 -41.56 -20.70 18.51
CA SER E 75 -42.57 -19.85 19.14
C SER E 75 -43.83 -20.64 19.49
N ALA E 76 -43.67 -21.94 19.75
CA ALA E 76 -44.76 -22.81 20.16
C ALA E 76 -45.92 -22.78 19.16
N GLY E 78 -46.29 -24.11 15.59
N GLY E 78 -46.26 -24.10 15.58
CA GLY E 78 -45.91 -25.14 14.64
CA GLY E 78 -45.91 -25.14 14.64
C GLY E 78 -46.49 -24.92 13.26
C GLY E 78 -46.50 -24.93 13.26
N GLU E 79 -47.57 -24.14 13.20
CA GLU E 79 -48.22 -23.87 11.92
C GLU E 79 -47.35 -22.99 11.05
N LEU E 80 -47.28 -23.33 9.76
CA LEU E 80 -46.48 -22.59 8.79
C LEU E 80 -47.34 -22.26 7.58
N ILE E 81 -46.98 -21.16 6.91
CA ILE E 81 -47.71 -20.72 5.73
C ILE E 81 -47.13 -21.39 4.50
N LEU E 82 -47.98 -21.59 3.50
CA LEU E 82 -47.62 -22.27 2.26
C LEU E 82 -47.83 -21.31 1.10
N ASN E 83 -46.77 -21.09 0.33
CA ASN E 83 -46.88 -20.26 -0.87
C ASN E 83 -47.53 -21.10 -1.96
N GLU E 84 -48.85 -21.00 -2.10
CA GLU E 84 -49.56 -21.85 -3.04
C GLU E 84 -49.31 -21.44 -4.49
N LYS E 85 -49.14 -20.14 -4.75
CA LYS E 85 -48.94 -19.69 -6.12
C LYS E 85 -47.56 -20.08 -6.63
N LEU E 86 -46.53 -19.96 -5.78
CA LEU E 86 -45.18 -20.34 -6.20
C LEU E 86 -45.09 -21.84 -6.44
N ALA E 87 -45.76 -22.65 -5.63
CA ALA E 87 -45.76 -24.09 -5.85
C ALA E 87 -46.46 -24.45 -7.16
N LYS E 88 -47.58 -23.79 -7.46
CA LYS E 88 -48.25 -24.02 -8.73
C LYS E 88 -47.39 -23.55 -9.90
N GLN E 89 -46.59 -22.49 -9.71
CA GLN E 89 -45.69 -22.04 -10.76
C GLN E 89 -44.64 -23.10 -11.07
N LEU E 90 -44.14 -23.79 -10.03
CA LEU E 90 -43.09 -24.78 -10.25
C LEU E 90 -43.67 -26.06 -10.86
N VAL E 91 -44.90 -26.42 -10.48
CA VAL E 91 -45.51 -27.65 -11.01
C VAL E 91 -45.79 -27.49 -12.49
N THR E 92 -46.32 -26.33 -12.90
CA THR E 92 -46.54 -26.09 -14.33
C THR E 92 -45.23 -25.98 -15.08
N ALA E 93 -44.19 -25.43 -14.46
CA ALA E 93 -42.89 -25.38 -15.11
C ALA E 93 -42.28 -26.77 -15.23
N ALA E 94 -42.53 -27.64 -14.25
CA ALA E 94 -42.03 -29.01 -14.34
C ALA E 94 -42.84 -29.82 -15.35
N ASN E 95 -44.13 -29.52 -15.48
CA ASN E 95 -44.95 -30.21 -16.47
C ASN E 95 -44.46 -29.94 -17.88
N TRP E 96 -43.97 -28.72 -18.15
CA TRP E 96 -43.39 -28.42 -19.45
C TRP E 96 -42.14 -29.24 -19.70
N VAL E 97 -41.31 -29.41 -18.66
CA VAL E 97 -40.12 -30.24 -18.80
C VAL E 97 -40.52 -31.69 -19.02
N LYS E 98 -41.58 -32.15 -18.36
CA LYS E 98 -42.02 -33.53 -18.55
C LYS E 98 -42.48 -33.79 -19.97
N MET E 99 -43.07 -32.79 -20.62
CA MET E 99 -43.50 -32.97 -22.01
C MET E 99 -42.32 -33.00 -22.97
N GLN E 100 -41.22 -32.30 -22.64
CA GLN E 100 -40.03 -32.35 -23.47
C GLN E 100 -39.32 -33.69 -23.30
N SER E 101 -39.14 -34.14 -22.06
CA SER E 101 -38.46 -35.41 -21.78
C SER E 101 -39.36 -36.62 -22.02
N ASP E 102 -40.67 -36.44 -22.05
CA ASP E 102 -41.66 -37.50 -22.20
C ASP E 102 -41.61 -38.51 -21.06
N GLU E 103 -41.06 -38.11 -19.90
CA GLU E 103 -40.95 -39.01 -18.76
C GLU E 103 -40.70 -38.17 -17.51
N GLY E 104 -40.79 -38.82 -16.36
CA GLY E 104 -40.48 -38.17 -15.11
C GLY E 104 -41.71 -38.05 -14.21
N GLU E 105 -41.45 -37.84 -12.92
CA GLU E 105 -42.49 -37.69 -11.91
C GLU E 105 -42.09 -36.58 -10.96
N ILE E 106 -43.05 -35.74 -10.61
CA ILE E 106 -42.78 -34.58 -9.76
C ILE E 106 -42.81 -35.02 -8.30
N ASN E 107 -41.67 -34.90 -7.63
CA ASN E 107 -41.58 -35.24 -6.22
C ASN E 107 -42.14 -34.09 -5.38
N PRO E 108 -43.13 -34.34 -4.51
CA PRO E 108 -43.71 -33.23 -3.74
C PRO E 108 -42.74 -32.60 -2.76
N VAL E 109 -41.94 -33.41 -2.06
CA VAL E 109 -40.99 -32.86 -1.08
C VAL E 109 -39.95 -31.99 -1.78
N ASP E 110 -39.56 -32.36 -3.01
CA ASP E 110 -38.62 -31.54 -3.77
C ASP E 110 -39.20 -30.16 -4.07
N ILE E 111 -40.52 -30.07 -4.25
CA ILE E 111 -41.15 -28.77 -4.44
C ILE E 111 -41.12 -27.95 -3.17
N LEU E 112 -41.36 -28.61 -2.03
CA LEU E 112 -41.28 -27.92 -0.74
C LEU E 112 -39.86 -27.50 -0.42
N ARG E 113 -38.86 -28.27 -0.87
CA ARG E 113 -37.47 -27.91 -0.64
C ARG E 113 -37.06 -26.65 -1.41
N TRP E 114 -37.83 -26.27 -2.43
CA TRP E 114 -37.50 -25.08 -3.19
C TRP E 114 -37.61 -23.84 -2.29
N PRO E 115 -36.65 -22.92 -2.35
CA PRO E 115 -36.70 -21.75 -1.46
C PRO E 115 -37.91 -20.87 -1.72
N GLY E 116 -38.57 -20.46 -0.64
CA GLY E 116 -39.74 -19.62 -0.72
C GLY E 116 -41.06 -20.35 -0.77
N VAL E 117 -41.06 -21.63 -1.08
CA VAL E 117 -42.30 -22.40 -1.13
C VAL E 117 -42.89 -22.56 0.27
N MET E 118 -42.03 -22.76 1.27
CA MET E 118 -42.45 -22.87 2.66
C MET E 118 -41.87 -21.71 3.44
N ALA E 119 -42.72 -21.04 4.23
CA ALA E 119 -42.30 -19.90 5.03
C ALA E 119 -42.88 -20.05 6.44
N ALA E 120 -42.23 -19.39 7.39
CA ALA E 120 -42.66 -19.45 8.78
C ALA E 120 -43.77 -18.43 9.05
N GLN E 121 -44.86 -18.91 9.64
CA GLN E 121 -45.98 -18.02 9.94
C GLN E 121 -45.67 -17.10 11.12
N GLU E 122 -44.83 -17.55 12.06
CA GLU E 122 -44.59 -16.80 13.28
C GLU E 122 -43.78 -15.52 13.03
N GLN E 123 -43.09 -15.42 11.89
CA GLN E 123 -42.16 -14.33 11.65
C GLN E 123 -42.30 -13.84 10.22
N ASP E 124 -41.97 -12.55 10.02
CA ASP E 124 -41.90 -11.93 8.70
C ASP E 124 -40.45 -11.59 8.41
N LEU E 125 -39.95 -12.03 7.25
CA LEU E 125 -38.54 -11.89 6.95
C LEU E 125 -38.13 -10.42 6.79
N ASP E 126 -39.02 -9.60 6.23
CA ASP E 126 -38.69 -8.19 6.03
C ASP E 126 -38.57 -7.46 7.36
N ALA E 127 -39.41 -7.81 8.34
CA ALA E 127 -39.32 -7.16 9.65
C ALA E 127 -38.04 -7.55 10.36
N ILE E 128 -37.63 -8.82 10.23
CA ILE E 128 -36.38 -9.26 10.84
C ILE E 128 -35.20 -8.58 10.18
N ALA E 129 -35.25 -8.41 8.86
CA ALA E 129 -34.13 -7.80 8.13
C ALA E 129 -33.94 -6.35 8.55
N ALA E 130 -35.03 -5.63 8.79
CA ALA E 130 -34.92 -4.24 9.23
C ALA E 130 -34.24 -4.13 10.58
N GLU E 131 -34.59 -5.04 11.50
CA GLU E 131 -33.90 -5.07 12.79
C GLU E 131 -32.45 -5.52 12.64
N ILE E 132 -32.20 -6.47 11.73
CA ILE E 132 -30.84 -6.94 11.48
C ILE E 132 -29.99 -5.83 10.88
N LEU E 133 -30.54 -5.10 9.90
CA LEU E 133 -29.79 -4.02 9.28
C LEU E 133 -29.50 -2.91 10.28
N ALA E 134 -30.47 -2.61 11.16
CA ALA E 134 -30.25 -1.60 12.18
C ALA E 134 -29.23 -2.05 13.20
N ALA E 135 -29.16 -3.36 13.49
CA ALA E 135 -28.15 -3.87 14.41
C ALA E 135 -26.77 -3.87 13.78
N LEU E 136 -26.69 -4.01 12.46
CA LEU E 136 -25.40 -4.04 11.78
C LEU E 136 -24.68 -2.71 11.92
N ASP E 137 -25.36 -1.61 11.63
CA ASP E 137 -24.72 -0.30 11.76
C ASP E 137 -24.39 0.04 13.21
N GLY E 138 -25.09 -0.59 14.17
CA GLY E 138 -24.72 -0.41 15.57
C GLY E 138 -23.40 -1.09 15.90
N THR E 139 -23.21 -2.31 15.40
CA THR E 139 -21.91 -2.97 15.56
C THR E 139 -20.81 -2.20 14.84
N LEU E 140 -21.13 -1.65 13.67
CA LEU E 140 -20.13 -0.92 12.89
C LEU E 140 -19.72 0.37 13.60
N ASP E 141 -20.68 1.07 14.20
CA ASP E 141 -20.35 2.28 14.95
C ASP E 141 -19.46 1.95 16.15
N ASP E 142 -19.79 0.88 16.88
CA ASP E 142 -18.90 0.42 17.95
C ASP E 142 -17.59 -0.10 17.39
N PHE E 143 -17.61 -0.64 16.17
CA PHE E 143 -16.38 -1.13 15.55
C PHE E 143 -15.44 0.03 15.22
N ILE E 144 -16.00 1.17 14.78
CA ILE E 144 -15.19 2.35 14.52
C ILE E 144 -14.57 2.86 15.80
N VAL E 145 -15.35 2.89 16.89
CA VAL E 145 -14.82 3.34 18.18
C VAL E 145 -13.74 2.37 18.67
N ALA E 146 -13.94 1.07 18.46
CA ALA E 146 -12.91 0.11 18.83
C ALA E 146 -11.62 0.34 18.05
N ARG E 147 -11.72 0.81 16.81
CA ARG E 147 -10.53 1.18 16.06
C ARG E 147 -9.94 2.48 16.57
N GLU E 148 -10.79 3.44 16.94
CA GLU E 148 -10.28 4.75 17.36
C GLU E 148 -9.59 4.67 18.71
N THR E 149 -10.13 3.87 19.64
CA THR E 149 -9.51 3.74 20.95
C THR E 149 -8.17 3.00 20.86
N GLU E 150 -8.14 1.88 20.12
CA GLU E 150 -6.89 1.17 19.93
C GLU E 150 -5.92 1.96 19.06
N GLY E 151 -6.44 2.79 18.16
CA GLY E 151 -5.59 3.70 17.43
C GLY E 151 -4.89 4.70 18.34
N GLN E 152 -5.62 5.24 19.32
CA GLN E 152 -5.01 6.12 20.30
C GLN E 152 -3.98 5.38 21.15
N ALA E 153 -4.19 4.08 21.37
CA ALA E 153 -3.18 3.29 22.08
C ALA E 153 -1.91 3.17 21.27
N LEU E 154 -2.03 3.01 19.94
CA LEU E 154 -0.85 2.97 19.09
C LEU E 154 -0.13 4.33 19.06
N LYS E 155 -0.89 5.42 19.14
CA LYS E 155 -0.28 6.75 19.17
C LYS E 155 0.56 6.94 20.43
N ALA E 156 0.06 6.45 21.57
CA ALA E 156 0.81 6.56 22.81
C ALA E 156 2.09 5.72 22.76
N LEU E 157 2.05 4.59 22.07
CA LEU E 157 3.25 3.76 21.94
C LEU E 157 4.31 4.46 21.11
N ILE E 158 3.92 5.09 20.00
CA ILE E 158 4.89 5.78 19.15
C ILE E 158 5.45 7.00 19.88
N GLU E 159 4.61 7.72 20.62
CA GLU E 159 5.10 8.86 21.39
C GLU E 159 6.02 8.40 22.53
N GLN E 160 5.71 7.26 23.15
CA GLN E 160 6.58 6.71 24.19
C GLN E 160 7.96 6.39 23.62
N ARG E 161 8.01 5.87 22.39
CA ARG E 161 9.29 5.56 21.77
C ARG E 161 9.95 6.80 21.19
N LEU E 162 9.16 7.78 20.75
CA LEU E 162 9.73 9.03 20.23
C LEU E 162 10.47 9.79 21.32
N GLU E 163 9.86 9.91 22.50
CA GLU E 163 10.54 10.56 23.62
C GLU E 163 11.75 9.76 24.07
N GLY E 164 11.74 8.45 23.86
CA GLY E 164 12.94 7.66 24.09
C GLY E 164 13.99 7.85 23.02
N VAL E 165 13.57 8.19 21.79
CA VAL E 165 14.52 8.47 20.73
C VAL E 165 15.25 9.79 21.00
N THR E 166 14.48 10.84 21.30
CA THR E 166 15.09 12.14 21.58
C THR E 166 15.90 12.13 22.86
N ALA E 167 15.63 11.18 23.76
CA ALA E 167 16.45 11.07 24.96
C ALA E 167 17.80 10.44 24.66
N GLU E 168 17.86 9.54 23.67
CA GLU E 168 19.13 8.95 23.28
C GLU E 168 20.00 9.95 22.52
N VAL E 169 19.39 10.93 21.85
CA VAL E 169 20.16 11.91 21.10
C VAL E 169 20.92 12.84 22.04
N VAL E 170 20.21 13.40 23.02
CA VAL E 170 20.86 14.29 23.99
C VAL E 170 21.83 13.51 24.87
N LYS E 171 21.62 12.20 25.02
CA LYS E 171 22.58 11.38 25.74
C LYS E 171 23.88 11.24 24.95
N VAL E 172 23.79 11.17 23.63
CA VAL E 172 25.00 11.11 22.80
C VAL E 172 25.71 12.45 22.79
N ARG E 173 24.94 13.54 22.66
CA ARG E 173 25.54 14.86 22.56
C ARG E 173 26.20 15.30 23.86
N SER E 174 25.82 14.70 24.99
CA SER E 174 26.50 14.99 26.24
C SER E 174 27.87 14.32 26.29
N HIS E 175 27.98 13.12 25.72
CA HIS E 175 29.27 12.43 25.67
C HIS E 175 30.20 12.99 24.60
N MET E 176 29.65 13.68 23.60
CA MET E 176 30.45 14.07 22.44
C MET E 176 31.60 15.01 22.79
N PRO E 177 31.41 16.09 23.56
CA PRO E 177 32.59 16.93 23.89
C PRO E 177 33.64 16.20 24.69
N GLU E 178 33.25 15.29 25.58
CA GLU E 178 34.24 14.52 26.33
C GLU E 178 35.01 13.57 25.43
N ILE E 179 34.36 13.03 24.41
CA ILE E 179 35.03 12.11 23.49
C ILE E 179 36.07 12.85 22.66
N LEU E 180 35.74 14.05 22.19
CA LEU E 180 36.68 14.81 21.38
C LEU E 180 37.93 15.18 22.17
N GLN E 181 37.77 15.58 23.43
CA GLN E 181 38.94 15.90 24.24
C GLN E 181 39.75 14.65 24.59
N TRP E 182 39.08 13.51 24.72
CA TRP E 182 39.80 12.27 25.02
C TRP E 182 40.66 11.84 23.84
N GLN E 183 40.22 12.11 22.61
CA GLN E 183 40.99 11.71 21.45
C GLN E 183 42.26 12.55 21.30
N ARG E 184 42.15 13.87 21.51
CA ARG E 184 43.32 14.72 21.38
C ARG E 184 44.30 14.52 22.54
N GLU E 185 43.79 14.16 23.72
CA GLU E 185 44.68 13.85 24.83
C GLU E 185 45.38 12.51 24.62
N ARG E 186 44.69 11.55 23.99
CA ARG E 186 45.33 10.28 23.66
C ARG E 186 46.47 10.46 22.66
N LEU E 187 46.36 11.46 21.78
CA LEU E 187 47.39 11.66 20.78
C LEU E 187 48.65 12.27 21.40
N VAL E 188 48.49 13.28 22.24
CA VAL E 188 49.65 13.97 22.79
C VAL E 188 50.40 13.07 23.77
N THR E 189 49.70 12.14 24.42
CA THR E 189 50.37 11.24 25.36
C THR E 189 51.30 10.28 24.62
N LYS E 190 50.91 9.84 23.42
CA LYS E 190 51.80 8.99 22.62
C LYS E 190 52.98 9.78 22.09
N LEU E 191 52.81 11.07 21.83
CA LEU E 191 53.93 11.90 21.40
C LEU E 191 54.90 12.14 22.55
N GLU E 192 54.39 12.28 23.77
CA GLU E 192 55.27 12.43 24.93
C GLU E 192 56.05 11.14 25.19
N ASP E 193 55.40 9.99 25.01
CA ASP E 193 56.11 8.72 25.17
C ASP E 193 57.18 8.54 24.11
N ALA E 194 56.89 8.93 22.87
CA ALA E 194 57.83 8.77 21.77
C ALA E 194 58.95 9.80 21.79
N GLN E 195 58.83 10.86 22.60
CA GLN E 195 59.82 11.92 22.73
C GLN E 195 60.12 12.62 21.40
N VAL E 196 59.19 12.53 20.45
CA VAL E 196 59.41 13.11 19.13
C VAL E 196 59.21 14.63 19.21
N GLN E 197 59.98 15.35 18.42
CA GLN E 197 59.89 16.80 18.39
C GLN E 197 58.55 17.23 17.81
N LEU E 198 57.78 18.00 18.57
CA LEU E 198 56.48 18.47 18.11
C LEU E 198 56.67 19.60 17.10
N GLU E 199 55.94 19.51 15.99
CA GLU E 199 55.99 20.51 14.94
C GLU E 199 54.88 21.54 15.13
N ASN E 200 55.01 22.66 14.43
CA ASN E 200 54.10 23.79 14.58
C ASN E 200 52.90 23.63 13.66
N ASN E 201 51.71 23.57 14.24
CA ASN E 201 50.41 23.41 13.59
C ASN E 201 50.24 22.08 12.88
N ARG E 202 51.27 21.22 12.86
CA ARG E 202 51.06 19.86 12.37
C ARG E 202 50.12 19.09 13.28
N LEU E 203 50.27 19.27 14.60
CA LEU E 203 49.35 18.65 15.54
C LEU E 203 47.93 19.19 15.35
N GLU E 204 47.81 20.51 15.18
CA GLU E 204 46.48 21.11 15.03
C GLU E 204 45.76 20.59 13.81
N GLN E 205 46.48 20.45 12.69
CA GLN E 205 45.87 19.95 11.46
C GLN E 205 45.44 18.49 11.61
N GLU E 206 46.19 17.70 12.36
CA GLU E 206 45.77 16.32 12.60
C GLU E 206 44.58 16.27 13.54
N LEU E 207 44.54 17.16 14.54
CA LEU E 207 43.41 17.21 15.45
C LEU E 207 42.14 17.65 14.73
N VAL E 208 42.27 18.61 13.80
CA VAL E 208 41.12 19.05 13.02
C VAL E 208 40.60 17.92 12.15
N LEU E 209 41.52 17.15 11.55
CA LEU E 209 41.10 16.06 10.67
C LEU E 209 40.31 14.99 11.43
N LEU E 210 40.83 14.58 12.59
CA LEU E 210 40.12 13.56 13.38
C LEU E 210 38.81 14.11 13.91
N ALA E 211 38.78 15.40 14.28
CA ALA E 211 37.53 15.99 14.76
C ALA E 211 36.45 15.96 13.68
N GLN E 212 36.84 16.19 12.43
CA GLN E 212 35.88 16.10 11.33
C GLN E 212 35.42 14.67 11.12
N ARG E 213 36.32 13.69 11.28
CA ARG E 213 35.95 12.30 11.11
C ARG E 213 34.97 11.84 12.19
N ILE E 214 35.16 12.31 13.43
CA ILE E 214 34.29 11.92 14.53
C ILE E 214 33.05 12.81 14.62
N ASP E 215 33.02 13.92 13.89
CA ASP E 215 31.90 14.85 13.98
C ASP E 215 30.60 14.19 13.53
N VAL E 216 29.59 14.26 14.40
CA VAL E 216 28.28 13.69 14.10
C VAL E 216 27.20 14.73 14.35
N ALA E 217 27.58 16.02 14.28
CA ALA E 217 26.64 17.08 14.63
C ALA E 217 25.46 17.13 13.69
N GLU E 218 25.71 16.93 12.39
CA GLU E 218 24.61 16.98 11.42
C GLU E 218 23.65 15.82 11.59
N GLU E 219 24.13 14.66 12.05
CA GLU E 219 23.24 13.52 12.24
C GLU E 219 22.36 13.71 13.47
N LEU E 220 22.92 14.26 14.55
CA LEU E 220 22.13 14.48 15.76
C LEU E 220 21.08 15.56 15.54
N ASP E 221 21.44 16.64 14.86
CA ASP E 221 20.46 17.69 14.56
C ASP E 221 19.38 17.17 13.62
N ARG E 222 19.75 16.30 12.68
CA ARG E 222 18.77 15.78 11.73
C ARG E 222 17.83 14.78 12.41
N LEU E 223 18.31 14.06 13.42
CA LEU E 223 17.44 13.18 14.18
C LEU E 223 16.41 13.97 14.98
N GLU E 224 16.83 15.08 15.59
CA GLU E 224 15.88 15.90 16.34
C GLU E 224 14.86 16.57 15.43
N ALA E 225 15.23 16.85 14.19
CA ALA E 225 14.25 17.39 13.25
C ALA E 225 13.24 16.33 12.84
N HIS E 226 13.65 15.05 12.85
CA HIS E 226 12.73 13.98 12.46
C HIS E 226 11.69 13.72 13.54
N VAL E 227 12.08 13.78 14.82
CA VAL E 227 11.12 13.55 15.89
C VAL E 227 10.12 14.69 15.96
N LYS E 228 10.56 15.92 15.72
CA LYS E 228 9.65 17.06 15.70
C LYS E 228 8.68 16.96 14.53
N GLU E 229 9.14 16.43 13.39
CA GLU E 229 8.25 16.24 12.25
C GLU E 229 7.28 15.10 12.49
N THR E 230 7.73 14.04 13.19
CA THR E 230 6.85 12.92 13.45
C THR E 230 5.69 13.31 14.36
N TYR E 231 5.95 14.17 15.35
CA TYR E 231 4.85 14.70 16.16
C TYR E 231 3.88 15.51 15.31
N ASN E 232 4.40 16.27 14.35
CA ASN E 232 3.54 17.06 13.48
C ASN E 232 2.69 16.17 12.58
N ILE E 233 3.28 15.09 12.06
CA ILE E 233 2.52 14.14 11.26
C ILE E 233 1.49 13.41 12.10
N LEU E 234 1.85 13.12 13.36
CA LEU E 234 0.92 12.42 14.24
C LEU E 234 -0.23 13.33 14.68
N LYS E 235 -0.01 14.65 14.69
CA LYS E 235 -1.06 15.58 15.07
C LYS E 235 -2.07 15.77 13.95
N LYS E 236 -1.59 16.07 12.73
CA LYS E 236 -2.47 16.26 11.59
C LYS E 236 -2.91 14.90 11.05
N LYS E 237 -4.22 14.65 11.11
CA LYS E 237 -4.76 13.32 10.80
C LYS E 237 -5.18 13.21 9.35
N GLU E 238 -4.20 13.37 8.45
CA GLU E 238 -4.39 13.15 7.03
C GLU E 238 -3.23 12.34 6.49
N ALA E 239 -3.53 11.14 5.97
CA ALA E 239 -2.52 10.24 5.42
C ALA E 239 -1.42 9.96 6.43
N VAL E 240 -1.82 9.59 7.64
CA VAL E 240 -0.85 9.33 8.70
C VAL E 240 -0.16 8.00 8.47
N GLY E 241 -0.89 6.99 8.01
CA GLY E 241 -0.32 5.66 7.85
C GLY E 241 0.81 5.62 6.84
N ARG E 242 0.69 6.38 5.75
CA ARG E 242 1.72 6.36 4.72
C ARG E 242 2.92 7.22 5.09
N ARG E 243 2.68 8.42 5.62
CA ARG E 243 3.78 9.34 5.88
C ARG E 243 4.64 8.88 7.05
N LEU E 244 4.08 8.11 7.99
CA LEU E 244 4.88 7.58 9.09
C LEU E 244 5.90 6.56 8.58
N ASP E 245 5.57 5.83 7.52
CA ASP E 245 6.49 4.84 6.98
C ASP E 245 7.77 5.50 6.45
N PHE E 246 7.63 6.66 5.82
CA PHE E 246 8.81 7.33 5.26
C PHE E 246 9.72 7.84 6.36
N MET E 247 9.15 8.30 7.48
CA MET E 247 9.96 8.84 8.56
C MET E 247 10.86 7.77 9.18
N MET E 248 10.35 6.54 9.26
CA MET E 248 11.15 5.45 9.84
C MET E 248 12.39 5.15 9.01
N GLN E 249 12.28 5.26 7.68
CA GLN E 249 13.47 5.08 6.84
C GLN E 249 14.48 6.20 7.07
N GLU E 250 14.00 7.43 7.28
CA GLU E 250 14.91 8.53 7.57
C GLU E 250 15.52 8.37 8.96
N PHE E 251 14.73 7.88 9.93
CA PHE E 251 15.28 7.59 11.25
C PHE E 251 16.37 6.53 11.16
N ASN E 252 16.17 5.52 10.32
CA ASN E 252 17.07 4.36 10.32
C ASN E 252 18.39 4.67 9.63
N ARG E 253 18.37 5.50 8.59
CA ARG E 253 19.62 5.82 7.90
C ARG E 253 20.47 6.81 8.69
N GLU E 254 19.84 7.68 9.49
CA GLU E 254 20.63 8.54 10.37
C GLU E 254 21.22 7.75 11.54
N SER E 255 20.50 6.73 12.02
CA SER E 255 21.04 5.87 13.06
C SER E 255 22.19 5.02 12.53
N ASN E 256 22.05 4.50 11.31
CA ASN E 256 23.15 3.76 10.70
C ASN E 256 24.34 4.66 10.43
N THR E 257 24.10 5.87 9.93
CA THR E 257 25.19 6.82 9.72
C THR E 257 25.86 7.19 11.04
N LEU E 258 25.08 7.25 12.12
CA LEU E 258 25.66 7.53 13.43
C LEU E 258 26.51 6.37 13.90
N ALA E 259 26.00 5.13 13.79
CA ALA E 259 26.75 3.97 14.23
C ALA E 259 28.03 3.79 13.41
N SER E 260 28.02 4.20 12.14
CA SER E 260 29.21 4.09 11.32
C SER E 260 30.28 5.09 11.77
N LYS E 261 29.88 6.34 11.99
CA LYS E 261 30.81 7.41 12.31
C LYS E 261 31.14 7.50 13.80
N SER E 262 30.77 6.48 14.58
CA SER E 262 31.01 6.51 16.01
C SER E 262 32.38 5.91 16.34
N ILE E 263 32.98 6.43 17.41
CA ILE E 263 34.29 5.97 17.87
C ILE E 263 34.24 5.47 19.31
N ASN E 264 33.11 5.59 19.98
CA ASN E 264 32.96 5.16 21.37
C ASN E 264 31.95 4.03 21.44
N ALA E 265 32.23 3.05 22.30
CA ALA E 265 31.31 1.93 22.47
C ALA E 265 30.01 2.37 23.11
N GLU E 266 30.05 3.39 23.95
CA GLU E 266 28.83 3.88 24.59
C GLU E 266 27.92 4.57 23.58
N VAL E 267 28.51 5.30 22.62
CA VAL E 267 27.72 5.89 21.55
C VAL E 267 27.17 4.81 20.64
N THR E 268 27.96 3.75 20.39
CA THR E 268 27.47 2.65 19.57
C THR E 268 26.29 1.96 20.23
N ASN E 269 26.34 1.79 21.55
CA ASN E 269 25.21 1.19 22.26
C ASN E 269 23.96 2.07 22.16
N SER E 270 24.15 3.39 22.13
CA SER E 270 23.01 4.28 21.98
C SER E 270 22.42 4.19 20.57
N ALA E 271 23.28 4.00 19.57
CA ALA E 271 22.79 3.85 18.20
C ALA E 271 21.98 2.57 18.04
N ILE E 272 22.40 1.49 18.73
CA ILE E 272 21.62 0.26 18.71
C ILE E 272 20.27 0.47 19.36
N GLU E 273 20.23 1.25 20.46
CA GLU E 273 18.97 1.55 21.11
C GLU E 273 18.04 2.32 20.19
N LEU E 274 18.59 3.26 19.42
CA LEU E 274 17.78 3.98 18.43
C LEU E 274 17.16 3.01 17.43
N LYS E 275 17.98 2.08 16.90
CA LYS E 275 17.46 1.15 15.90
C LYS E 275 16.44 0.19 16.49
N VAL E 276 16.56 -0.12 17.79
CA VAL E 276 15.54 -0.94 18.44
C VAL E 276 14.23 -0.16 18.57
N LEU E 277 14.32 1.12 18.94
CA LEU E 277 13.13 1.95 19.06
C LEU E 277 12.46 2.13 17.70
N ILE E 278 13.26 2.29 16.65
CA ILE E 278 12.71 2.44 15.30
C ILE E 278 11.98 1.17 14.88
N GLU E 279 12.55 0.00 15.21
CA GLU E 279 11.89 -1.26 14.88
C GLU E 279 10.61 -1.44 15.68
N GLN E 280 10.59 -0.94 16.93
CA GLN E 280 9.37 -1.03 17.73
C GLN E 280 8.30 -0.08 17.20
N MET E 281 8.72 1.09 16.69
CA MET E 281 7.76 2.01 16.08
C MET E 281 7.21 1.44 14.78
N ARG E 282 8.07 0.79 13.98
CA ARG E 282 7.61 0.20 12.73
C ARG E 282 6.57 -0.88 12.97
N GLU E 283 6.68 -1.62 14.07
CA GLU E 283 5.73 -2.68 14.36
C GLU E 283 4.34 -2.12 14.60
N GLN E 284 4.24 -0.94 15.22
CA GLN E 284 2.95 -0.35 15.49
C GLN E 284 2.39 0.41 14.29
N ILE E 285 3.27 0.91 13.42
CA ILE E 285 2.82 1.67 12.25
C ILE E 285 2.11 0.75 11.27
N GLN E 286 2.47 -0.53 11.23
CA GLN E 286 1.75 -1.47 10.37
C GLN E 286 0.29 -1.60 10.78
N ASN E 287 -0.02 -1.47 12.07
CA ASN E 287 -1.39 -1.57 12.54
C ASN E 287 -2.20 -0.33 12.22
N ILE E 288 -1.57 0.76 11.78
CA ILE E 288 -2.26 2.02 11.56
C ILE E 288 -2.94 1.99 10.19
N GLU E 289 -4.21 2.37 10.16
CA GLU E 289 -5.00 2.36 8.93
C GLU E 289 -4.65 3.55 8.04
N MET F 3 35.26 -34.16 1.57
CA MET F 3 34.74 -33.97 2.91
C MET F 3 33.92 -32.69 3.00
N ILE F 4 34.29 -31.68 2.21
CA ILE F 4 33.46 -30.49 2.10
C ILE F 4 32.18 -30.85 1.34
N ARG F 5 31.10 -30.13 1.65
CA ARG F 5 29.77 -30.46 1.14
C ARG F 5 29.21 -29.29 0.37
N SER F 6 28.66 -29.57 -0.82
CA SER F 6 27.99 -28.55 -1.59
C SER F 6 26.60 -28.30 -1.02
N MET F 7 26.11 -27.07 -1.21
CA MET F 7 24.86 -26.70 -0.57
C MET F 7 23.65 -27.26 -1.30
N THR F 8 23.74 -27.47 -2.60
CA THR F 8 22.62 -27.96 -3.40
C THR F 8 22.77 -29.46 -3.64
N ALA F 9 21.71 -30.21 -3.38
CA ALA F 9 21.71 -31.66 -3.56
C ALA F 9 20.27 -32.15 -3.50
N TYR F 10 20.06 -33.38 -3.95
CA TYR F 10 18.73 -33.96 -4.01
C TYR F 10 18.81 -35.45 -3.67
N ALA F 11 17.80 -35.93 -2.95
CA ALA F 11 17.74 -37.33 -2.55
C ALA F 11 16.31 -37.70 -2.25
N ARG F 12 15.85 -38.84 -2.78
CA ARG F 12 14.51 -39.33 -2.53
C ARG F 12 14.57 -40.81 -2.13
N ARG F 13 13.67 -41.20 -1.24
CA ARG F 13 13.58 -42.59 -0.79
C ARG F 13 12.11 -42.94 -0.58
N GLU F 14 11.70 -44.11 -1.09
CA GLU F 14 10.33 -44.58 -0.98
C GLU F 14 10.33 -45.96 -0.33
N ILE F 15 9.46 -46.16 0.65
CA ILE F 15 9.30 -47.44 1.33
C ILE F 15 7.91 -47.96 1.01
N LYS F 16 7.84 -49.21 0.57
CA LYS F 16 6.60 -49.87 0.20
C LYS F 16 6.27 -50.95 1.23
N GLY F 17 5.02 -50.98 1.68
CA GLY F 17 4.57 -51.99 2.61
C GLY F 17 3.12 -52.33 2.36
N GLU F 18 2.65 -53.34 3.09
CA GLU F 18 1.25 -53.75 2.97
C GLU F 18 0.31 -52.66 3.46
N TRP F 19 0.73 -51.90 4.47
CA TRP F 19 -0.11 -50.80 4.97
C TRP F 19 -0.22 -49.67 3.96
N GLY F 20 0.83 -49.46 3.18
CA GLY F 20 0.81 -48.41 2.18
C GLY F 20 2.23 -48.07 1.74
N SER F 21 2.34 -46.94 1.06
CA SER F 21 3.62 -46.48 0.53
C SER F 21 3.82 -45.03 0.93
N ALA F 22 5.06 -44.68 1.24
CA ALA F 22 5.43 -43.33 1.61
C ALA F 22 6.76 -42.97 0.96
N THR F 23 6.93 -41.70 0.65
CA THR F 23 8.10 -41.21 -0.08
C THR F 23 8.69 -40.00 0.63
N TRP F 24 9.99 -40.02 0.85
CA TRP F 24 10.72 -38.89 1.42
C TRP F 24 11.51 -38.23 0.30
N GLU F 25 11.10 -37.02 -0.08
CA GLU F 25 11.81 -36.23 -1.07
C GLU F 25 12.48 -35.04 -0.38
N MET F 26 13.75 -34.81 -0.73
CA MET F 26 14.54 -33.78 -0.05
C MET F 26 15.46 -33.11 -1.05
N ARG F 27 15.31 -31.80 -1.22
CA ARG F 27 16.15 -31.01 -2.10
C ARG F 27 16.62 -29.75 -1.35
N SER F 28 17.71 -29.17 -1.85
CA SER F 28 18.31 -28.01 -1.20
C SER F 28 18.95 -27.11 -2.23
N VAL F 29 19.09 -25.84 -1.86
CA VAL F 29 19.75 -24.83 -2.68
C VAL F 29 20.67 -24.00 -1.78
N ASN F 30 21.47 -23.14 -2.42
CA ASN F 30 22.40 -22.31 -1.68
C ASN F 30 21.67 -21.24 -0.87
N GLN F 31 22.18 -20.96 0.32
CA GLN F 31 21.58 -19.97 1.20
C GLN F 31 22.63 -19.53 2.22
N ARG F 32 22.46 -18.31 2.74
CA ARG F 32 23.43 -17.79 3.70
C ARG F 32 23.31 -18.49 5.05
N TYR F 33 22.08 -18.83 5.45
CA TYR F 33 21.84 -19.53 6.70
C TYR F 33 20.90 -20.70 6.45
N LEU F 34 20.80 -21.59 7.44
CA LEU F 34 20.00 -22.79 7.32
C LEU F 34 18.52 -22.44 7.44
N GLU F 35 17.75 -22.72 6.39
CA GLU F 35 16.30 -22.54 6.38
C GLU F 35 15.66 -23.89 6.10
N THR F 36 14.77 -24.33 6.98
CA THR F 36 14.15 -25.64 6.90
C THR F 36 12.66 -25.48 6.61
N TYR F 37 12.21 -26.03 5.49
CA TYR F 37 10.80 -26.03 5.10
C TYR F 37 10.35 -27.46 4.91
N PHE F 38 9.27 -27.84 5.59
CA PHE F 38 8.78 -29.20 5.60
C PHE F 38 7.36 -29.25 5.08
N ARG F 39 7.09 -30.18 4.16
CA ARG F 39 5.76 -30.46 3.66
C ARG F 39 5.39 -31.85 4.15
N LEU F 40 4.54 -31.91 5.18
CA LEU F 40 4.20 -33.16 5.83
C LEU F 40 2.69 -33.36 5.82
N PRO F 41 2.24 -34.61 5.72
CA PRO F 41 0.79 -34.88 5.76
C PRO F 41 0.19 -34.48 7.10
N GLU F 42 -1.13 -34.29 7.09
CA GLU F 42 -1.82 -33.90 8.32
C GLU F 42 -1.69 -34.99 9.39
N GLN F 43 -1.67 -36.25 8.98
CA GLN F 43 -1.53 -37.34 9.94
C GLN F 43 -0.15 -37.33 10.58
N PHE F 44 0.89 -37.04 9.81
CA PHE F 44 2.25 -37.00 10.30
C PHE F 44 2.72 -35.58 10.60
N ARG F 45 1.78 -34.66 10.84
CA ARG F 45 2.16 -33.29 11.20
C ARG F 45 2.87 -33.25 12.54
N SER F 46 2.58 -34.20 13.43
CA SER F 46 3.21 -34.25 14.73
C SER F 46 4.70 -34.60 14.64
N LEU F 47 5.13 -35.20 13.54
CA LEU F 47 6.53 -35.56 13.36
C LEU F 47 7.40 -34.38 12.96
N GLU F 48 6.81 -33.20 12.73
CA GLU F 48 7.59 -32.06 12.28
C GLU F 48 8.71 -31.66 13.24
N PRO F 49 8.50 -31.55 14.56
CA PRO F 49 9.63 -31.23 15.43
C PRO F 49 10.72 -32.30 15.42
N VAL F 50 10.34 -33.57 15.26
CA VAL F 50 11.34 -34.63 15.19
C VAL F 50 12.11 -34.54 13.89
N VAL F 51 11.43 -34.20 12.79
CA VAL F 51 12.11 -34.06 11.50
C VAL F 51 13.08 -32.88 11.54
N ARG F 52 12.67 -31.77 12.15
CA ARG F 52 13.53 -30.61 12.23
C ARG F 52 14.77 -30.89 13.08
N GLU F 53 14.62 -31.67 14.14
CA GLU F 53 15.76 -32.01 14.99
C GLU F 53 16.79 -32.81 14.23
N ARG F 54 16.35 -33.79 13.42
CA ARG F 54 17.30 -34.63 12.71
C ARG F 54 17.99 -33.86 11.59
N ILE F 55 17.26 -32.98 10.90
CA ILE F 55 17.84 -32.26 9.77
C ILE F 55 18.77 -31.17 10.24
N ARG F 56 18.38 -30.41 11.26
CA ARG F 56 19.20 -29.29 11.72
C ARG F 56 20.54 -29.77 12.26
N SER F 57 20.55 -30.93 12.93
CA SER F 57 21.79 -31.45 13.48
C SER F 57 22.76 -31.88 12.37
N ARG F 58 22.23 -32.44 11.29
CA ARG F 58 23.10 -32.99 10.26
C ARG F 58 23.56 -31.94 9.26
N LEU F 59 22.75 -30.90 9.02
CA LEU F 59 23.04 -29.88 8.04
C LEU F 59 23.38 -28.57 8.74
N THR F 60 24.52 -28.00 8.39
CA THR F 60 24.94 -26.77 9.04
C THR F 60 24.35 -25.53 8.35
N ARG F 61 24.22 -25.57 7.03
CA ARG F 61 23.83 -24.39 6.29
C ARG F 61 23.10 -24.82 5.02
N GLY F 62 22.32 -23.90 4.48
CA GLY F 62 21.61 -24.12 3.23
C GLY F 62 20.11 -24.07 3.42
N LYS F 63 19.43 -23.81 2.30
CA LYS F 63 17.97 -23.79 2.26
C LYS F 63 17.49 -25.16 1.78
N VAL F 64 16.86 -25.91 2.67
CA VAL F 64 16.44 -27.27 2.40
C VAL F 64 14.91 -27.35 2.51
N GLU F 65 14.31 -28.08 1.57
CA GLU F 65 12.87 -28.37 1.60
C GLU F 65 12.69 -29.89 1.59
N CYS F 66 11.92 -30.39 2.55
CA CYS F 66 11.68 -31.82 2.70
C CYS F 66 10.19 -32.08 2.59
N THR F 67 9.79 -32.96 1.67
CA THR F 67 8.40 -33.28 1.42
C THR F 67 8.15 -34.75 1.71
N LEU F 68 7.07 -35.04 2.41
CA LEU F 68 6.65 -36.41 2.70
C LEU F 68 5.24 -36.62 2.18
N ARG F 69 5.04 -37.68 1.41
CA ARG F 69 3.74 -38.02 0.83
C ARG F 69 3.41 -39.46 1.17
N TYR F 70 2.24 -39.67 1.78
CA TYR F 70 1.81 -40.98 2.25
C TYR F 70 0.61 -41.45 1.44
N GLU F 71 0.68 -42.68 0.94
CA GLU F 71 -0.39 -43.27 0.14
C GLU F 71 -0.92 -44.50 0.86
N PRO F 72 -2.07 -44.41 1.55
CA PRO F 72 -2.60 -45.57 2.25
C PRO F 72 -3.25 -46.55 1.29
N ASP F 73 -2.98 -47.84 1.52
CA ASP F 73 -3.66 -48.88 0.77
C ASP F 73 -5.17 -48.79 1.00
N VAL F 74 -5.95 -49.01 -0.06
CA VAL F 74 -7.39 -48.81 0.03
C VAL F 74 -8.01 -49.79 1.02
N SER F 75 -7.42 -50.97 1.19
CA SER F 75 -7.94 -51.93 2.15
C SER F 75 -7.41 -51.66 3.56
N ALA F 76 -6.14 -51.32 3.69
CA ALA F 76 -5.57 -51.00 4.99
C ALA F 76 -6.05 -49.63 5.45
N GLN F 77 -6.04 -49.42 6.77
CA GLN F 77 -6.54 -48.19 7.38
C GLN F 77 -7.94 -47.87 6.89
N GLY F 78 -8.77 -48.90 6.78
CA GLY F 78 -10.13 -48.72 6.29
C GLY F 78 -11.10 -49.72 6.89
N GLU F 79 -12.04 -49.22 7.70
CA GLU F 79 -13.05 -50.07 8.31
C GLU F 79 -14.23 -49.19 8.73
N LEU F 80 -15.44 -49.67 8.46
CA LEU F 80 -16.65 -48.90 8.71
C LEU F 80 -17.26 -49.31 10.05
N ILE F 81 -17.68 -48.30 10.81
CA ILE F 81 -18.39 -48.50 12.07
C ILE F 81 -19.82 -48.03 11.87
N LEU F 82 -20.78 -48.93 12.02
CA LEU F 82 -22.19 -48.65 11.81
C LEU F 82 -22.89 -48.58 13.16
N ASN F 83 -23.44 -47.40 13.48
CA ASN F 83 -24.21 -47.23 14.72
C ASN F 83 -25.54 -47.95 14.55
N GLU F 84 -25.65 -49.16 15.10
CA GLU F 84 -26.85 -49.96 14.90
C GLU F 84 -28.05 -49.36 15.63
N LYS F 85 -27.82 -48.78 16.81
CA LYS F 85 -28.93 -48.23 17.58
C LYS F 85 -29.51 -46.99 16.89
N LEU F 86 -28.64 -46.09 16.42
CA LEU F 86 -29.13 -44.88 15.77
C LEU F 86 -29.81 -45.19 14.44
N ALA F 87 -29.30 -46.18 13.71
CA ALA F 87 -29.95 -46.57 12.46
C ALA F 87 -31.33 -47.13 12.72
N LYS F 88 -31.48 -47.95 13.77
CA LYS F 88 -32.79 -48.48 14.12
C LYS F 88 -33.72 -47.36 14.59
N GLN F 89 -33.17 -46.35 15.26
CA GLN F 89 -33.98 -45.22 15.68
C GLN F 89 -34.53 -44.45 14.48
N LEU F 90 -33.72 -44.28 13.45
CA LEU F 90 -34.17 -43.53 12.27
C LEU F 90 -35.17 -44.34 11.46
N VAL F 91 -35.00 -45.66 11.40
CA VAL F 91 -35.93 -46.49 10.64
C VAL F 91 -37.30 -46.51 11.30
N THR F 92 -37.35 -46.63 12.63
CA THR F 92 -38.63 -46.59 13.33
C THR F 92 -39.27 -45.21 13.24
N ALA F 93 -38.46 -44.14 13.25
CA ALA F 93 -39.01 -42.80 13.06
C ALA F 93 -39.55 -42.63 11.65
N ALA F 94 -38.86 -43.19 10.66
CA ALA F 94 -39.37 -43.11 9.28
C ALA F 94 -40.61 -43.96 9.10
N ASN F 95 -40.70 -45.08 9.82
CA ASN F 95 -41.92 -45.89 9.75
C ASN F 95 -43.13 -45.13 10.26
N TRP F 96 -42.94 -44.30 11.29
CA TRP F 96 -44.03 -43.47 11.78
C TRP F 96 -44.47 -42.46 10.72
N VAL F 97 -43.53 -41.89 9.97
CA VAL F 97 -43.87 -40.97 8.91
C VAL F 97 -44.60 -41.71 7.78
N LYS F 98 -44.19 -42.94 7.50
CA LYS F 98 -44.84 -43.71 6.44
C LYS F 98 -46.29 -44.04 6.81
N MET F 99 -46.62 -44.07 8.11
CA MET F 99 -48.00 -44.30 8.51
C MET F 99 -48.86 -43.06 8.24
N GLN F 100 -48.35 -41.89 8.60
CA GLN F 100 -49.10 -40.66 8.36
C GLN F 100 -49.28 -40.40 6.87
N SER F 101 -48.22 -40.62 6.09
CA SER F 101 -48.30 -40.44 4.64
C SER F 101 -48.97 -41.61 3.93
N ASP F 102 -49.04 -42.78 4.57
CA ASP F 102 -49.57 -44.01 3.99
C ASP F 102 -48.84 -44.40 2.70
N GLU F 103 -47.61 -43.94 2.53
CA GLU F 103 -46.81 -44.26 1.34
C GLU F 103 -45.37 -43.93 1.65
N GLY F 104 -44.48 -44.34 0.74
CA GLY F 104 -43.06 -44.06 0.86
C GLY F 104 -42.24 -45.34 0.97
N GLU F 105 -40.94 -45.15 0.80
CA GLU F 105 -39.98 -46.25 0.88
C GLU F 105 -38.67 -45.71 1.43
N ILE F 106 -38.16 -46.37 2.47
CA ILE F 106 -36.93 -45.93 3.13
C ILE F 106 -35.75 -46.26 2.23
N ASN F 107 -34.96 -45.24 1.88
CA ASN F 107 -33.74 -45.44 1.10
C ASN F 107 -32.60 -45.79 2.05
N PRO F 108 -31.92 -46.93 1.85
CA PRO F 108 -30.85 -47.30 2.78
C PRO F 108 -29.68 -46.33 2.78
N VAL F 109 -29.22 -45.90 1.62
CA VAL F 109 -28.05 -45.02 1.56
C VAL F 109 -28.35 -43.67 2.19
N ASP F 110 -29.62 -43.25 2.19
CA ASP F 110 -29.99 -42.02 2.88
C ASP F 110 -29.85 -42.16 4.39
N ILE F 111 -30.09 -43.36 4.92
CA ILE F 111 -29.88 -43.59 6.35
C ILE F 111 -28.39 -43.55 6.68
N LEU F 112 -27.55 -44.09 5.79
CA LEU F 112 -26.11 -44.07 6.02
C LEU F 112 -25.57 -42.65 5.98
N ARG F 113 -26.11 -41.80 5.10
CA ARG F 113 -25.62 -40.44 5.00
C ARG F 113 -26.04 -39.57 6.18
N TRP F 114 -26.92 -40.06 7.04
CA TRP F 114 -27.24 -39.34 8.26
C TRP F 114 -25.98 -39.20 9.11
N PRO F 115 -25.74 -38.02 9.70
CA PRO F 115 -24.42 -37.77 10.32
C PRO F 115 -23.92 -38.81 11.30
N GLY F 116 -24.73 -39.18 12.29
CA GLY F 116 -24.25 -40.06 13.33
C GLY F 116 -24.24 -41.54 13.00
N VAL F 117 -24.73 -41.92 11.82
CA VAL F 117 -24.89 -43.33 11.50
C VAL F 117 -23.55 -43.96 11.13
N MET F 118 -22.82 -43.34 10.20
CA MET F 118 -21.60 -43.92 9.68
C MET F 118 -20.37 -43.21 10.25
N ALA F 119 -19.36 -43.99 10.58
CA ALA F 119 -18.12 -43.45 11.11
C ALA F 119 -16.98 -44.40 10.80
N ALA F 120 -15.77 -43.86 10.78
CA ALA F 120 -14.57 -44.62 10.44
C ALA F 120 -13.66 -44.74 11.66
N GLN F 121 -13.10 -45.92 11.87
CA GLN F 121 -12.24 -46.18 13.00
C GLN F 121 -10.82 -45.64 12.74
N GLU F 122 -10.14 -45.26 13.81
CA GLU F 122 -8.78 -44.75 13.75
C GLU F 122 -7.79 -45.88 14.00
N GLN F 123 -6.97 -46.18 12.99
CA GLN F 123 -5.93 -47.18 13.14
C GLN F 123 -4.71 -46.58 13.84
N ASP F 124 -3.90 -47.46 14.42
CA ASP F 124 -2.72 -47.04 15.15
C ASP F 124 -1.58 -46.81 14.16
N LEU F 125 -1.19 -45.54 14.00
CA LEU F 125 -0.12 -45.17 13.08
C LEU F 125 1.25 -45.16 13.75
N ASP F 126 1.36 -45.68 14.97
CA ASP F 126 2.63 -45.61 15.70
C ASP F 126 3.68 -46.49 15.05
N ALA F 127 3.32 -47.73 14.71
CA ALA F 127 4.29 -48.63 14.09
C ALA F 127 4.69 -48.14 12.71
N ILE F 128 3.77 -47.52 11.97
CA ILE F 128 4.10 -46.97 10.66
C ILE F 128 4.99 -45.74 10.83
N ALA F 129 4.67 -44.85 11.76
CA ALA F 129 5.41 -43.61 11.93
C ALA F 129 6.88 -43.88 12.25
N ALA F 130 7.14 -44.91 13.06
CA ALA F 130 8.53 -45.27 13.36
C ALA F 130 9.26 -45.71 12.11
N GLU F 131 8.57 -46.40 11.20
CA GLU F 131 9.18 -46.82 9.95
C GLU F 131 9.33 -45.65 8.98
N ILE F 132 8.39 -44.70 9.01
CA ILE F 132 8.53 -43.50 8.19
C ILE F 132 9.70 -42.65 8.69
N LEU F 133 9.89 -42.61 10.01
CA LEU F 133 10.96 -41.81 10.57
C LEU F 133 12.32 -42.42 10.27
N ALA F 134 12.41 -43.75 10.25
CA ALA F 134 13.68 -44.40 9.91
C ALA F 134 14.04 -44.17 8.44
N ALA F 135 13.04 -44.07 7.57
CA ALA F 135 13.33 -43.80 6.17
C ALA F 135 13.88 -42.38 5.98
N LEU F 136 13.50 -41.45 6.85
CA LEU F 136 14.04 -40.10 6.77
C LEU F 136 15.53 -40.09 7.06
N ASP F 137 15.97 -40.91 8.01
CA ASP F 137 17.40 -41.03 8.30
C ASP F 137 18.16 -41.55 7.09
N GLY F 138 17.60 -42.53 6.39
CA GLY F 138 18.23 -43.02 5.18
C GLY F 138 18.26 -41.99 4.08
N THR F 139 17.24 -41.14 3.99
CA THR F 139 17.24 -40.09 2.99
C THR F 139 18.31 -39.05 3.31
N LEU F 140 18.53 -38.76 4.59
CA LEU F 140 19.60 -37.84 4.98
C LEU F 140 20.97 -38.41 4.65
N ASP F 141 21.15 -39.72 4.81
CA ASP F 141 22.42 -40.33 4.45
C ASP F 141 22.67 -40.23 2.94
N ASP F 142 21.64 -40.51 2.14
CA ASP F 142 21.78 -40.33 0.69
C ASP F 142 21.94 -38.87 0.32
N PHE F 143 21.43 -37.96 1.16
CA PHE F 143 21.51 -36.54 0.85
C PHE F 143 22.91 -35.98 1.12
N ILE F 144 23.54 -36.39 2.22
CA ILE F 144 24.84 -35.83 2.57
C ILE F 144 25.94 -36.39 1.69
N VAL F 145 25.79 -37.62 1.20
CA VAL F 145 26.80 -38.19 0.32
C VAL F 145 26.72 -37.55 -1.07
N ALA F 146 25.52 -37.16 -1.51
CA ALA F 146 25.41 -36.42 -2.76
C ALA F 146 26.00 -35.02 -2.61
N ARG F 147 25.91 -34.43 -1.43
CA ARG F 147 26.59 -33.16 -1.17
C ARG F 147 28.10 -33.33 -1.26
N GLU F 148 28.64 -34.40 -0.65
CA GLU F 148 30.07 -34.61 -0.65
C GLU F 148 30.60 -34.93 -2.04
N THR F 149 29.78 -35.58 -2.87
CA THR F 149 30.22 -35.90 -4.23
C THR F 149 30.37 -34.65 -5.07
N GLU F 150 29.39 -33.75 -5.01
CA GLU F 150 29.50 -32.49 -5.74
C GLU F 150 30.53 -31.57 -5.09
N GLY F 151 30.69 -31.65 -3.76
CA GLY F 151 31.68 -30.84 -3.10
C GLY F 151 33.10 -31.18 -3.49
N GLN F 152 33.37 -32.45 -3.76
CA GLN F 152 34.72 -32.84 -4.20
C GLN F 152 35.07 -32.26 -5.55
N ALA F 153 34.08 -32.09 -6.43
CA ALA F 153 34.34 -31.44 -7.71
C ALA F 153 34.67 -29.97 -7.52
N LEU F 154 33.96 -29.30 -6.60
CA LEU F 154 34.25 -27.90 -6.33
C LEU F 154 35.63 -27.74 -5.69
N LYS F 155 36.03 -28.71 -4.86
CA LYS F 155 37.35 -28.66 -4.23
C LYS F 155 38.45 -28.75 -5.27
N ALA F 156 38.25 -29.56 -6.31
CA ALA F 156 39.27 -29.70 -7.35
C ALA F 156 39.37 -28.42 -8.18
N LEU F 157 38.25 -27.77 -8.45
CA LEU F 157 38.27 -26.53 -9.23
C LEU F 157 38.98 -25.41 -8.48
N ILE F 158 38.78 -25.33 -7.16
CA ILE F 158 39.44 -24.31 -6.37
C ILE F 158 40.93 -24.60 -6.23
N GLU F 159 41.27 -25.87 -5.98
CA GLU F 159 42.69 -26.24 -5.90
C GLU F 159 43.38 -26.03 -7.24
N GLN F 160 42.69 -26.28 -8.35
CA GLN F 160 43.29 -26.07 -9.66
C GLN F 160 43.64 -24.61 -9.87
N ARG F 161 42.79 -23.70 -9.40
CA ARG F 161 43.03 -22.28 -9.57
C ARG F 161 43.98 -21.71 -8.50
N LEU F 162 44.06 -22.36 -7.33
CA LEU F 162 45.09 -21.99 -6.37
C LEU F 162 46.48 -22.26 -6.93
N GLU F 163 46.61 -23.32 -7.74
CA GLU F 163 47.88 -23.59 -8.40
C GLU F 163 48.23 -22.49 -9.39
N GLY F 164 47.23 -21.96 -10.10
CA GLY F 164 47.48 -20.85 -10.99
C GLY F 164 47.81 -19.56 -10.26
N VAL F 165 47.34 -19.42 -9.02
CA VAL F 165 47.68 -18.24 -8.23
C VAL F 165 49.15 -18.25 -7.85
N THR F 166 49.63 -19.39 -7.33
CA THR F 166 51.04 -19.50 -6.97
C THR F 166 51.93 -19.41 -8.20
N ALA F 167 51.46 -19.95 -9.34
CA ALA F 167 52.24 -19.85 -10.57
C ALA F 167 52.38 -18.40 -11.02
N GLU F 168 51.39 -17.56 -10.71
CA GLU F 168 51.49 -16.14 -11.07
C GLU F 168 52.35 -15.37 -10.08
N VAL F 169 52.41 -15.82 -8.82
CA VAL F 169 53.26 -15.14 -7.84
C VAL F 169 54.73 -15.42 -8.13
N VAL F 170 55.06 -16.64 -8.54
CA VAL F 170 56.43 -16.93 -8.94
C VAL F 170 56.79 -16.19 -10.22
N LYS F 171 55.80 -15.93 -11.08
CA LYS F 171 56.09 -15.27 -12.35
C LYS F 171 56.48 -13.81 -12.14
N VAL F 172 55.89 -13.14 -11.16
CA VAL F 172 56.25 -11.75 -10.90
C VAL F 172 57.57 -11.65 -10.16
N ARG F 173 57.96 -12.69 -9.41
CA ARG F 173 59.24 -12.65 -8.72
C ARG F 173 60.42 -12.78 -9.67
N SER F 174 60.18 -13.15 -10.94
CA SER F 174 61.24 -13.08 -11.93
C SER F 174 61.56 -11.63 -12.29
N HIS F 175 60.55 -10.76 -12.28
CA HIS F 175 60.73 -9.33 -12.50
C HIS F 175 61.12 -8.59 -11.22
N MET F 176 61.48 -9.32 -10.16
CA MET F 176 61.86 -8.68 -8.90
C MET F 176 63.01 -7.70 -9.04
N PRO F 177 64.10 -8.00 -9.76
CA PRO F 177 65.17 -6.98 -9.90
C PRO F 177 64.68 -5.69 -10.57
N GLU F 178 63.78 -5.81 -11.55
CA GLU F 178 63.21 -4.60 -12.14
C GLU F 178 62.30 -3.87 -11.17
N ILE F 179 61.68 -4.61 -10.23
CA ILE F 179 60.81 -3.98 -9.25
C ILE F 179 61.62 -3.10 -8.30
N LEU F 180 62.78 -3.59 -7.87
CA LEU F 180 63.64 -2.81 -6.97
C LEU F 180 64.11 -1.53 -7.66
N GLN F 181 64.45 -1.61 -8.94
CA GLN F 181 64.86 -0.41 -9.68
C GLN F 181 63.72 0.60 -9.75
N TRP F 182 62.52 0.13 -10.12
CA TRP F 182 61.36 1.02 -10.15
C TRP F 182 61.00 1.49 -8.74
N GLN F 183 61.28 0.68 -7.73
CA GLN F 183 60.95 1.05 -6.36
C GLN F 183 61.78 2.25 -5.90
N ARG F 184 63.10 2.17 -6.05
CA ARG F 184 63.96 3.27 -5.65
C ARG F 184 63.76 4.49 -6.55
N GLU F 185 63.47 4.27 -7.83
CA GLU F 185 63.34 5.39 -8.77
C GLU F 185 62.12 6.24 -8.43
N ARG F 186 61.02 5.62 -8.00
CA ARG F 186 59.84 6.37 -7.61
C ARG F 186 60.14 7.24 -6.38
N LEU F 187 60.94 6.73 -5.45
CA LEU F 187 61.22 7.47 -4.23
C LEU F 187 62.06 8.70 -4.51
N VAL F 188 63.06 8.59 -5.41
CA VAL F 188 63.95 9.71 -5.66
C VAL F 188 63.28 10.78 -6.50
N THR F 189 62.29 10.39 -7.32
CA THR F 189 61.59 11.39 -8.12
C THR F 189 60.72 12.30 -7.26
N LYS F 190 60.16 11.77 -6.18
CA LYS F 190 59.40 12.61 -5.25
C LYS F 190 60.32 13.56 -4.51
N LEU F 191 61.53 13.10 -4.17
CA LEU F 191 62.52 14.01 -3.59
C LEU F 191 62.91 15.10 -4.58
N GLU F 192 62.98 14.74 -5.86
CA GLU F 192 63.31 15.73 -6.89
C GLU F 192 62.24 16.81 -6.98
N ASP F 193 60.97 16.43 -6.85
CA ASP F 193 59.88 17.39 -6.96
C ASP F 193 59.97 18.46 -5.89
N ALA F 194 60.39 18.08 -4.68
CA ALA F 194 60.52 19.03 -3.58
C ALA F 194 61.68 19.99 -3.80
N GLN F 205 56.43 21.43 5.16
CA GLN F 205 55.71 21.52 3.89
C GLN F 205 54.82 20.30 3.66
N GLU F 206 54.55 19.56 4.74
CA GLU F 206 53.71 18.36 4.69
C GLU F 206 54.23 17.36 3.65
N LEU F 207 55.54 17.13 3.69
CA LEU F 207 56.18 16.19 2.76
C LEU F 207 56.18 14.82 3.39
N VAL F 208 55.04 14.13 3.26
CA VAL F 208 54.86 12.80 3.84
C VAL F 208 55.27 11.74 2.82
N LEU F 209 56.51 11.82 2.34
CA LEU F 209 57.04 10.76 1.50
C LEU F 209 57.09 9.43 2.24
N LEU F 210 57.15 9.48 3.57
CA LEU F 210 57.11 8.27 4.37
C LEU F 210 55.79 7.52 4.18
N ALA F 211 54.70 8.26 3.97
CA ALA F 211 53.38 7.63 3.91
C ALA F 211 53.24 6.71 2.69
N GLN F 212 53.99 6.99 1.63
CA GLN F 212 53.91 6.18 0.42
C GLN F 212 54.39 4.77 0.69
N ARG F 213 53.54 3.79 0.38
CA ARG F 213 53.86 2.38 0.53
C ARG F 213 54.05 1.79 -0.86
N ILE F 214 55.30 1.50 -1.21
CA ILE F 214 55.65 1.00 -2.53
C ILE F 214 56.18 -0.43 -2.48
N ASP F 215 56.34 -0.99 -1.29
CA ASP F 215 56.86 -2.35 -1.16
C ASP F 215 55.83 -3.34 -1.69
N VAL F 216 56.27 -4.21 -2.60
CA VAL F 216 55.43 -5.26 -3.16
C VAL F 216 55.85 -6.65 -2.70
N ALA F 217 57.04 -6.80 -2.13
CA ALA F 217 57.49 -8.12 -1.68
C ALA F 217 56.65 -8.60 -0.50
N GLU F 218 56.28 -7.70 0.41
CA GLU F 218 55.43 -8.09 1.52
C GLU F 218 54.04 -8.47 1.05
N GLU F 219 53.54 -7.78 0.02
CA GLU F 219 52.22 -8.12 -0.51
C GLU F 219 52.22 -9.51 -1.14
N LEU F 220 53.29 -9.86 -1.85
CA LEU F 220 53.41 -11.20 -2.41
C LEU F 220 53.60 -12.23 -1.31
N ASP F 221 54.43 -11.92 -0.31
CA ASP F 221 54.62 -12.84 0.80
C ASP F 221 53.32 -13.01 1.59
N ARG F 222 52.57 -11.93 1.79
CA ARG F 222 51.31 -12.03 2.50
C ARG F 222 50.28 -12.82 1.70
N LEU F 223 50.27 -12.62 0.37
CA LEU F 223 49.35 -13.37 -0.48
C LEU F 223 49.74 -14.84 -0.55
N GLU F 224 51.04 -15.14 -0.58
CA GLU F 224 51.49 -16.51 -0.68
C GLU F 224 51.10 -17.32 0.56
N ALA F 225 51.04 -16.66 1.72
CA ALA F 225 50.63 -17.35 2.94
C ALA F 225 49.13 -17.64 2.94
N HIS F 226 48.34 -16.79 2.28
CA HIS F 226 46.90 -17.02 2.21
C HIS F 226 46.57 -18.26 1.38
N VAL F 227 47.37 -18.54 0.35
CA VAL F 227 47.17 -19.74 -0.46
C VAL F 227 47.45 -20.99 0.38
N LYS F 228 48.55 -20.97 1.13
CA LYS F 228 48.88 -22.09 2.00
C LYS F 228 47.82 -22.29 3.07
N GLU F 229 47.24 -21.19 3.56
CA GLU F 229 46.16 -21.28 4.53
C GLU F 229 44.86 -21.78 3.87
N THR F 230 44.64 -21.42 2.60
CA THR F 230 43.43 -21.85 1.91
C THR F 230 43.39 -23.36 1.75
N TYR F 231 44.54 -23.97 1.45
CA TYR F 231 44.60 -25.44 1.40
C TYR F 231 44.26 -26.05 2.75
N ASN F 232 44.75 -25.42 3.84
CA ASN F 232 44.44 -25.91 5.17
C ASN F 232 42.97 -25.77 5.50
N ILE F 233 42.31 -24.72 5.00
CA ILE F 233 40.89 -24.53 5.25
C ILE F 233 40.08 -25.61 4.54
N LEU F 234 40.50 -26.00 3.33
CA LEU F 234 39.79 -27.03 2.59
C LEU F 234 39.86 -28.39 3.28
N LYS F 235 40.85 -28.62 4.13
CA LYS F 235 40.96 -29.90 4.84
C LYS F 235 40.11 -29.95 6.10
N LYS F 236 39.50 -28.83 6.50
CA LYS F 236 38.70 -28.80 7.72
C LYS F 236 37.44 -29.65 7.56
N LYS F 237 36.99 -30.21 8.69
CA LYS F 237 35.79 -31.03 8.68
C LYS F 237 34.52 -30.21 8.84
N GLU F 238 34.58 -29.10 9.56
CA GLU F 238 33.41 -28.26 9.76
C GLU F 238 33.11 -27.46 8.50
N ALA F 239 32.09 -26.61 8.58
CA ALA F 239 31.69 -25.79 7.45
C ALA F 239 32.77 -24.77 7.12
N VAL F 240 33.10 -24.64 5.83
CA VAL F 240 34.16 -23.76 5.37
C VAL F 240 33.68 -22.76 4.33
N GLY F 241 32.38 -22.73 4.03
CA GLY F 241 31.89 -21.87 2.96
C GLY F 241 32.10 -20.39 3.26
N ARG F 242 31.68 -19.95 4.45
CA ARG F 242 31.80 -18.54 4.79
C ARG F 242 33.25 -18.15 5.01
N ARG F 243 34.06 -19.05 5.58
CA ARG F 243 35.46 -18.73 5.84
C ARG F 243 36.23 -18.54 4.54
N LEU F 244 35.95 -19.36 3.53
CA LEU F 244 36.63 -19.21 2.25
C LEU F 244 36.23 -17.91 1.56
N ASP F 245 34.96 -17.51 1.70
CA ASP F 245 34.52 -16.24 1.13
C ASP F 245 35.25 -15.07 1.76
N PHE F 246 35.41 -15.09 3.08
CA PHE F 246 36.21 -14.06 3.74
C PHE F 246 37.66 -14.12 3.30
N MET F 247 38.17 -15.33 3.01
CA MET F 247 39.55 -15.47 2.56
C MET F 247 39.74 -14.84 1.18
N MET F 248 38.74 -14.97 0.30
CA MET F 248 38.85 -14.37 -1.03
C MET F 248 38.90 -12.85 -0.97
N GLN F 249 38.23 -12.25 0.02
CA GLN F 249 38.33 -10.80 0.18
C GLN F 249 39.76 -10.37 0.49
N GLU F 250 40.53 -11.24 1.16
CA GLU F 250 41.92 -10.92 1.43
C GLU F 250 42.79 -11.20 0.21
N PHE F 251 42.45 -12.23 -0.57
CA PHE F 251 43.07 -12.41 -1.87
C PHE F 251 42.89 -11.17 -2.73
N ASN F 252 41.70 -10.55 -2.66
CA ASN F 252 41.43 -9.36 -3.46
C ASN F 252 42.19 -8.15 -2.94
N ARG F 253 42.36 -8.05 -1.62
CA ARG F 253 43.11 -6.94 -1.04
C ARG F 253 44.52 -6.90 -1.58
N GLU F 254 45.23 -8.03 -1.53
CA GLU F 254 46.61 -8.05 -2.00
C GLU F 254 46.69 -7.86 -3.51
N SER F 255 45.68 -8.32 -4.24
CA SER F 255 45.65 -8.08 -5.68
C SER F 255 45.39 -6.61 -5.98
N ASN F 256 44.57 -5.94 -5.16
CA ASN F 256 44.28 -4.52 -5.39
C ASN F 256 45.50 -3.66 -5.12
N THR F 257 46.29 -4.00 -4.10
CA THR F 257 47.52 -3.25 -3.83
C THR F 257 48.54 -3.48 -4.94
N LEU F 258 48.73 -4.73 -5.35
CA LEU F 258 49.59 -5.01 -6.50
C LEU F 258 49.06 -4.36 -7.77
N ALA F 259 47.74 -4.15 -7.84
CA ALA F 259 47.15 -3.54 -9.02
C ALA F 259 47.55 -2.08 -9.16
N SER F 260 47.64 -1.36 -8.04
CA SER F 260 47.95 0.07 -8.09
C SER F 260 49.32 0.33 -8.67
N LYS F 261 50.28 -0.56 -8.39
CA LYS F 261 51.66 -0.36 -8.82
C LYS F 261 51.81 -0.71 -10.29
N SER F 262 52.12 0.28 -11.12
CA SER F 262 52.40 0.08 -12.53
C SER F 262 53.92 -0.01 -12.71
N ILE F 263 54.41 -1.22 -12.96
CA ILE F 263 55.84 -1.47 -13.08
C ILE F 263 56.23 -1.84 -14.53
N ASN F 264 55.74 -2.97 -15.02
CA ASN F 264 55.93 -3.35 -16.42
C ASN F 264 54.69 -4.10 -16.89
N ALA F 265 54.69 -4.46 -18.18
CA ALA F 265 53.51 -5.09 -18.75
C ALA F 265 53.30 -6.50 -18.18
N GLU F 266 54.39 -7.22 -17.89
CA GLU F 266 54.24 -8.58 -17.38
C GLU F 266 53.71 -8.59 -15.96
N VAL F 267 54.08 -7.61 -15.14
CA VAL F 267 53.57 -7.54 -13.77
C VAL F 267 52.09 -7.20 -13.76
N THR F 268 51.69 -6.20 -14.55
CA THR F 268 50.29 -5.81 -14.60
C THR F 268 49.41 -6.92 -15.16
N ASN F 269 49.90 -7.62 -16.18
CA ASN F 269 49.13 -8.73 -16.74
C ASN F 269 48.96 -9.86 -15.72
N SER F 270 49.97 -10.08 -14.89
CA SER F 270 49.87 -11.11 -13.87
C SER F 270 48.88 -10.72 -12.79
N ALA F 271 48.82 -9.43 -12.45
CA ALA F 271 47.84 -8.97 -11.47
C ALA F 271 46.43 -9.11 -11.99
N ILE F 272 46.23 -8.87 -13.30
CA ILE F 272 44.91 -9.06 -13.90
C ILE F 272 44.51 -10.53 -13.84
N GLU F 273 45.45 -11.42 -14.15
CA GLU F 273 45.15 -12.86 -14.11
C GLU F 273 44.82 -13.31 -12.69
N LEU F 274 45.49 -12.72 -11.69
CA LEU F 274 45.21 -13.09 -10.30
C LEU F 274 43.78 -12.75 -9.92
N LYS F 275 43.29 -11.56 -10.31
CA LYS F 275 41.94 -11.18 -9.96
C LYS F 275 40.91 -12.04 -10.68
N VAL F 276 41.22 -12.49 -11.89
CA VAL F 276 40.31 -13.38 -12.60
C VAL F 276 40.21 -14.72 -11.89
N LEU F 277 41.35 -15.23 -11.40
CA LEU F 277 41.33 -16.50 -10.68
C LEU F 277 40.54 -16.39 -9.38
N ILE F 278 40.64 -15.25 -8.70
CA ILE F 278 39.93 -15.07 -7.44
C ILE F 278 38.43 -15.04 -7.68
N GLU F 279 37.99 -14.35 -8.73
CA GLU F 279 36.57 -14.31 -9.06
C GLU F 279 36.05 -15.69 -9.45
N GLN F 280 36.86 -16.47 -10.16
CA GLN F 280 36.46 -17.82 -10.51
C GLN F 280 36.39 -18.71 -9.28
N MET F 281 37.32 -18.53 -8.32
CA MET F 281 37.24 -19.27 -7.07
C MET F 281 36.04 -18.82 -6.24
N ARG F 282 35.79 -17.51 -6.20
CA ARG F 282 34.69 -16.99 -5.40
C ARG F 282 33.33 -17.46 -5.93
N GLU F 283 33.25 -17.74 -7.24
CA GLU F 283 32.00 -18.23 -7.79
C GLU F 283 31.72 -19.67 -7.35
N GLN F 284 32.77 -20.48 -7.23
CA GLN F 284 32.61 -21.86 -6.76
C GLN F 284 32.38 -21.93 -5.26
N ILE F 285 32.90 -20.97 -4.50
CA ILE F 285 32.77 -20.99 -3.05
C ILE F 285 31.34 -20.72 -2.63
N GLN F 286 30.58 -19.98 -3.44
CA GLN F 286 29.17 -19.76 -3.13
C GLN F 286 28.39 -21.06 -3.08
N ASN F 287 28.86 -22.10 -3.80
CA ASN F 287 28.21 -23.40 -3.76
C ASN F 287 28.67 -24.26 -2.59
N ILE F 288 29.67 -23.82 -1.83
CA ILE F 288 30.21 -24.59 -0.72
C ILE F 288 29.48 -24.23 0.56
N GLU F 289 29.17 -25.25 1.37
CA GLU F 289 28.51 -25.02 2.66
C GLU F 289 29.47 -24.34 3.64
S SO4 G . -2.50 4.60 -15.02
O1 SO4 G . -3.09 3.70 -14.03
O2 SO4 G . -2.03 5.82 -14.35
O3 SO4 G . -1.36 3.94 -15.67
O4 SO4 G . -3.49 4.95 -16.02
S SO4 H . -14.67 9.57 -6.68
O1 SO4 H . -14.88 8.96 -5.37
O2 SO4 H . -13.78 10.71 -6.55
O3 SO4 H . -14.07 8.58 -7.57
O4 SO4 H . -15.95 10.00 -7.23
S SO4 I . -5.70 36.35 -2.50
O1 SO4 I . -6.17 35.61 -1.33
O2 SO4 I . -4.29 36.05 -2.72
O3 SO4 I . -5.87 37.78 -2.26
O4 SO4 I . -6.48 35.97 -3.67
S SO4 J . -2.57 32.66 -5.84
O1 SO4 J . -3.66 31.98 -5.14
O2 SO4 J . -1.47 32.92 -4.92
O3 SO4 J . -2.10 31.82 -6.94
O4 SO4 J . -3.06 33.93 -6.38
S SO4 K . -10.64 13.41 -30.02
O1 SO4 K . -10.72 12.37 -28.98
O2 SO4 K . -9.72 14.44 -29.59
O3 SO4 K . -10.16 12.79 -31.26
O4 SO4 K . -11.97 13.98 -30.24
S SO4 L . 3.95 20.95 -6.74
O1 SO4 L . 3.08 20.48 -5.67
O2 SO4 L . 5.04 21.74 -6.17
O3 SO4 L . 4.49 19.81 -7.47
O4 SO4 L . 3.17 21.78 -7.66
S SO4 M . -3.77 37.90 4.06
O1 SO4 M . -4.48 38.86 4.91
O2 SO4 M . -2.37 37.84 4.47
O3 SO4 M . -3.86 38.33 2.67
O4 SO4 M . -4.38 36.59 4.21
S SO4 N . -31.46 27.79 -4.84
O1 SO4 N . -32.12 27.52 -3.57
O2 SO4 N . -30.02 27.65 -4.68
O3 SO4 N . -31.92 26.83 -5.84
O4 SO4 N . -31.77 29.14 -5.28
S SO4 O . -2.53 -11.02 13.01
O1 SO4 O . -3.51 -12.09 13.11
O2 SO4 O . -1.60 -11.10 14.14
O3 SO4 O . -1.79 -11.13 11.77
O4 SO4 O . -3.22 -9.72 13.05
S SO4 P . 26.17 -6.65 7.78
O1 SO4 P . 25.02 -7.08 8.56
O2 SO4 P . 27.35 -7.41 8.17
O3 SO4 P . 25.89 -6.88 6.35
O4 SO4 P . 26.42 -5.23 7.99
S SO4 Q . 30.88 -9.29 5.01
O1 SO4 Q . 29.96 -9.91 5.95
O2 SO4 Q . 32.24 -9.34 5.56
O3 SO4 Q . 30.86 -10.01 3.74
O4 SO4 Q . 30.51 -7.90 4.79
S SO4 R . 33.30 -7.66 -1.53
O1 SO4 R . 33.49 -8.50 -0.34
O2 SO4 R . 33.20 -6.27 -1.11
O3 SO4 R . 34.44 -7.82 -2.42
O4 SO4 R . 32.08 -8.06 -2.21
#